data_2AWF
# 
_entry.id   2AWF 
# 
_audit_conform.dict_name       mmcif_pdbx.dic 
_audit_conform.dict_version    5.376 
_audit_conform.dict_location   http://mmcif.pdb.org/dictionaries/ascii/mmcif_pdbx.dic 
# 
loop_
_database_2.database_id 
_database_2.database_code 
_database_2.pdbx_database_accession 
_database_2.pdbx_DOI 
PDB   2AWF         pdb_00002awf 10.2210/pdb2awf/pdb 
RCSB  RCSB034393   ?            ?                   
WWPDB D_1000034393 ?            ?                   
# 
_pdbx_database_status.status_code                     REL 
_pdbx_database_status.entry_id                        2AWF 
_pdbx_database_status.recvd_initial_deposition_date   2005-09-01 
_pdbx_database_status.deposit_site                    RCSB 
_pdbx_database_status.process_site                    RCSB 
_pdbx_database_status.status_code_sf                  REL 
_pdbx_database_status.status_code_mr                  ? 
_pdbx_database_status.SG_entry                        Y 
_pdbx_database_status.status_code_cs                  ? 
_pdbx_database_status.pdb_format_compatible           Y 
_pdbx_database_status.status_code_nmr_data            ? 
_pdbx_database_status.methods_development_category    ? 
# 
loop_
_audit_author.name 
_audit_author.pdbx_ordinal 
'Walker, J.R.'                         1  
'Avvakumov, G.V.'                      2  
'Xue, S.'                              3  
'Newman, E.M.'                         4  
'Finerty, P.'                          5  
'Mackenzie, F.'                        6  
'Weigelt, J.'                          7  
'Sundstrom, M.'                        8  
'Arrowsmith, C.'                       9  
'Edwards, A.'                          10 
'Bochkarev, A.'                        11 
'Dhe-Paganon, S.'                      12 
'Structural Genomics Consortium (SGC)' 13 
# 
_citation.id                        primary 
_citation.title                     'A human ubiquitin conjugating enzyme (E2)-HECT E3 ligase structure-function screen.' 
_citation.journal_abbrev            'Mol Cell Proteomics' 
_citation.journal_volume            11 
_citation.page_first                329 
_citation.page_last                 341 
_citation.year                      2012 
_citation.journal_id_ASTM           ? 
_citation.country                   US 
_citation.journal_id_ISSN           1535-9476 
_citation.journal_id_CSD            0353 
_citation.book_publisher            ? 
_citation.pdbx_database_id_PubMed   22496338 
_citation.pdbx_database_id_DOI      10.1074/mcp.O111.013706 
# 
loop_
_citation_author.citation_id 
_citation_author.name 
_citation_author.ordinal 
_citation_author.identifier_ORCID 
primary 'Sheng, Y.'        1  ? 
primary 'Hong, J.H.'       2  ? 
primary 'Doherty, R.'      3  ? 
primary 'Srikumar, T.'     4  ? 
primary 'Shloush, J.'      5  ? 
primary 'Avvakumov, G.V.'  6  ? 
primary 'Walker, J.R.'     7  ? 
primary 'Xue, S.'          8  ? 
primary 'Neculai, D.'      9  ? 
primary 'Wan, J.W.'        10 ? 
primary 'Kim, S.K.'        11 ? 
primary 'Arrowsmith, C.H.' 12 ? 
primary 'Raught, B.'       13 ? 
primary 'Dhe-Paganon, S.'  14 ? 
# 
_cell.entry_id           2AWF 
_cell.length_a           59.444 
_cell.length_b           59.444 
_cell.length_c           186.812 
_cell.angle_alpha        90.00 
_cell.angle_beta         90.00 
_cell.angle_gamma        120.00 
_cell.Z_PDB              12 
_cell.pdbx_unique_axis   ? 
_cell.length_a_esd       ? 
_cell.length_b_esd       ? 
_cell.length_c_esd       ? 
_cell.angle_alpha_esd    ? 
_cell.angle_beta_esd     ? 
_cell.angle_gamma_esd    ? 
# 
_symmetry.entry_id                         2AWF 
_symmetry.space_group_name_H-M             'P 61 2 2' 
_symmetry.pdbx_full_space_group_name_H-M   ? 
_symmetry.cell_setting                     ? 
_symmetry.Int_Tables_number                178 
_symmetry.space_group_name_Hall            ? 
# 
loop_
_entity.id 
_entity.type 
_entity.src_method 
_entity.pdbx_description 
_entity.formula_weight 
_entity.pdbx_number_of_molecules 
_entity.pdbx_ec 
_entity.pdbx_mutation 
_entity.pdbx_fragment 
_entity.details 
1 polymer man 'Ubiquitin-conjugating enzyme E2 G1' 19629.270 1  6.3.2.19 ? 'catalytic (UBCc) domain, residues 7-159' ? 
2 water   nat water                                18.015    53 ?        ? ?                                         ? 
# 
_entity_name_com.entity_id   1 
_entity_name_com.name        'Ubiquitin-protein ligase G1, Ubiquitin carrier protein G1, E217K, UBC7' 
# 
_entity_poly.entity_id                      1 
_entity_poly.type                           'polypeptide(L)' 
_entity_poly.nstd_linkage                   no 
_entity_poly.nstd_monomer                   no 
_entity_poly.pdbx_seq_one_letter_code       
;MGSSHHHHHHSSGLVPRGSLLLRRQLAELNKNPVEGFSAGLIDDNDLYRWEVLIIGPPDTLYEGGVFKAHLTFPKDYPLR
PPKMKFITEIWHPNVDKNGDVCISILHEPGEDKYGYEKPEERWLPIHTVETIMISVISMLADPNGDSPANVDAAKEWRED
RNGEFKRKVARC
;
_entity_poly.pdbx_seq_one_letter_code_can   
;MGSSHHHHHHSSGLVPRGSLLLRRQLAELNKNPVEGFSAGLIDDNDLYRWEVLIIGPPDTLYEGGVFKAHLTFPKDYPLR
PPKMKFITEIWHPNVDKNGDVCISILHEPGEDKYGYEKPEERWLPIHTVETIMISVISMLADPNGDSPANVDAAKEWRED
RNGEFKRKVARC
;
_entity_poly.pdbx_strand_id                 A 
_entity_poly.pdbx_target_identifier         ? 
# 
loop_
_entity_poly_seq.entity_id 
_entity_poly_seq.num 
_entity_poly_seq.mon_id 
_entity_poly_seq.hetero 
1 1   MET n 
1 2   GLY n 
1 3   SER n 
1 4   SER n 
1 5   HIS n 
1 6   HIS n 
1 7   HIS n 
1 8   HIS n 
1 9   HIS n 
1 10  HIS n 
1 11  SER n 
1 12  SER n 
1 13  GLY n 
1 14  LEU n 
1 15  VAL n 
1 16  PRO n 
1 17  ARG n 
1 18  GLY n 
1 19  SER n 
1 20  LEU n 
1 21  LEU n 
1 22  LEU n 
1 23  ARG n 
1 24  ARG n 
1 25  GLN n 
1 26  LEU n 
1 27  ALA n 
1 28  GLU n 
1 29  LEU n 
1 30  ASN n 
1 31  LYS n 
1 32  ASN n 
1 33  PRO n 
1 34  VAL n 
1 35  GLU n 
1 36  GLY n 
1 37  PHE n 
1 38  SER n 
1 39  ALA n 
1 40  GLY n 
1 41  LEU n 
1 42  ILE n 
1 43  ASP n 
1 44  ASP n 
1 45  ASN n 
1 46  ASP n 
1 47  LEU n 
1 48  TYR n 
1 49  ARG n 
1 50  TRP n 
1 51  GLU n 
1 52  VAL n 
1 53  LEU n 
1 54  ILE n 
1 55  ILE n 
1 56  GLY n 
1 57  PRO n 
1 58  PRO n 
1 59  ASP n 
1 60  THR n 
1 61  LEU n 
1 62  TYR n 
1 63  GLU n 
1 64  GLY n 
1 65  GLY n 
1 66  VAL n 
1 67  PHE n 
1 68  LYS n 
1 69  ALA n 
1 70  HIS n 
1 71  LEU n 
1 72  THR n 
1 73  PHE n 
1 74  PRO n 
1 75  LYS n 
1 76  ASP n 
1 77  TYR n 
1 78  PRO n 
1 79  LEU n 
1 80  ARG n 
1 81  PRO n 
1 82  PRO n 
1 83  LYS n 
1 84  MET n 
1 85  LYS n 
1 86  PHE n 
1 87  ILE n 
1 88  THR n 
1 89  GLU n 
1 90  ILE n 
1 91  TRP n 
1 92  HIS n 
1 93  PRO n 
1 94  ASN n 
1 95  VAL n 
1 96  ASP n 
1 97  LYS n 
1 98  ASN n 
1 99  GLY n 
1 100 ASP n 
1 101 VAL n 
1 102 CYS n 
1 103 ILE n 
1 104 SER n 
1 105 ILE n 
1 106 LEU n 
1 107 HIS n 
1 108 GLU n 
1 109 PRO n 
1 110 GLY n 
1 111 GLU n 
1 112 ASP n 
1 113 LYS n 
1 114 TYR n 
1 115 GLY n 
1 116 TYR n 
1 117 GLU n 
1 118 LYS n 
1 119 PRO n 
1 120 GLU n 
1 121 GLU n 
1 122 ARG n 
1 123 TRP n 
1 124 LEU n 
1 125 PRO n 
1 126 ILE n 
1 127 HIS n 
1 128 THR n 
1 129 VAL n 
1 130 GLU n 
1 131 THR n 
1 132 ILE n 
1 133 MET n 
1 134 ILE n 
1 135 SER n 
1 136 VAL n 
1 137 ILE n 
1 138 SER n 
1 139 MET n 
1 140 LEU n 
1 141 ALA n 
1 142 ASP n 
1 143 PRO n 
1 144 ASN n 
1 145 GLY n 
1 146 ASP n 
1 147 SER n 
1 148 PRO n 
1 149 ALA n 
1 150 ASN n 
1 151 VAL n 
1 152 ASP n 
1 153 ALA n 
1 154 ALA n 
1 155 LYS n 
1 156 GLU n 
1 157 TRP n 
1 158 ARG n 
1 159 GLU n 
1 160 ASP n 
1 161 ARG n 
1 162 ASN n 
1 163 GLY n 
1 164 GLU n 
1 165 PHE n 
1 166 LYS n 
1 167 ARG n 
1 168 LYS n 
1 169 VAL n 
1 170 ALA n 
1 171 ARG n 
1 172 CYS n 
# 
_entity_src_gen.entity_id                          1 
_entity_src_gen.pdbx_src_id                        1 
_entity_src_gen.pdbx_alt_source_flag               sample 
_entity_src_gen.pdbx_seq_type                      ? 
_entity_src_gen.pdbx_beg_seq_num                   ? 
_entity_src_gen.pdbx_end_seq_num                   ? 
_entity_src_gen.gene_src_common_name               human 
_entity_src_gen.gene_src_genus                     Homo 
_entity_src_gen.pdbx_gene_src_gene                 'UBE2G1, UBE2G' 
_entity_src_gen.gene_src_species                   ? 
_entity_src_gen.gene_src_strain                    ? 
_entity_src_gen.gene_src_tissue                    ? 
_entity_src_gen.gene_src_tissue_fraction           ? 
_entity_src_gen.gene_src_details                   ? 
_entity_src_gen.pdbx_gene_src_fragment             ? 
_entity_src_gen.pdbx_gene_src_scientific_name      'Homo sapiens' 
_entity_src_gen.pdbx_gene_src_ncbi_taxonomy_id     9606 
_entity_src_gen.pdbx_gene_src_variant              ? 
_entity_src_gen.pdbx_gene_src_cell_line            ? 
_entity_src_gen.pdbx_gene_src_atcc                 ? 
_entity_src_gen.pdbx_gene_src_organ                ? 
_entity_src_gen.pdbx_gene_src_organelle            ? 
_entity_src_gen.pdbx_gene_src_cell                 ? 
_entity_src_gen.pdbx_gene_src_cellular_location    ? 
_entity_src_gen.host_org_common_name               ? 
_entity_src_gen.pdbx_host_org_scientific_name      'Escherichia coli BL21(DE3)' 
_entity_src_gen.pdbx_host_org_ncbi_taxonomy_id     469008 
_entity_src_gen.host_org_genus                     Escherichia 
_entity_src_gen.pdbx_host_org_gene                 ? 
_entity_src_gen.pdbx_host_org_organ                ? 
_entity_src_gen.host_org_species                   'Escherichia coli' 
_entity_src_gen.pdbx_host_org_tissue               ? 
_entity_src_gen.pdbx_host_org_tissue_fraction      ? 
_entity_src_gen.pdbx_host_org_strain               'BL21(DE3)' 
_entity_src_gen.pdbx_host_org_variant              ? 
_entity_src_gen.pdbx_host_org_cell_line            ? 
_entity_src_gen.pdbx_host_org_atcc                 ? 
_entity_src_gen.pdbx_host_org_culture_collection   ? 
_entity_src_gen.pdbx_host_org_cell                 ? 
_entity_src_gen.pdbx_host_org_organelle            ? 
_entity_src_gen.pdbx_host_org_cellular_location    ? 
_entity_src_gen.pdbx_host_org_vector_type          PLASMID 
_entity_src_gen.pdbx_host_org_vector               ? 
_entity_src_gen.host_org_details                   ? 
_entity_src_gen.expression_system_id               ? 
_entity_src_gen.plasmid_name                       PET28-LIC 
_entity_src_gen.plasmid_details                    ? 
_entity_src_gen.pdbx_description                   ? 
# 
_struct_ref.id                         1 
_struct_ref.db_name                    UNP 
_struct_ref.db_code                    UB2G1_HUMAN 
_struct_ref.pdbx_db_accession          P62253 
_struct_ref.entity_id                  1 
_struct_ref.pdbx_seq_one_letter_code   
;LLLRRQLAELNKNPVEGFSAGLIDDNDLYRWEVLIIGPPDTLYEGGVFKAHLTFPKDYPLRPPKMKFITEIWHPNVDKNG
DVCISILHEPGEDKYGYEKPEERWLPIHTVETIMISVISMLADPNGDSPANVDAAKEWREDRNGEFKRKVARC
;
_struct_ref.pdbx_align_begin           7 
_struct_ref.pdbx_db_isoform            ? 
# 
_struct_ref_seq.align_id                      1 
_struct_ref_seq.ref_id                        1 
_struct_ref_seq.pdbx_PDB_id_code              2AWF 
_struct_ref_seq.pdbx_strand_id                A 
_struct_ref_seq.seq_align_beg                 20 
_struct_ref_seq.pdbx_seq_align_beg_ins_code   ? 
_struct_ref_seq.seq_align_end                 172 
_struct_ref_seq.pdbx_seq_align_end_ins_code   ? 
_struct_ref_seq.pdbx_db_accession             P62253 
_struct_ref_seq.db_align_beg                  7 
_struct_ref_seq.pdbx_db_align_beg_ins_code    ? 
_struct_ref_seq.db_align_end                  159 
_struct_ref_seq.pdbx_db_align_end_ins_code    ? 
_struct_ref_seq.pdbx_auth_seq_align_beg       8 
_struct_ref_seq.pdbx_auth_seq_align_end       160 
# 
loop_
_struct_ref_seq_dif.align_id 
_struct_ref_seq_dif.pdbx_pdb_id_code 
_struct_ref_seq_dif.mon_id 
_struct_ref_seq_dif.pdbx_pdb_strand_id 
_struct_ref_seq_dif.seq_num 
_struct_ref_seq_dif.pdbx_pdb_ins_code 
_struct_ref_seq_dif.pdbx_seq_db_name 
_struct_ref_seq_dif.pdbx_seq_db_accession_code 
_struct_ref_seq_dif.db_mon_id 
_struct_ref_seq_dif.pdbx_seq_db_seq_num 
_struct_ref_seq_dif.details 
_struct_ref_seq_dif.pdbx_auth_seq_num 
_struct_ref_seq_dif.pdbx_ordinal 
1 2AWF MET A 1  ? UNP P62253 ? ? 'cloning artifact' -11 1  
1 2AWF GLY A 2  ? UNP P62253 ? ? 'cloning artifact' -10 2  
1 2AWF SER A 3  ? UNP P62253 ? ? 'cloning artifact' -9  3  
1 2AWF SER A 4  ? UNP P62253 ? ? 'cloning artifact' -8  4  
1 2AWF HIS A 5  ? UNP P62253 ? ? 'expression tag'   -7  5  
1 2AWF HIS A 6  ? UNP P62253 ? ? 'expression tag'   -6  6  
1 2AWF HIS A 7  ? UNP P62253 ? ? 'expression tag'   -5  7  
1 2AWF HIS A 8  ? UNP P62253 ? ? 'expression tag'   -4  8  
1 2AWF HIS A 9  ? UNP P62253 ? ? 'expression tag'   -3  9  
1 2AWF HIS A 10 ? UNP P62253 ? ? 'expression tag'   -2  10 
1 2AWF SER A 11 ? UNP P62253 ? ? 'cloning artifact' -1  11 
1 2AWF SER A 12 ? UNP P62253 ? ? 'cloning artifact' 0   12 
1 2AWF GLY A 13 ? UNP P62253 ? ? 'cloning artifact' 1   13 
1 2AWF LEU A 14 ? UNP P62253 ? ? 'cloning artifact' 2   14 
1 2AWF VAL A 15 ? UNP P62253 ? ? 'cloning artifact' 3   15 
1 2AWF PRO A 16 ? UNP P62253 ? ? 'cloning artifact' 4   16 
1 2AWF ARG A 17 ? UNP P62253 ? ? 'cloning artifact' 5   17 
1 2AWF GLY A 18 ? UNP P62253 ? ? 'cloning artifact' 6   18 
1 2AWF SER A 19 ? UNP P62253 ? ? 'cloning artifact' 7   19 
# 
loop_
_chem_comp.id 
_chem_comp.type 
_chem_comp.mon_nstd_flag 
_chem_comp.name 
_chem_comp.pdbx_synonyms 
_chem_comp.formula 
_chem_comp.formula_weight 
ALA 'L-peptide linking' y ALANINE         ? 'C3 H7 N O2'     89.093  
ARG 'L-peptide linking' y ARGININE        ? 'C6 H15 N4 O2 1' 175.209 
ASN 'L-peptide linking' y ASPARAGINE      ? 'C4 H8 N2 O3'    132.118 
ASP 'L-peptide linking' y 'ASPARTIC ACID' ? 'C4 H7 N O4'     133.103 
CYS 'L-peptide linking' y CYSTEINE        ? 'C3 H7 N O2 S'   121.158 
GLN 'L-peptide linking' y GLUTAMINE       ? 'C5 H10 N2 O3'   146.144 
GLU 'L-peptide linking' y 'GLUTAMIC ACID' ? 'C5 H9 N O4'     147.129 
GLY 'peptide linking'   y GLYCINE         ? 'C2 H5 N O2'     75.067  
HIS 'L-peptide linking' y HISTIDINE       ? 'C6 H10 N3 O2 1' 156.162 
HOH non-polymer         . WATER           ? 'H2 O'           18.015  
ILE 'L-peptide linking' y ISOLEUCINE      ? 'C6 H13 N O2'    131.173 
LEU 'L-peptide linking' y LEUCINE         ? 'C6 H13 N O2'    131.173 
LYS 'L-peptide linking' y LYSINE          ? 'C6 H15 N2 O2 1' 147.195 
MET 'L-peptide linking' y METHIONINE      ? 'C5 H11 N O2 S'  149.211 
PHE 'L-peptide linking' y PHENYLALANINE   ? 'C9 H11 N O2'    165.189 
PRO 'L-peptide linking' y PROLINE         ? 'C5 H9 N O2'     115.130 
SER 'L-peptide linking' y SERINE          ? 'C3 H7 N O3'     105.093 
THR 'L-peptide linking' y THREONINE       ? 'C4 H9 N O3'     119.119 
TRP 'L-peptide linking' y TRYPTOPHAN      ? 'C11 H12 N2 O2'  204.225 
TYR 'L-peptide linking' y TYROSINE        ? 'C9 H11 N O3'    181.189 
VAL 'L-peptide linking' y VALINE          ? 'C5 H11 N O2'    117.146 
# 
_exptl.entry_id          2AWF 
_exptl.method            'X-RAY DIFFRACTION' 
_exptl.crystals_number   1 
# 
_exptl_crystal.id                    1 
_exptl_crystal.density_meas          ? 
_exptl_crystal.density_Matthews      3.48 
_exptl_crystal.density_percent_sol   64.37 
_exptl_crystal.description           ? 
_exptl_crystal.F_000                 ? 
_exptl_crystal.preparation           ? 
# 
_exptl_crystal_grow.crystal_id      1 
_exptl_crystal_grow.method          'VAPOR DIFFUSION, HANGING DROP' 
_exptl_crystal_grow.temp            298 
_exptl_crystal_grow.temp_details    ? 
_exptl_crystal_grow.pH              7.5 
_exptl_crystal_grow.pdbx_details    
'24% PEG3350, 0.2 M MgAc, 0.1 M Tris, pH 7.5, 5% glycerol, VAPOR DIFFUSION, HANGING DROP, temperature 298K' 
_exptl_crystal_grow.pdbx_pH_range   . 
# 
_diffrn.id                     1 
_diffrn.ambient_temp           100 
_diffrn.ambient_temp_details   ? 
_diffrn.crystal_id             1 
# 
_diffrn_detector.diffrn_id              1 
_diffrn_detector.detector               CCD 
_diffrn_detector.type                   'ADSC QUANTUM 4' 
_diffrn_detector.pdbx_collection_date   2005-07-23 
_diffrn_detector.details                ? 
# 
_diffrn_radiation.diffrn_id                        1 
_diffrn_radiation.wavelength_id                    1 
_diffrn_radiation.pdbx_monochromatic_or_laue_m_l   M 
_diffrn_radiation.monochromator                    ? 
_diffrn_radiation.pdbx_diffrn_protocol             'SINGLE WAVELENGTH' 
_diffrn_radiation.pdbx_scattering_type             x-ray 
# 
_diffrn_radiation_wavelength.id           1 
_diffrn_radiation_wavelength.wavelength   0.97985 
_diffrn_radiation_wavelength.wt           1.0 
# 
_diffrn_source.diffrn_id                   1 
_diffrn_source.source                      SYNCHROTRON 
_diffrn_source.type                        'APS BEAMLINE 17-ID' 
_diffrn_source.pdbx_synchrotron_site       APS 
_diffrn_source.pdbx_synchrotron_beamline   17-ID 
_diffrn_source.pdbx_wavelength             ? 
_diffrn_source.pdbx_wavelength_list        0.97985 
# 
_reflns.entry_id                     2AWF 
_reflns.observed_criterion_sigma_F   0 
_reflns.observed_criterion_sigma_I   -3 
_reflns.d_resolution_high            2.01 
_reflns.d_resolution_low             39.7 
_reflns.number_all                   13412 
_reflns.number_obs                   13412 
_reflns.percent_possible_obs         96.4 
_reflns.pdbx_Rmerge_I_obs            0.037 
_reflns.pdbx_Rsym_value              ? 
_reflns.pdbx_netI_over_sigmaI        72.07 
_reflns.B_iso_Wilson_estimate        ? 
_reflns.pdbx_redundancy              15.5 
_reflns.R_free_details               ? 
_reflns.limit_h_max                  ? 
_reflns.limit_h_min                  ? 
_reflns.limit_k_max                  ? 
_reflns.limit_k_min                  ? 
_reflns.limit_l_max                  ? 
_reflns.limit_l_min                  ? 
_reflns.observed_criterion_F_max     ? 
_reflns.observed_criterion_F_min     ? 
_reflns.pdbx_chi_squared             ? 
_reflns.pdbx_scaling_rejects         ? 
_reflns.pdbx_ordinal                 1 
_reflns.pdbx_diffrn_id               1 
# 
_reflns_shell.d_res_high             2.01 
_reflns_shell.d_res_low              2.08 
_reflns_shell.percent_possible_all   84.6 
_reflns_shell.Rmerge_I_obs           0.647 
_reflns_shell.pdbx_Rsym_value        ? 
_reflns_shell.meanI_over_sigI_obs    2.25 
_reflns_shell.pdbx_redundancy        5.2 
_reflns_shell.percent_possible_obs   ? 
_reflns_shell.number_unique_all      1123 
_reflns_shell.number_measured_all    ? 
_reflns_shell.number_measured_obs    ? 
_reflns_shell.number_unique_obs      ? 
_reflns_shell.pdbx_chi_squared       ? 
_reflns_shell.pdbx_ordinal           1 
_reflns_shell.pdbx_diffrn_id         1 
# 
_refine.entry_id                                 2AWF 
_refine.ls_number_reflns_obs                     11341 
_refine.ls_number_reflns_all                     ? 
_refine.pdbx_ls_sigma_I                          ? 
_refine.pdbx_ls_sigma_F                          ? 
_refine.pdbx_data_cutoff_high_absF               ? 
_refine.pdbx_data_cutoff_low_absF                ? 
_refine.pdbx_data_cutoff_high_rms_absF           ? 
_refine.ls_d_res_low                             36.98 
_refine.ls_d_res_high                            2.10 
_refine.ls_percent_reflns_obs                    97.95 
_refine.ls_R_factor_obs                          0.22289 
_refine.ls_R_factor_all                          0.257 
_refine.ls_R_factor_R_work                       0.22091 
_refine.ls_R_factor_R_free                       0.26337 
_refine.ls_R_factor_R_free_error                 ? 
_refine.ls_R_factor_R_free_error_details         ? 
_refine.ls_percent_reflns_R_free                 5.0 
_refine.ls_number_reflns_R_free                  595 
_refine.ls_number_parameters                     ? 
_refine.ls_number_restraints                     ? 
_refine.occupancy_min                            ? 
_refine.occupancy_max                            ? 
_refine.correlation_coeff_Fo_to_Fc               .953 
_refine.correlation_coeff_Fo_to_Fc_free          .930 
_refine.B_iso_mean                               49.808 
_refine.aniso_B[1][1]                            .96 
_refine.aniso_B[2][2]                            .96 
_refine.aniso_B[3][3]                            -1.44 
_refine.aniso_B[1][2]                            .48 
_refine.aniso_B[1][3]                            .00 
_refine.aniso_B[2][3]                            .00 
_refine.solvent_model_details                    'BABINET MODEL WITH MASK' 
_refine.solvent_model_param_ksol                 ? 
_refine.solvent_model_param_bsol                 ? 
_refine.pdbx_solvent_vdw_probe_radii             1.20 
_refine.pdbx_solvent_ion_probe_radii             .80 
_refine.pdbx_solvent_shrinkage_radii             .80 
_refine.pdbx_ls_cross_valid_method               THROUGHOUT 
_refine.details                                  'HYDROGENS HAVE BEEN ADDED IN THE RIDING POSITIONS' 
_refine.pdbx_starting_model                      'PDB ENTRY 1PZV' 
_refine.pdbx_method_to_determine_struct          'MOLECULAR REPLACEMENT' 
_refine.pdbx_isotropic_thermal_model             ? 
_refine.pdbx_stereochemistry_target_values       'MAXIMUM LIKELIHOOD' 
_refine.pdbx_stereochem_target_val_spec_case     ? 
_refine.pdbx_R_Free_selection_details            RANDOM 
_refine.pdbx_overall_ESU_R                       .180 
_refine.pdbx_overall_ESU_R_Free                  .171 
_refine.overall_SU_ML                            .136 
_refine.overall_SU_B                             5.166 
_refine.ls_redundancy_reflns_obs                 ? 
_refine.B_iso_min                                ? 
_refine.B_iso_max                                ? 
_refine.overall_SU_R_Cruickshank_DPI             ? 
_refine.overall_SU_R_free                        ? 
_refine.ls_wR_factor_R_free                      ? 
_refine.ls_wR_factor_R_work                      ? 
_refine.overall_FOM_free_R_set                   ? 
_refine.overall_FOM_work_R_set                   ? 
_refine.pdbx_refine_id                           'X-RAY DIFFRACTION' 
_refine.pdbx_diffrn_id                           1 
_refine.pdbx_TLS_residual_ADP_flag               ? 
_refine.pdbx_overall_phase_error                 ? 
_refine.pdbx_overall_SU_R_free_Cruickshank_DPI   ? 
_refine.pdbx_overall_SU_R_Blow_DPI               ? 
_refine.pdbx_overall_SU_R_free_Blow_DPI          ? 
# 
_refine_hist.pdbx_refine_id                   'X-RAY DIFFRACTION' 
_refine_hist.cycle_id                         LAST 
_refine_hist.pdbx_number_atoms_protein        978 
_refine_hist.pdbx_number_atoms_nucleic_acid   0 
_refine_hist.pdbx_number_atoms_ligand         0 
_refine_hist.number_atoms_solvent             53 
_refine_hist.number_atoms_total               1031 
_refine_hist.d_res_high                       2.10 
_refine_hist.d_res_low                        36.98 
# 
loop_
_refine_ls_restr.type 
_refine_ls_restr.dev_ideal 
_refine_ls_restr.dev_ideal_target 
_refine_ls_restr.weight 
_refine_ls_restr.number 
_refine_ls_restr.pdbx_refine_id 
_refine_ls_restr.pdbx_restraint_function 
r_bond_refined_d         .015   .022   ? 1006 'X-RAY DIFFRACTION' ? 
r_angle_refined_deg      1.570  1.985  ? 1371 'X-RAY DIFFRACTION' ? 
r_dihedral_angle_1_deg   6.634  5.000  ? 120  'X-RAY DIFFRACTION' ? 
r_dihedral_angle_2_deg   35.946 23.953 ? 43   'X-RAY DIFFRACTION' ? 
r_dihedral_angle_3_deg   17.473 15.000 ? 169  'X-RAY DIFFRACTION' ? 
r_dihedral_angle_4_deg   18.492 15.000 ? 6    'X-RAY DIFFRACTION' ? 
r_chiral_restr           .108   .200   ? 153  'X-RAY DIFFRACTION' ? 
r_gen_planes_refined     .007   .020   ? 756  'X-RAY DIFFRACTION' ? 
r_nbd_refined            .214   .200   ? 385  'X-RAY DIFFRACTION' ? 
r_nbtor_refined          .319   .200   ? 668  'X-RAY DIFFRACTION' ? 
r_xyhbond_nbd_refined    .143   .200   ? 53   'X-RAY DIFFRACTION' ? 
r_symmetry_vdw_refined   .265   .200   ? 39   'X-RAY DIFFRACTION' ? 
r_symmetry_hbond_refined .133   .200   ? 3    'X-RAY DIFFRACTION' ? 
r_mcbond_it              2.605  3.000  ? 635  'X-RAY DIFFRACTION' ? 
r_mcangle_it             4.039  4.000  ? 1004 'X-RAY DIFFRACTION' ? 
r_scbond_it              4.663  5.000  ? 429  'X-RAY DIFFRACTION' ? 
r_scangle_it             7.380  7.000  ? 367  'X-RAY DIFFRACTION' ? 
# 
_refine_ls_shell.pdbx_total_number_of_bins_used   20 
_refine_ls_shell.d_res_high                       2.100 
_refine_ls_shell.d_res_low                        2.154 
_refine_ls_shell.number_reflns_R_work             739 
_refine_ls_shell.R_factor_R_work                  0.289 
_refine_ls_shell.percent_reflns_obs               89.60 
_refine_ls_shell.R_factor_R_free                  0.424 
_refine_ls_shell.R_factor_R_free_error            ? 
_refine_ls_shell.percent_reflns_R_free            ? 
_refine_ls_shell.number_reflns_R_free             45 
_refine_ls_shell.number_reflns_obs                ? 
_refine_ls_shell.redundancy_reflns_obs            ? 
_refine_ls_shell.number_reflns_all                ? 
_refine_ls_shell.R_factor_all                     ? 
_refine_ls_shell.pdbx_refine_id                   'X-RAY DIFFRACTION' 
# 
_struct.entry_id                  2AWF 
_struct.title                     'Structure of human Ubiquitin-conjugating enzyme E2 G1' 
_struct.pdbx_model_details        ? 
_struct.pdbx_CASP_flag            ? 
_struct.pdbx_model_type_details   ? 
# 
_struct_keywords.entry_id        2AWF 
_struct_keywords.pdbx_keywords   LIGASE 
_struct_keywords.text            
'Ligase, Ubl conjugation pathway, ubiquitin-conjugating enzyme, Structural Genomics, Structural Genomics Consortium, SGC' 
# 
loop_
_struct_asym.id 
_struct_asym.pdbx_blank_PDB_chainid_flag 
_struct_asym.pdbx_modified 
_struct_asym.entity_id 
_struct_asym.details 
A N N 1 ? 
B N N 2 ? 
# 
_struct_biol.id   1 
# 
loop_
_struct_conf.conf_type_id 
_struct_conf.id 
_struct_conf.pdbx_PDB_helix_id 
_struct_conf.beg_label_comp_id 
_struct_conf.beg_label_asym_id 
_struct_conf.beg_label_seq_id 
_struct_conf.pdbx_beg_PDB_ins_code 
_struct_conf.end_label_comp_id 
_struct_conf.end_label_asym_id 
_struct_conf.end_label_seq_id 
_struct_conf.pdbx_end_PDB_ins_code 
_struct_conf.beg_auth_comp_id 
_struct_conf.beg_auth_asym_id 
_struct_conf.beg_auth_seq_id 
_struct_conf.end_auth_comp_id 
_struct_conf.end_auth_asym_id 
_struct_conf.end_auth_seq_id 
_struct_conf.pdbx_PDB_helix_class 
_struct_conf.details 
_struct_conf.pdbx_PDB_helix_length 
HELX_P HELX_P1 1 GLY A 18  ? ASN A 32  ? GLY A 6   ASN A 20  1 ? 15 
HELX_P HELX_P2 2 ILE A 103 ? HIS A 107 ? ILE A 91  HIS A 95  5 ? 5  
HELX_P HELX_P3 3 THR A 128 ? ALA A 141 ? THR A 116 ALA A 129 1 ? 14 
# 
_struct_conf_type.id          HELX_P 
_struct_conf_type.criteria    ? 
_struct_conf_type.reference   ? 
# 
_struct_mon_prot_cis.pdbx_id                1 
_struct_mon_prot_cis.label_comp_id          TYR 
_struct_mon_prot_cis.label_seq_id           77 
_struct_mon_prot_cis.label_asym_id          A 
_struct_mon_prot_cis.label_alt_id           . 
_struct_mon_prot_cis.pdbx_PDB_ins_code      ? 
_struct_mon_prot_cis.auth_comp_id           TYR 
_struct_mon_prot_cis.auth_seq_id            65 
_struct_mon_prot_cis.auth_asym_id           A 
_struct_mon_prot_cis.pdbx_label_comp_id_2   PRO 
_struct_mon_prot_cis.pdbx_label_seq_id_2    78 
_struct_mon_prot_cis.pdbx_label_asym_id_2   A 
_struct_mon_prot_cis.pdbx_PDB_ins_code_2    ? 
_struct_mon_prot_cis.pdbx_auth_comp_id_2    PRO 
_struct_mon_prot_cis.pdbx_auth_seq_id_2     66 
_struct_mon_prot_cis.pdbx_auth_asym_id_2    A 
_struct_mon_prot_cis.pdbx_PDB_model_num     1 
_struct_mon_prot_cis.pdbx_omega_angle       5.34 
# 
_struct_sheet.id               A 
_struct_sheet.type             ? 
_struct_sheet.number_strands   4 
_struct_sheet.details          ? 
# 
loop_
_struct_sheet_order.sheet_id 
_struct_sheet_order.range_id_1 
_struct_sheet_order.range_id_2 
_struct_sheet_order.offset 
_struct_sheet_order.sense 
A 1 2 ? anti-parallel 
A 2 3 ? anti-parallel 
A 3 4 ? anti-parallel 
# 
loop_
_struct_sheet_range.sheet_id 
_struct_sheet_range.id 
_struct_sheet_range.beg_label_comp_id 
_struct_sheet_range.beg_label_asym_id 
_struct_sheet_range.beg_label_seq_id 
_struct_sheet_range.pdbx_beg_PDB_ins_code 
_struct_sheet_range.end_label_comp_id 
_struct_sheet_range.end_label_asym_id 
_struct_sheet_range.end_label_seq_id 
_struct_sheet_range.pdbx_end_PDB_ins_code 
_struct_sheet_range.beg_auth_comp_id 
_struct_sheet_range.beg_auth_asym_id 
_struct_sheet_range.beg_auth_seq_id 
_struct_sheet_range.end_auth_comp_id 
_struct_sheet_range.end_auth_asym_id 
_struct_sheet_range.end_auth_seq_id 
A 1 PHE A 37 ? LEU A 41 ? PHE A 25 LEU A 29 
A 2 ARG A 49 ? ILE A 55 ? ARG A 37 ILE A 43 
A 3 VAL A 66 ? THR A 72 ? VAL A 54 THR A 60 
A 4 LYS A 83 ? PHE A 86 ? LYS A 71 PHE A 74 
# 
loop_
_pdbx_struct_sheet_hbond.sheet_id 
_pdbx_struct_sheet_hbond.range_id_1 
_pdbx_struct_sheet_hbond.range_id_2 
_pdbx_struct_sheet_hbond.range_1_label_atom_id 
_pdbx_struct_sheet_hbond.range_1_label_comp_id 
_pdbx_struct_sheet_hbond.range_1_label_asym_id 
_pdbx_struct_sheet_hbond.range_1_label_seq_id 
_pdbx_struct_sheet_hbond.range_1_PDB_ins_code 
_pdbx_struct_sheet_hbond.range_1_auth_atom_id 
_pdbx_struct_sheet_hbond.range_1_auth_comp_id 
_pdbx_struct_sheet_hbond.range_1_auth_asym_id 
_pdbx_struct_sheet_hbond.range_1_auth_seq_id 
_pdbx_struct_sheet_hbond.range_2_label_atom_id 
_pdbx_struct_sheet_hbond.range_2_label_comp_id 
_pdbx_struct_sheet_hbond.range_2_label_asym_id 
_pdbx_struct_sheet_hbond.range_2_label_seq_id 
_pdbx_struct_sheet_hbond.range_2_PDB_ins_code 
_pdbx_struct_sheet_hbond.range_2_auth_atom_id 
_pdbx_struct_sheet_hbond.range_2_auth_comp_id 
_pdbx_struct_sheet_hbond.range_2_auth_asym_id 
_pdbx_struct_sheet_hbond.range_2_auth_seq_id 
A 1 2 N SER A 38 ? N SER A 26 O LEU A 53 ? O LEU A 41 
A 2 3 N ILE A 54 ? N ILE A 42 O PHE A 67 ? O PHE A 55 
A 3 4 N HIS A 70 ? N HIS A 58 O LYS A 85 ? O LYS A 73 
# 
_atom_sites.entry_id                    2AWF 
_atom_sites.fract_transf_matrix[1][1]   -0.01363528 
_atom_sites.fract_transf_matrix[1][2]   -0.01128164 
_atom_sites.fract_transf_matrix[1][3]   0.00800996 
_atom_sites.fract_transf_matrix[2][1]   -0.01860278 
_atom_sites.fract_transf_matrix[2][2]   0.00558639 
_atom_sites.fract_transf_matrix[2][3]   -0.00024411 
_atom_sites.fract_transf_matrix[3][1]   -0.00068787 
_atom_sites.fract_transf_matrix[3][2]   -0.00249537 
_atom_sites.fract_transf_matrix[3][3]   -0.00468557 
_atom_sites.fract_transf_vector[1]      0.214297 
_atom_sites.fract_transf_vector[2]      0.415579 
_atom_sites.fract_transf_vector[3]      0.050952 
# 
loop_
_atom_type.symbol 
C 
N 
O 
S 
# 
loop_
_atom_site.group_PDB 
_atom_site.id 
_atom_site.type_symbol 
_atom_site.label_atom_id 
_atom_site.label_alt_id 
_atom_site.label_comp_id 
_atom_site.label_asym_id 
_atom_site.label_entity_id 
_atom_site.label_seq_id 
_atom_site.pdbx_PDB_ins_code 
_atom_site.Cartn_x 
_atom_site.Cartn_y 
_atom_site.Cartn_z 
_atom_site.occupancy 
_atom_site.B_iso_or_equiv 
_atom_site.pdbx_formal_charge 
_atom_site.auth_seq_id 
_atom_site.auth_comp_id 
_atom_site.auth_asym_id 
_atom_site.auth_atom_id 
_atom_site.pdbx_PDB_model_num 
ATOM   1    N N   . GLY A 1 13  ? -19.842 -3.827  20.974  1.00 72.30 ? 1   GLY A N   1 
ATOM   2    C CA  . GLY A 1 13  ? -18.804 -3.444  19.970  1.00 71.83 ? 1   GLY A CA  1 
ATOM   3    C C   . GLY A 1 13  ? -17.386 -3.716  20.448  1.00 70.40 ? 1   GLY A C   1 
ATOM   4    O O   . GLY A 1 13  ? -16.880 -3.016  21.329  1.00 71.64 ? 1   GLY A O   1 
ATOM   5    N N   . LEU A 1 14  ? -16.742 -4.734  19.876  1.00 67.93 ? 2   LEU A N   1 
ATOM   6    C CA  . LEU A 1 14  ? -15.326 -4.997  20.160  1.00 64.58 ? 2   LEU A CA  1 
ATOM   7    C C   . LEU A 1 14  ? -14.442 -4.453  19.010  1.00 62.19 ? 2   LEU A C   1 
ATOM   8    O O   . LEU A 1 14  ? -14.566 -4.892  17.862  1.00 62.27 ? 2   LEU A O   1 
ATOM   9    C CB  . LEU A 1 14  ? -15.107 -6.497  20.399  1.00 65.10 ? 2   LEU A CB  1 
ATOM   10   C CG  . LEU A 1 14  ? -14.379 -6.963  21.679  1.00 67.14 ? 2   LEU A CG  1 
ATOM   11   C CD1 . LEU A 1 14  ? -14.778 -6.218  22.967  1.00 66.99 ? 2   LEU A CD1 1 
ATOM   12   C CD2 . LEU A 1 14  ? -14.541 -8.445  21.887  1.00 63.53 ? 2   LEU A CD2 1 
ATOM   13   N N   . VAL A 1 15  ? -13.578 -3.486  19.331  1.00 56.03 ? 3   VAL A N   1 
ATOM   14   C CA  . VAL A 1 15  ? -12.722 -2.798  18.347  1.00 49.58 ? 3   VAL A CA  1 
ATOM   15   C C   . VAL A 1 15  ? -11.418 -3.566  18.069  1.00 45.57 ? 3   VAL A C   1 
ATOM   16   O O   . VAL A 1 15  ? -10.639 -3.809  18.997  1.00 44.19 ? 3   VAL A O   1 
ATOM   17   C CB  . VAL A 1 15  ? -12.364 -1.393  18.867  1.00 48.85 ? 3   VAL A CB  1 
ATOM   18   C CG1 . VAL A 1 15  ? -11.653 -0.581  17.818  1.00 46.34 ? 3   VAL A CG1 1 
ATOM   19   C CG2 . VAL A 1 15  ? -13.650 -0.642  19.344  1.00 51.55 ? 3   VAL A CG2 1 
ATOM   20   N N   . PRO A 1 16  ? -11.152 -3.929  16.796  1.00 42.87 ? 4   PRO A N   1 
ATOM   21   C CA  . PRO A 1 16  ? -9.879  -4.577  16.488  1.00 39.15 ? 4   PRO A CA  1 
ATOM   22   C C   . PRO A 1 16  ? -8.722  -3.695  16.944  1.00 39.96 ? 4   PRO A C   1 
ATOM   23   O O   . PRO A 1 16  ? -8.788  -2.471  16.835  1.00 40.91 ? 4   PRO A O   1 
ATOM   24   C CB  . PRO A 1 16  ? -9.890  -4.696  14.962  1.00 43.45 ? 4   PRO A CB  1 
ATOM   25   C CG  . PRO A 1 16  ? -11.332 -4.646  14.564  1.00 39.88 ? 4   PRO A CG  1 
ATOM   26   C CD  . PRO A 1 16  ? -12.002 -3.761  15.593  1.00 44.91 ? 4   PRO A CD  1 
ATOM   27   N N   . ARG A 1 17  ? -7.685  -4.317  17.465  1.00 40.91 ? 5   ARG A N   1 
ATOM   28   C CA  . ARG A 1 17  ? -6.656  -3.621  18.227  1.00 45.21 ? 5   ARG A CA  1 
ATOM   29   C C   . ARG A 1 17  ? -5.931  -2.573  17.367  1.00 47.27 ? 5   ARG A C   1 
ATOM   30   O O   . ARG A 1 17  ? -5.695  -1.447  17.830  1.00 47.83 ? 5   ARG A O   1 
ATOM   31   C CB  . ARG A 1 17  ? -5.704  -4.673  18.810  1.00 45.36 ? 5   ARG A CB  1 
ATOM   32   C CG  . ARG A 1 17  ? -4.404  -4.216  19.453  1.00 52.05 ? 5   ARG A CG  1 
ATOM   33   C CD  . ARG A 1 17  ? -4.539  -3.905  20.906  1.00 55.68 ? 5   ARG A CD  1 
ATOM   34   N NE  . ARG A 1 17  ? -4.849  -5.061  21.748  1.00 62.17 ? 5   ARG A NE  1 
ATOM   35   C CZ  . ARG A 1 17  ? -3.982  -6.008  22.096  1.00 63.64 ? 5   ARG A CZ  1 
ATOM   36   N NH1 . ARG A 1 17  ? -2.727  -5.969  21.659  1.00 66.95 ? 5   ARG A NH1 1 
ATOM   37   N NH2 . ARG A 1 17  ? -4.379  -7.008  22.874  1.00 63.56 ? 5   ARG A NH2 1 
ATOM   38   N N   . GLY A 1 18  ? -5.620  -2.938  16.120  1.00 44.54 ? 6   GLY A N   1 
ATOM   39   C CA  . GLY A 1 18  ? -4.834  -2.084  15.229  1.00 45.60 ? 6   GLY A CA  1 
ATOM   40   C C   . GLY A 1 18  ? -5.595  -0.868  14.701  1.00 46.98 ? 6   GLY A C   1 
ATOM   41   O O   . GLY A 1 18  ? -5.032  -0.081  13.928  1.00 44.53 ? 6   GLY A O   1 
ATOM   42   N N   . SER A 1 19  ? -6.857  -0.703  15.139  1.00 44.84 ? 7   SER A N   1 
ATOM   43   C CA  . SER A 1 19  ? -7.769  0.330   14.624  1.00 43.91 ? 7   SER A CA  1 
ATOM   44   C C   . SER A 1 19  ? -7.229  1.718   14.859  1.00 44.03 ? 7   SER A C   1 
ATOM   45   O O   . SER A 1 19  ? -7.357  2.588   13.986  1.00 41.58 ? 7   SER A O   1 
ATOM   46   C CB  . SER A 1 19  ? -9.172  0.262   15.285  1.00 43.99 ? 7   SER A CB  1 
ATOM   47   O OG  . SER A 1 19  ? -9.947  -0.823  14.819  1.00 41.40 ? 7   SER A OG  1 
ATOM   48   N N   . LEU A 1 20  ? -6.673  1.934   16.048  1.00 42.22 ? 8   LEU A N   1 
ATOM   49   C CA  . LEU A 1 20  ? -6.176  3.264   16.424  1.00 46.21 ? 8   LEU A CA  1 
ATOM   50   C C   . LEU A 1 20  ? -4.981  3.619   15.549  1.00 43.42 ? 8   LEU A C   1 
ATOM   51   O O   . LEU A 1 20  ? -4.899  4.738   15.078  1.00 44.01 ? 8   LEU A O   1 
ATOM   52   C CB  . LEU A 1 20  ? -5.810  3.357   17.918  1.00 47.82 ? 8   LEU A CB  1 
ATOM   53   C CG  . LEU A 1 20  ? -6.887  3.952   18.854  1.00 58.69 ? 8   LEU A CG  1 
ATOM   54   C CD1 . LEU A 1 20  ? -6.768  3.434   20.311  1.00 59.61 ? 8   LEU A CD1 1 
ATOM   55   C CD2 . LEU A 1 20  ? -6.898  5.502   18.816  1.00 58.85 ? 8   LEU A CD2 1 
ATOM   56   N N   . LEU A 1 21  ? -4.086  2.654   15.330  1.00 41.23 ? 9   LEU A N   1 
ATOM   57   C CA  . LEU A 1 21  ? -2.916  2.836   14.453  1.00 44.36 ? 9   LEU A CA  1 
ATOM   58   C C   . LEU A 1 21  ? -3.331  3.224   13.046  1.00 41.97 ? 9   LEU A C   1 
ATOM   59   O O   . LEU A 1 21  ? -2.828  4.196   12.501  1.00 41.39 ? 9   LEU A O   1 
ATOM   60   C CB  . LEU A 1 21  ? -2.105  1.549   14.312  1.00 44.38 ? 9   LEU A CB  1 
ATOM   61   C CG  . LEU A 1 21  ? -1.140  1.004   15.345  1.00 54.56 ? 9   LEU A CG  1 
ATOM   62   C CD1 . LEU A 1 21  ? 0.076   0.564   14.564  1.00 51.67 ? 9   LEU A CD1 1 
ATOM   63   C CD2 . LEU A 1 21  ? -0.772  2.051   16.378  1.00 59.44 ? 9   LEU A CD2 1 
ATOM   64   N N   . LEU A 1 22  ? -4.234  2.424   12.476  1.00 40.11 ? 10  LEU A N   1 
ATOM   65   C CA  . LEU A 1 22  ? -4.748  2.615   11.125  1.00 38.08 ? 10  LEU A CA  1 
ATOM   66   C C   . LEU A 1 22  ? -5.470  3.938   10.968  1.00 39.84 ? 10  LEU A C   1 
ATOM   67   O O   . LEU A 1 22  ? -5.277  4.612   9.955   1.00 38.65 ? 10  LEU A O   1 
ATOM   68   C CB  . LEU A 1 22  ? -5.684  1.455   10.749  1.00 36.27 ? 10  LEU A CB  1 
ATOM   69   C CG  . LEU A 1 22  ? -4.917  0.161   10.419  1.00 36.53 ? 10  LEU A CG  1 
ATOM   70   C CD1 . LEU A 1 22  ? -5.872  -1.036  10.193  1.00 36.19 ? 10  LEU A CD1 1 
ATOM   71   C CD2 . LEU A 1 22  ? -3.882  0.305   9.250   1.00 30.55 ? 10  LEU A CD2 1 
ATOM   72   N N   . ARG A 1 23  ? -6.311  4.308   11.938  1.00 38.09 ? 11  ARG A N   1 
ATOM   73   C CA  . ARG A 1 23  ? -6.979  5.601   11.912  1.00 42.78 ? 11  ARG A CA  1 
ATOM   74   C C   . ARG A 1 23  ? -5.959  6.740   11.936  1.00 42.11 ? 11  ARG A C   1 
ATOM   75   O O   . ARG A 1 23  ? -6.149  7.742   11.244  1.00 39.83 ? 11  ARG A O   1 
ATOM   76   C CB  . ARG A 1 23  ? -7.916  5.778   13.112  1.00 44.20 ? 11  ARG A CB  1 
ATOM   77   C CG  . ARG A 1 23  ? -9.352  5.427   12.860  1.00 53.28 ? 11  ARG A CG  1 
ATOM   78   C CD  . ARG A 1 23  ? -10.274 5.832   14.045  1.00 55.72 ? 11  ARG A CD  1 
ATOM   79   N NE  . ARG A 1 23  ? -10.803 4.680   14.794  1.00 66.93 ? 11  ARG A NE  1 
ATOM   80   C CZ  . ARG A 1 23  ? -10.656 4.488   16.110  1.00 69.64 ? 11  ARG A CZ  1 
ATOM   81   N NH1 . ARG A 1 23  ? -10.000 5.381   16.854  1.00 66.85 ? 11  ARG A NH1 1 
ATOM   82   N NH2 . ARG A 1 23  ? -11.180 3.403   16.690  1.00 69.45 ? 11  ARG A NH2 1 
ATOM   83   N N   . ARG A 1 24  ? -4.901  6.602   12.746  1.00 41.18 ? 12  ARG A N   1 
ATOM   84   C CA  . ARG A 1 24  ? -3.893  7.672   12.839  1.00 44.92 ? 12  ARG A CA  1 
ATOM   85   C C   . ARG A 1 24  ? -3.187  7.817   11.498  1.00 44.51 ? 12  ARG A C   1 
ATOM   86   O O   . ARG A 1 24  ? -3.056  8.928   10.995  1.00 42.89 ? 12  ARG A O   1 
ATOM   87   C CB  . ARG A 1 24  ? -2.882  7.437   13.971  1.00 42.91 ? 12  ARG A CB  1 
ATOM   88   C CG  . ARG A 1 24  ? -3.414  7.893   15.329  1.00 51.29 ? 12  ARG A CG  1 
ATOM   89   C CD  . ARG A 1 24  ? -2.541  7.484   16.548  1.00 50.75 ? 12  ARG A CD  1 
ATOM   90   N NE  . ARG A 1 24  ? -3.352  7.511   17.790  1.00 57.68 ? 12  ARG A NE  1 
ATOM   91   C CZ  . ARG A 1 24  ? -3.446  8.552   18.625  1.00 65.94 ? 12  ARG A CZ  1 
ATOM   92   N NH1 . ARG A 1 24  ? -2.770  9.671   18.386  1.00 71.26 ? 12  ARG A NH1 1 
ATOM   93   N NH2 . ARG A 1 24  ? -4.208  8.486   19.710  1.00 64.96 ? 12  ARG A NH2 1 
ATOM   94   N N   . GLN A 1 25  ? -2.777  6.687   10.910  1.00 42.89 ? 13  GLN A N   1 
ATOM   95   C CA  . GLN A 1 25  ? -2.152  6.689   9.586   1.00 42.55 ? 13  GLN A CA  1 
ATOM   96   C C   . GLN A 1 25  ? -3.020  7.310   8.521   1.00 41.15 ? 13  GLN A C   1 
ATOM   97   O O   . GLN A 1 25  ? -2.569  8.122   7.719   1.00 43.50 ? 13  GLN A O   1 
ATOM   98   C CB  . GLN A 1 25  ? -1.821  5.278   9.168   1.00 44.14 ? 13  GLN A CB  1 
ATOM   99   C CG  . GLN A 1 25  ? -0.678  4.688   9.947   1.00 44.79 ? 13  GLN A CG  1 
ATOM   100  C CD  . GLN A 1 25  ? -0.222  3.406   9.311   1.00 52.40 ? 13  GLN A CD  1 
ATOM   101  O OE1 . GLN A 1 25  ? -0.065  3.323   8.083   1.00 58.33 ? 13  GLN A OE1 1 
ATOM   102  N NE2 . GLN A 1 25  ? -0.002  2.407   10.119  1.00 45.10 ? 13  GLN A NE2 1 
ATOM   103  N N   . LEU A 1 26  ? -4.274  6.924   8.487   1.00 39.84 ? 14  LEU A N   1 
ATOM   104  C CA  . LEU A 1 26  ? -5.192  7.482   7.516   1.00 43.84 ? 14  LEU A CA  1 
ATOM   105  C C   . LEU A 1 26  ? -5.270  9.019   7.680   1.00 44.95 ? 14  LEU A C   1 
ATOM   106  O O   . LEU A 1 26  ? -5.165  9.756   6.695   1.00 44.12 ? 14  LEU A O   1 
ATOM   107  C CB  . LEU A 1 26  ? -6.570  6.855   7.678   1.00 42.90 ? 14  LEU A CB  1 
ATOM   108  C CG  . LEU A 1 26  ? -7.589  7.033   6.552   1.00 48.09 ? 14  LEU A CG  1 
ATOM   109  C CD1 . LEU A 1 26  ? -7.086  6.476   5.262   1.00 41.79 ? 14  LEU A CD1 1 
ATOM   110  C CD2 . LEU A 1 26  ? -8.901  6.360   6.950   1.00 48.02 ? 14  LEU A CD2 1 
ATOM   111  N N   . ALA A 1 27  ? -5.424  9.489   8.919   1.00 43.53 ? 15  ALA A N   1 
ATOM   112  C CA  . ALA A 1 27  ? -5.482  10.929  9.196   1.00 46.68 ? 15  ALA A CA  1 
ATOM   113  C C   . ALA A 1 27  ? -4.166  11.634  8.860   1.00 47.83 ? 15  ALA A C   1 
ATOM   114  O O   . ALA A 1 27  ? -4.188  12.701  8.248   1.00 49.76 ? 15  ALA A O   1 
ATOM   115  C CB  . ALA A 1 27  ? -5.886  11.202  10.646  1.00 46.73 ? 15  ALA A CB  1 
ATOM   116  N N   . GLU A 1 28  ? -3.035  11.051  9.247   1.00 46.71 ? 16  GLU A N   1 
ATOM   117  C CA  . GLU A 1 28  ? -1.739  11.627  8.938   1.00 51.75 ? 16  GLU A CA  1 
ATOM   118  C C   . GLU A 1 28  ? -1.595  11.766  7.422   1.00 51.90 ? 16  GLU A C   1 
ATOM   119  O O   . GLU A 1 28  ? -1.212  12.839  6.951   1.00 53.11 ? 16  GLU A O   1 
ATOM   120  C CB  . GLU A 1 28  ? -0.602  10.822  9.563   1.00 51.84 ? 16  GLU A CB  1 
ATOM   121  C CG  . GLU A 1 28  ? -0.314  11.209  11.045  1.00 62.25 ? 16  GLU A CG  1 
ATOM   122  C CD  . GLU A 1 28  ? 0.398   10.102  11.885  1.00 64.67 ? 16  GLU A CD  1 
ATOM   123  O OE1 . GLU A 1 28  ? 0.898   9.084   11.311  1.00 78.09 ? 16  GLU A OE1 1 
ATOM   124  O OE2 . GLU A 1 28  ? 0.453   10.256  13.136  1.00 71.64 ? 16  GLU A OE2 1 
ATOM   125  N N   . LEU A 1 29  ? -1.964  10.716  6.669   1.00 47.68 ? 17  LEU A N   1 
ATOM   126  C CA  . LEU A 1 29  ? -1.962  10.733  5.200   1.00 48.07 ? 17  LEU A CA  1 
ATOM   127  C C   . LEU A 1 29  ? -2.845  11.799  4.619   1.00 47.19 ? 17  LEU A C   1 
ATOM   128  O O   . LEU A 1 29  ? -2.433  12.485  3.673   1.00 46.97 ? 17  LEU A O   1 
ATOM   129  C CB  . LEU A 1 29  ? -2.324  9.372   4.571   1.00 48.12 ? 17  LEU A CB  1 
ATOM   130  C CG  . LEU A 1 29  ? -1.252  8.273   4.642   1.00 51.04 ? 17  LEU A CG  1 
ATOM   131  C CD1 . LEU A 1 29  ? -1.833  6.926   4.226   1.00 49.97 ? 17  LEU A CD1 1 
ATOM   132  C CD2 . LEU A 1 29  ? 0.003   8.590   3.824   1.00 53.84 ? 17  LEU A CD2 1 
ATOM   133  N N   . ASN A 1 30  ? -4.049  11.940  5.168   1.00 44.82 ? 18  ASN A N   1 
ATOM   134  C CA  . ASN A 1 30  ? -4.981  12.967  4.709   1.00 47.44 ? 18  ASN A CA  1 
ATOM   135  C C   . ASN A 1 30  ? -4.528  14.421  4.956   1.00 49.36 ? 18  ASN A C   1 
ATOM   136  O O   . ASN A 1 30  ? -4.873  15.328  4.193   1.00 48.81 ? 18  ASN A O   1 
ATOM   137  C CB  . ASN A 1 30  ? -6.358  12.751  5.319   1.00 48.55 ? 18  ASN A CB  1 
ATOM   138  C CG  . ASN A 1 30  ? -7.144  11.679  4.585   1.00 57.03 ? 18  ASN A CG  1 
ATOM   139  O OD1 . ASN A 1 30  ? -6.987  11.510  3.371   1.00 63.29 ? 18  ASN A OD1 1 
ATOM   140  N ND2 . ASN A 1 30  ? -7.984  10.948  5.308   1.00 57.63 ? 18  ASN A ND2 1 
ATOM   141  N N   . LYS A 1 31  ? -3.744  14.617  6.012   1.00 49.79 ? 19  LYS A N   1 
ATOM   142  C CA  . LYS A 1 31  ? -3.251  15.936  6.401   1.00 51.87 ? 19  LYS A CA  1 
ATOM   143  C C   . LYS A 1 31  ? -1.914  16.249  5.750   1.00 50.34 ? 19  LYS A C   1 
ATOM   144  O O   . LYS A 1 31  ? -1.487  17.406  5.714   1.00 54.13 ? 19  LYS A O   1 
ATOM   145  C CB  . LYS A 1 31  ? -3.185  16.029  7.927   1.00 52.94 ? 19  LYS A CB  1 
ATOM   146  C CG  . LYS A 1 31  ? -4.601  16.059  8.509   1.00 61.43 ? 19  LYS A CG  1 
ATOM   147  C CD  . LYS A 1 31  ? -4.697  15.630  9.950   1.00 69.41 ? 19  LYS A CD  1 
ATOM   148  C CE  . LYS A 1 31  ? -6.117  15.127  10.230  1.00 76.24 ? 19  LYS A CE  1 
ATOM   149  N NZ  . LYS A 1 31  ? -6.489  15.129  11.690  1.00 79.24 ? 19  LYS A NZ  1 
ATOM   150  N N   . ASN A 1 32  ? -1.283  15.218  5.208   1.00 46.25 ? 20  ASN A N   1 
ATOM   151  C CA  . ASN A 1 32  ? -0.053  15.336  4.450   1.00 46.27 ? 20  ASN A CA  1 
ATOM   152  C C   . ASN A 1 32  ? -0.166  14.666  3.096   1.00 44.89 ? 20  ASN A C   1 
ATOM   153  O O   . ASN A 1 32  ? 0.548   13.717  2.822   1.00 45.33 ? 20  ASN A O   1 
ATOM   154  C CB  . ASN A 1 32  ? 1.116   14.734  5.211   1.00 46.44 ? 20  ASN A CB  1 
ATOM   155  C CG  . ASN A 1 32  ? 1.292   15.367  6.567   1.00 52.02 ? 20  ASN A CG  1 
ATOM   156  O OD1 . ASN A 1 32  ? 1.960   16.398  6.704   1.00 51.98 ? 20  ASN A OD1 1 
ATOM   157  N ND2 . ASN A 1 32  ? 0.679   14.766  7.582   1.00 48.11 ? 20  ASN A ND2 1 
ATOM   158  N N   . PRO A 1 33  ? -1.013  15.204  2.212   1.00 46.52 ? 21  PRO A N   1 
ATOM   159  C CA  . PRO A 1 33  ? -1.167  14.541  0.926   1.00 44.26 ? 21  PRO A CA  1 
ATOM   160  C C   . PRO A 1 33  ? 0.146   14.512  0.128   1.00 44.97 ? 21  PRO A C   1 
ATOM   161  O O   . PRO A 1 33  ? 1.006   15.416  0.218   1.00 42.29 ? 21  PRO A O   1 
ATOM   162  C CB  . PRO A 1 33  ? -2.261  15.356  0.227   1.00 47.23 ? 21  PRO A CB  1 
ATOM   163  C CG  . PRO A 1 33  ? -2.203  16.739  0.900   1.00 49.63 ? 21  PRO A CG  1 
ATOM   164  C CD  . PRO A 1 33  ? -1.829  16.428  2.326   1.00 46.34 ? 21  PRO A CD  1 
ATOM   165  N N   . VAL A 1 34  ? 0.295   13.442  -0.635  1.00 41.20 ? 22  VAL A N   1 
ATOM   166  C CA  . VAL A 1 34  ? 1.514   13.162  -1.314  1.00 42.38 ? 22  VAL A CA  1 
ATOM   167  C C   . VAL A 1 34  ? 1.314   13.213  -2.815  1.00 43.33 ? 22  VAL A C   1 
ATOM   168  O O   . VAL A 1 34  ? 0.247   12.842  -3.337  1.00 43.85 ? 22  VAL A O   1 
ATOM   169  C CB  . VAL A 1 34  ? 2.056   11.821  -0.816  1.00 43.43 ? 22  VAL A CB  1 
ATOM   170  C CG1 . VAL A 1 34  ? 3.008   11.191  -1.804  1.00 48.42 ? 22  VAL A CG1 1 
ATOM   171  C CG2 . VAL A 1 34  ? 2.777   12.049  0.503   1.00 49.48 ? 22  VAL A CG2 1 
ATOM   172  N N   . GLU A 1 35  ? 2.337   13.669  -3.519  1.00 39.82 ? 23  GLU A N   1 
ATOM   173  C CA  . GLU A 1 35  ? 2.357   13.617  -4.960  1.00 41.02 ? 23  GLU A CA  1 
ATOM   174  C C   . GLU A 1 35  ? 2.370   12.161  -5.470  1.00 42.61 ? 23  GLU A C   1 
ATOM   175  O O   . GLU A 1 35  ? 3.164   11.335  -5.027  1.00 41.80 ? 23  GLU A O   1 
ATOM   176  C CB  . GLU A 1 35  ? 3.593   14.356  -5.455  1.00 41.80 ? 23  GLU A CB  1 
ATOM   177  C CG  . GLU A 1 35  ? 3.822   14.264  -6.928  1.00 45.73 ? 23  GLU A CG  1 
ATOM   178  C CD  . GLU A 1 35  ? 5.153   14.891  -7.349  1.00 57.06 ? 23  GLU A CD  1 
ATOM   179  O OE1 . GLU A 1 35  ? 5.647   15.803  -6.651  1.00 61.30 ? 23  GLU A OE1 1 
ATOM   180  O OE2 . GLU A 1 35  ? 5.701   14.479  -8.389  1.00 54.94 ? 23  GLU A OE2 1 
ATOM   181  N N   . GLY A 1 36  ? 1.501   11.841  -6.417  1.00 43.97 ? 24  GLY A N   1 
ATOM   182  C CA  . GLY A 1 36  ? 1.649   10.534  -7.056  1.00 45.70 ? 24  GLY A CA  1 
ATOM   183  C C   . GLY A 1 36  ? 0.832   9.371   -6.485  1.00 43.57 ? 24  GLY A C   1 
ATOM   184  O O   . GLY A 1 36  ? 0.847   8.280   -7.060  1.00 41.41 ? 24  GLY A O   1 
ATOM   185  N N   . PHE A 1 37  ? 0.142   9.588   -5.372  1.00 39.17 ? 25  PHE A N   1 
ATOM   186  C CA  . PHE A 1 37  ? -0.788  8.575   -4.868  1.00 39.28 ? 25  PHE A CA  1 
ATOM   187  C C   . PHE A 1 37  ? -1.797  9.180   -3.938  1.00 38.07 ? 25  PHE A C   1 
ATOM   188  O O   . PHE A 1 37  ? -1.505  10.209  -3.349  1.00 33.86 ? 25  PHE A O   1 
ATOM   189  C CB  . PHE A 1 37  ? -0.091  7.313   -4.273  1.00 40.60 ? 25  PHE A CB  1 
ATOM   190  C CG  . PHE A 1 37  ? 0.363   7.443   -2.848  1.00 43.71 ? 25  PHE A CG  1 
ATOM   191  C CD1 . PHE A 1 37  ? -0.507  7.155   -1.798  1.00 43.40 ? 25  PHE A CD1 1 
ATOM   192  C CD2 . PHE A 1 37  ? 1.710   7.774   -2.548  1.00 49.32 ? 25  PHE A CD2 1 
ATOM   193  C CE1 . PHE A 1 37  ? -0.084  7.227   -0.445  1.00 44.54 ? 25  PHE A CE1 1 
ATOM   194  C CE2 . PHE A 1 37  ? 2.157   7.864   -1.184  1.00 44.52 ? 25  PHE A CE2 1 
ATOM   195  C CZ  . PHE A 1 37  ? 1.250   7.585   -0.143  1.00 45.11 ? 25  PHE A CZ  1 
ATOM   196  N N   . SER A 1 38  ? -2.996  8.569   -3.866  1.00 31.87 ? 26  SER A N   1 
ATOM   197  C CA  . SER A 1 38  ? -3.971  8.816   -2.797  1.00 32.72 ? 26  SER A CA  1 
ATOM   198  C C   . SER A 1 38  ? -4.356  7.476   -2.158  1.00 34.54 ? 26  SER A C   1 
ATOM   199  O O   . SER A 1 38  ? -4.480  6.459   -2.856  1.00 32.61 ? 26  SER A O   1 
ATOM   200  C CB  . SER A 1 38  ? -5.315  9.388   -3.307  1.00 33.80 ? 26  SER A CB  1 
ATOM   201  O OG  . SER A 1 38  ? -5.102  10.305  -4.333  1.00 50.30 ? 26  SER A OG  1 
ATOM   202  N N   . ALA A 1 39  ? -4.587  7.502   -0.851  1.00 33.77 ? 27  ALA A N   1 
ATOM   203  C CA  . ALA A 1 39  ? -4.941  6.286   -0.066  1.00 37.02 ? 27  ALA A CA  1 
ATOM   204  C C   . ALA A 1 39  ? -6.197  6.594   0.692   1.00 37.90 ? 27  ALA A C   1 
ATOM   205  O O   . ALA A 1 39  ? -6.385  7.724   1.149   1.00 38.04 ? 27  ALA A O   1 
ATOM   206  C CB  . ALA A 1 39  ? -3.857  5.926   0.898   1.00 37.86 ? 27  ALA A CB  1 
ATOM   207  N N   . GLY A 1 40  ? -7.099  5.618   0.752   1.00 35.01 ? 28  GLY A N   1 
ATOM   208  C CA  . GLY A 1 40  ? -8.301  5.761   1.550   1.00 38.94 ? 28  GLY A CA  1 
ATOM   209  C C   . GLY A 1 40  ? -8.942  4.409   1.814   1.00 36.26 ? 28  GLY A C   1 
ATOM   210  O O   . GLY A 1 40  ? -8.472  3.384   1.301   1.00 34.35 ? 28  GLY A O   1 
ATOM   211  N N   . LEU A 1 41  ? -10.010 4.421   2.597   1.00 34.96 ? 29  LEU A N   1 
ATOM   212  C CA  . LEU A 1 41  ? -10.795 3.206   2.847   1.00 37.94 ? 29  LEU A CA  1 
ATOM   213  C C   . LEU A 1 41  ? -11.736 2.899   1.694   1.00 40.51 ? 29  LEU A C   1 
ATOM   214  O O   . LEU A 1 41  ? -12.321 3.811   1.090   1.00 41.97 ? 29  LEU A O   1 
ATOM   215  C CB  . LEU A 1 41  ? -11.564 3.298   4.167   1.00 35.22 ? 29  LEU A CB  1 
ATOM   216  C CG  . LEU A 1 41  ? -10.779 3.689   5.409   1.00 37.69 ? 29  LEU A CG  1 
ATOM   217  C CD1 . LEU A 1 41  ? -11.682 3.778   6.640   1.00 41.23 ? 29  LEU A CD1 1 
ATOM   218  C CD2 . LEU A 1 41  ? -9.632  2.691   5.625   1.00 38.13 ? 29  LEU A CD2 1 
ATOM   219  N N   . ILE A 1 42  ? -11.872 1.618   1.375   1.00 39.21 ? 30  ILE A N   1 
ATOM   220  C CA  . ILE A 1 42  ? -12.824 1.206   0.354   1.00 42.34 ? 30  ILE A CA  1 
ATOM   221  C C   . ILE A 1 42  ? -14.217 1.470   0.949   1.00 48.59 ? 30  ILE A C   1 
ATOM   222  O O   . ILE A 1 42  ? -15.133 1.928   0.254   1.00 49.04 ? 30  ILE A O   1 
ATOM   223  C CB  . ILE A 1 42  ? -12.663 -0.291  -0.003  1.00 41.15 ? 30  ILE A CB  1 
ATOM   224  C CG1 . ILE A 1 42  ? -11.347 -0.540  -0.735  1.00 36.90 ? 30  ILE A CG1 1 
ATOM   225  C CG2 . ILE A 1 42  ? -13.841 -0.765  -0.851  1.00 47.59 ? 30  ILE A CG2 1 
ATOM   226  C CD1 . ILE A 1 42  ? -11.033 -2.011  -0.977  1.00 35.49 ? 30  ILE A CD1 1 
ATOM   227  N N   . ASP A 1 43  ? -14.342 1.230   2.256   1.00 49.28 ? 31  ASP A N   1 
ATOM   228  C CA  . ASP A 1 43  ? -15.616 1.310   2.970   1.00 52.82 ? 31  ASP A CA  1 
ATOM   229  C C   . ASP A 1 43  ? -15.334 1.935   4.330   1.00 52.43 ? 31  ASP A C   1 
ATOM   230  O O   . ASP A 1 43  ? -14.531 1.402   5.087   1.00 51.37 ? 31  ASP A O   1 
ATOM   231  C CB  . ASP A 1 43  ? -16.151 -0.121  3.125   1.00 55.84 ? 31  ASP A CB  1 
ATOM   232  C CG  . ASP A 1 43  ? -17.476 -0.201  3.889   1.00 65.52 ? 31  ASP A CG  1 
ATOM   233  O OD1 . ASP A 1 43  ? -17.924 -1.357  4.143   1.00 66.15 ? 31  ASP A OD1 1 
ATOM   234  O OD2 . ASP A 1 43  ? -18.063 0.866   4.232   1.00 70.52 ? 31  ASP A OD2 1 
ATOM   235  N N   . ASP A 1 44  ? -15.965 3.061   4.647   1.00 53.22 ? 32  ASP A N   1 
ATOM   236  C CA  . ASP A 1 44  ? -15.698 3.741   5.933   1.00 57.97 ? 32  ASP A CA  1 
ATOM   237  C C   . ASP A 1 44  ? -15.914 2.888   7.186   1.00 57.68 ? 32  ASP A C   1 
ATOM   238  O O   . ASP A 1 44  ? -15.392 3.204   8.254   1.00 58.09 ? 32  ASP A O   1 
ATOM   239  C CB  . ASP A 1 44  ? -16.535 5.008   6.058   1.00 61.96 ? 32  ASP A CB  1 
ATOM   240  C CG  . ASP A 1 44  ? -16.416 5.888   4.857   1.00 70.54 ? 32  ASP A CG  1 
ATOM   241  O OD1 . ASP A 1 44  ? -15.302 5.931   4.270   1.00 74.64 ? 32  ASP A OD1 1 
ATOM   242  O OD2 . ASP A 1 44  ? -17.438 6.530   4.501   1.00 77.08 ? 32  ASP A OD2 1 
ATOM   243  N N   . ASN A 1 45  ? -16.689 1.818   7.047   1.00 58.71 ? 33  ASN A N   1 
ATOM   244  C CA  . ASN A 1 45  ? -16.972 0.902   8.138   1.00 60.06 ? 33  ASN A CA  1 
ATOM   245  C C   . ASN A 1 45  ? -15.770 0.057   8.454   1.00 58.81 ? 33  ASN A C   1 
ATOM   246  O O   . ASN A 1 45  ? -15.742 -0.603  9.495   1.00 58.40 ? 33  ASN A O   1 
ATOM   247  C CB  . ASN A 1 45  ? -18.113 -0.039  7.747   1.00 62.92 ? 33  ASN A CB  1 
ATOM   248  C CG  . ASN A 1 45  ? -19.448 0.671   7.666   1.00 70.20 ? 33  ASN A CG  1 
ATOM   249  O OD1 . ASN A 1 45  ? -19.787 1.491   8.537   1.00 72.91 ? 33  ASN A OD1 1 
ATOM   250  N ND2 . ASN A 1 45  ? -20.219 0.369   6.610   1.00 73.28 ? 33  ASN A ND2 1 
ATOM   251  N N   . ASP A 1 46  ? -14.781 0.064   7.553   1.00 54.12 ? 34  ASP A N   1 
ATOM   252  C CA  . ASP A 1 46  ? -13.728 -0.944  7.601   1.00 49.01 ? 34  ASP A CA  1 
ATOM   253  C C   . ASP A 1 46  ? -12.314 -0.426  7.389   1.00 46.52 ? 34  ASP A C   1 
ATOM   254  O O   . ASP A 1 46  ? -11.913 -0.170  6.259   1.00 40.91 ? 34  ASP A O   1 
ATOM   255  C CB  . ASP A 1 46  ? -14.019 -2.086  6.624   1.00 48.13 ? 34  ASP A CB  1 
ATOM   256  C CG  . ASP A 1 46  ? -13.086 -3.240  6.822   1.00 47.09 ? 34  ASP A CG  1 
ATOM   257  O OD1 . ASP A 1 46  ? -12.141 -3.132  7.648   1.00 44.60 ? 34  ASP A OD1 1 
ATOM   258  O OD2 . ASP A 1 46  ? -13.273 -4.259  6.147   1.00 54.46 ? 34  ASP A OD2 1 
ATOM   259  N N   . LEU A 1 47  ? -11.571 -0.331  8.488   1.00 39.96 ? 35  LEU A N   1 
ATOM   260  C CA  . LEU A 1 47  ? -10.277 0.281   8.519   1.00 39.10 ? 35  LEU A CA  1 
ATOM   261  C C   . LEU A 1 47  ? -9.210  -0.609  7.923   1.00 36.37 ? 35  LEU A C   1 
ATOM   262  O O   . LEU A 1 47  ? -8.081  -0.157  7.720   1.00 34.34 ? 35  LEU A O   1 
ATOM   263  C CB  . LEU A 1 47  ? -9.903  0.627   9.983   1.00 40.67 ? 35  LEU A CB  1 
ATOM   264  C CG  . LEU A 1 47  ? -10.419 1.950   10.520  1.00 43.57 ? 35  LEU A CG  1 
ATOM   265  C CD1 . LEU A 1 47  ? -10.306 1.963   12.039  1.00 48.14 ? 35  LEU A CD1 1 
ATOM   266  C CD2 . LEU A 1 47  ? -9.644  3.157   9.898   1.00 46.30 ? 35  LEU A CD2 1 
ATOM   267  N N   . TYR A 1 48  ? -9.551  -1.882  7.673   1.00 32.79 ? 36  TYR A N   1 
ATOM   268  C CA  . TYR A 1 48  ? -8.567  -2.916  7.286   1.00 33.11 ? 36  TYR A CA  1 
ATOM   269  C C   . TYR A 1 48  ? -8.413  -3.106  5.761   1.00 33.86 ? 36  TYR A C   1 
ATOM   270  O O   . TYR A 1 48  ? -7.481  -3.769  5.301   1.00 33.56 ? 36  TYR A O   1 
ATOM   271  C CB  . TYR A 1 48  ? -8.799  -4.255  8.057   1.00 34.99 ? 36  TYR A CB  1 
ATOM   272  C CG  . TYR A 1 48  ? -8.355  -4.096  9.519   1.00 35.76 ? 36  TYR A CG  1 
ATOM   273  C CD1 . TYR A 1 48  ? -9.113  -3.368  10.405  1.00 37.11 ? 36  TYR A CD1 1 
ATOM   274  C CD2 . TYR A 1 48  ? -7.138  -4.603  9.968   1.00 32.48 ? 36  TYR A CD2 1 
ATOM   275  C CE1 . TYR A 1 48  ? -8.700  -3.173  11.716  1.00 37.14 ? 36  TYR A CE1 1 
ATOM   276  C CE2 . TYR A 1 48  ? -6.713  -4.391  11.258  1.00 36.85 ? 36  TYR A CE2 1 
ATOM   277  C CZ  . TYR A 1 48  ? -7.516  -3.685  12.128  1.00 37.26 ? 36  TYR A CZ  1 
ATOM   278  O OH  . TYR A 1 48  ? -7.103  -3.424  13.430  1.00 43.41 ? 36  TYR A OH  1 
ATOM   279  N N   . ARG A 1 49  ? -9.317  -2.484  5.007   1.00 33.33 ? 37  ARG A N   1 
ATOM   280  C CA  . ARG A 1 49  ? -9.378  -2.666  3.555   1.00 38.70 ? 37  ARG A CA  1 
ATOM   281  C C   . ARG A 1 49  ? -9.229  -1.295  2.867   1.00 35.68 ? 37  ARG A C   1 
ATOM   282  O O   . ARG A 1 49  ? -10.184 -0.513  2.796   1.00 32.68 ? 37  ARG A O   1 
ATOM   283  C CB  . ARG A 1 49  ? -10.690 -3.366  3.153   1.00 38.27 ? 37  ARG A CB  1 
ATOM   284  C CG  . ARG A 1 49  ? -10.738 -4.890  3.442   1.00 42.55 ? 37  ARG A CG  1 
ATOM   285  C CD  . ARG A 1 49  ? -12.011 -5.509  2.821   1.00 48.73 ? 37  ARG A CD  1 
ATOM   286  N NE  . ARG A 1 49  ? -11.984 -6.984  2.709   1.00 69.44 ? 37  ARG A NE  1 
ATOM   287  C CZ  . ARG A 1 49  ? -12.988 -7.741  2.206   1.00 78.38 ? 37  ARG A CZ  1 
ATOM   288  N NH1 . ARG A 1 49  ? -14.121 -7.185  1.746   1.00 77.52 ? 37  ARG A NH1 1 
ATOM   289  N NH2 . ARG A 1 49  ? -12.872 -9.073  2.154   1.00 79.12 ? 37  ARG A NH2 1 
ATOM   290  N N   . TRP A 1 50  ? -8.008  -1.008  2.407   1.00 32.56 ? 38  TRP A N   1 
ATOM   291  C CA  . TRP A 1 50  ? -7.698  0.281   1.826   1.00 31.13 ? 38  TRP A CA  1 
ATOM   292  C C   . TRP A 1 50  ? -7.606  0.165   0.331   1.00 30.38 ? 38  TRP A C   1 
ATOM   293  O O   . TRP A 1 50  ? -7.328  -0.912  -0.202  1.00 29.05 ? 38  TRP A O   1 
ATOM   294  C CB  . TRP A 1 50  ? -6.327  0.755   2.293   1.00 29.20 ? 38  TRP A CB  1 
ATOM   295  C CG  . TRP A 1 50  ? -6.279  1.168   3.699   1.00 28.92 ? 38  TRP A CG  1 
ATOM   296  C CD1 . TRP A 1 50  ? -6.889  0.569   4.779   1.00 28.89 ? 38  TRP A CD1 1 
ATOM   297  C CD2 . TRP A 1 50  ? -5.520  2.255   4.214   1.00 32.57 ? 38  TRP A CD2 1 
ATOM   298  N NE1 . TRP A 1 50  ? -6.554  1.240   5.939   1.00 30.15 ? 38  TRP A NE1 1 
ATOM   299  C CE2 . TRP A 1 50  ? -5.705  2.271   5.619   1.00 32.52 ? 38  TRP A CE2 1 
ATOM   300  C CE3 . TRP A 1 50  ? -4.676  3.210   3.624   1.00 33.38 ? 38  TRP A CE3 1 
ATOM   301  C CZ2 . TRP A 1 50  ? -5.095  3.221   6.436   1.00 35.01 ? 38  TRP A CZ2 1 
ATOM   302  C CZ3 . TRP A 1 50  ? -4.070  4.158   4.432   1.00 34.89 ? 38  TRP A CZ3 1 
ATOM   303  C CH2 . TRP A 1 50  ? -4.276  4.156   5.826   1.00 35.89 ? 38  TRP A CH2 1 
ATOM   304  N N   . GLU A 1 51  ? -7.770  1.293   -0.344  1.00 28.97 ? 39  GLU A N   1 
ATOM   305  C CA  . GLU A 1 51  ? -7.435  1.337   -1.756  1.00 31.62 ? 39  GLU A CA  1 
ATOM   306  C C   . GLU A 1 51  ? -6.432  2.467   -1.928  1.00 30.17 ? 39  GLU A C   1 
ATOM   307  O O   . GLU A 1 51  ? -6.469  3.451   -1.201  1.00 29.40 ? 39  GLU A O   1 
ATOM   308  C CB  . GLU A 1 51  ? -8.674  1.587   -2.613  1.00 32.01 ? 39  GLU A CB  1 
ATOM   309  C CG  . GLU A 1 51  ? -9.329  2.881   -2.281  1.00 38.05 ? 39  GLU A CG  1 
ATOM   310  C CD  . GLU A 1 51  ? -10.486 3.241   -3.223  1.00 49.49 ? 39  GLU A CD  1 
ATOM   311  O OE1 . GLU A 1 51  ? -10.896 2.410   -4.069  1.00 46.71 ? 39  GLU A OE1 1 
ATOM   312  O OE2 . GLU A 1 51  ? -10.981 4.379   -3.091  1.00 49.39 ? 39  GLU A OE2 1 
ATOM   313  N N   . VAL A 1 52  ? -5.520  2.295   -2.868  1.00 31.35 ? 40  VAL A N   1 
ATOM   314  C CA  . VAL A 1 52  ? -4.471  3.276   -3.115  1.00 31.40 ? 40  VAL A CA  1 
ATOM   315  C C   . VAL A 1 52  ? -4.540  3.569   -4.612  1.00 29.66 ? 40  VAL A C   1 
ATOM   316  O O   . VAL A 1 52  ? -4.632  2.638   -5.427  1.00 28.48 ? 40  VAL A O   1 
ATOM   317  C CB  . VAL A 1 52  ? -3.074  2.652   -2.767  1.00 34.46 ? 40  VAL A CB  1 
ATOM   318  C CG1 . VAL A 1 52  ? -1.974  3.599   -3.136  1.00 40.38 ? 40  VAL A CG1 1 
ATOM   319  C CG2 . VAL A 1 52  ? -3.018  2.374   -1.252  1.00 37.03 ? 40  VAL A CG2 1 
ATOM   320  N N   . LEU A 1 53  ? -4.568  4.840   -4.970  1.00 28.51 ? 41  LEU A N   1 
ATOM   321  C CA  . LEU A 1 53  ? -4.511  5.214   -6.380  1.00 26.96 ? 41  LEU A CA  1 
ATOM   322  C C   . LEU A 1 53  ? -3.092  5.660   -6.668  1.00 27.13 ? 41  LEU A C   1 
ATOM   323  O O   . LEU A 1 53  ? -2.558  6.509   -5.971  1.00 28.22 ? 41  LEU A O   1 
ATOM   324  C CB  . LEU A 1 53  ? -5.482  6.378   -6.662  1.00 24.81 ? 41  LEU A CB  1 
ATOM   325  C CG  . LEU A 1 53  ? -6.900  6.111   -6.120  1.00 31.84 ? 41  LEU A CG  1 
ATOM   326  C CD1 . LEU A 1 53  ? -7.796  7.307   -6.426  1.00 30.91 ? 41  LEU A CD1 1 
ATOM   327  C CD2 . LEU A 1 53  ? -7.490  4.794   -6.630  1.00 24.99 ? 41  LEU A CD2 1 
ATOM   328  N N   . ILE A 1 54  ? -2.502  5.155   -7.721  1.00 26.99 ? 42  ILE A N   1 
ATOM   329  C CA  . ILE A 1 54  ? -1.082  5.441   -7.973  1.00 30.15 ? 42  ILE A CA  1 
ATOM   330  C C   . ILE A 1 54  ? -0.885  5.976   -9.392  1.00 30.56 ? 42  ILE A C   1 
ATOM   331  O O   . ILE A 1 54  ? -1.330  5.357   -10.356 1.00 28.58 ? 42  ILE A O   1 
ATOM   332  C CB  . ILE A 1 54  ? -0.277  4.146   -7.875  1.00 30.75 ? 42  ILE A CB  1 
ATOM   333  C CG1 . ILE A 1 54  ? -0.328  3.631   -6.440  1.00 33.44 ? 42  ILE A CG1 1 
ATOM   334  C CG2 . ILE A 1 54  ? 1.239   4.380   -8.251  1.00 31.28 ? 42  ILE A CG2 1 
ATOM   335  C CD1 . ILE A 1 54  ? 0.110   2.158   -6.322  1.00 37.05 ? 42  ILE A CD1 1 
ATOM   336  N N   . ILE A 1 55  ? -0.215  7.107   -9.519  1.00 32.06 ? 43  ILE A N   1 
ATOM   337  C CA  . ILE A 1 55  ? 0.094   7.689   -10.828 1.00 36.14 ? 43  ILE A CA  1 
ATOM   338  C C   . ILE A 1 55  ? 1.365   7.054   -11.343 1.00 37.83 ? 43  ILE A C   1 
ATOM   339  O O   . ILE A 1 55  ? 2.377   7.017   -10.629 1.00 37.38 ? 43  ILE A O   1 
ATOM   340  C CB  . ILE A 1 55  ? 0.317   9.212   -10.708 1.00 38.02 ? 43  ILE A CB  1 
ATOM   341  C CG1 . ILE A 1 55  ? -0.940  9.894   -10.163 1.00 36.55 ? 43  ILE A CG1 1 
ATOM   342  C CG2 . ILE A 1 55  ? 0.732   9.851   -12.050 1.00 42.17 ? 43  ILE A CG2 1 
ATOM   343  C CD1 . ILE A 1 55  ? -0.754  11.408  -10.009 1.00 40.32 ? 43  ILE A CD1 1 
ATOM   344  N N   . GLY A 1 56  ? 1.320   6.568   -12.582 1.00 36.33 ? 44  GLY A N   1 
ATOM   345  C CA  . GLY A 1 56  ? 2.496   6.047   -13.252 1.00 39.86 ? 44  GLY A CA  1 
ATOM   346  C C   . GLY A 1 56  ? 3.560   7.160   -13.359 1.00 43.23 ? 44  GLY A C   1 
ATOM   347  O O   . GLY A 1 56  ? 3.255   8.273   -13.819 1.00 40.80 ? 44  GLY A O   1 
ATOM   348  N N   . PRO A 1 57  ? 4.786   6.888   -12.876 1.00 43.48 ? 45  PRO A N   1 
ATOM   349  C CA  . PRO A 1 57  ? 5.850   7.922   -12.850 1.00 47.67 ? 45  PRO A CA  1 
ATOM   350  C C   . PRO A 1 57  ? 6.308   8.361   -14.248 1.00 48.86 ? 45  PRO A C   1 
ATOM   351  O O   . PRO A 1 57  ? 6.279   7.558   -15.191 1.00 45.00 ? 45  PRO A O   1 
ATOM   352  C CB  . PRO A 1 57  ? 6.995   7.220   -12.114 1.00 48.59 ? 45  PRO A CB  1 
ATOM   353  C CG  . PRO A 1 57  ? 6.334   6.089   -11.356 1.00 47.49 ? 45  PRO A CG  1 
ATOM   354  C CD  . PRO A 1 57  ? 5.250   5.618   -12.296 1.00 43.32 ? 45  PRO A CD  1 
ATOM   355  N N   . PRO A 1 58  ? 6.702   9.640   -14.399 1.00 54.55 ? 46  PRO A N   1 
ATOM   356  C CA  . PRO A 1 58  ? 7.234   10.110  -15.696 1.00 56.76 ? 46  PRO A CA  1 
ATOM   357  C C   . PRO A 1 58  ? 8.500   9.358   -16.186 1.00 58.49 ? 46  PRO A C   1 
ATOM   358  O O   . PRO A 1 58  ? 9.227   8.762   -15.392 1.00 58.45 ? 46  PRO A O   1 
ATOM   359  C CB  . PRO A 1 58  ? 7.508   11.601  -15.458 1.00 57.75 ? 46  PRO A CB  1 
ATOM   360  C CG  . PRO A 1 58  ? 7.587   11.761  -13.966 1.00 57.76 ? 46  PRO A CG  1 
ATOM   361  C CD  . PRO A 1 58  ? 6.673   10.713  -13.386 1.00 56.79 ? 46  PRO A CD  1 
ATOM   362  N N   . ASP A 1 59  ? 8.705   9.343   -17.503 1.00 60.98 ? 47  ASP A N   1 
ATOM   363  C CA  . ASP A 1 59  ? 9.851   8.675   -18.137 1.00 62.72 ? 47  ASP A CA  1 
ATOM   364  C C   . ASP A 1 59  ? 9.999   7.205   -17.712 1.00 61.29 ? 47  ASP A C   1 
ATOM   365  O O   . ASP A 1 59  ? 11.121  6.692   -17.570 1.00 61.38 ? 47  ASP A O   1 
ATOM   366  C CB  . ASP A 1 59  ? 11.169  9.471   -17.935 1.00 64.44 ? 47  ASP A CB  1 
ATOM   367  C CG  . ASP A 1 59  ? 12.315  8.972   -18.845 1.00 70.27 ? 47  ASP A CG  1 
ATOM   368  O OD1 . ASP A 1 59  ? 12.039  8.352   -19.900 1.00 73.25 ? 47  ASP A OD1 1 
ATOM   369  O OD2 . ASP A 1 59  ? 13.499  9.191   -18.498 1.00 72.50 ? 47  ASP A OD2 1 
ATOM   370  N N   . THR A 1 60  ? 8.857   6.540   -17.508 1.00 58.02 ? 48  THR A N   1 
ATOM   371  C CA  . THR A 1 60  ? 8.826   5.102   -17.289 1.00 53.75 ? 48  THR A CA  1 
ATOM   372  C C   . THR A 1 60  ? 7.810   4.473   -18.217 1.00 52.97 ? 48  THR A C   1 
ATOM   373  O O   . THR A 1 60  ? 7.024   5.153   -18.845 1.00 53.54 ? 48  THR A O   1 
ATOM   374  C CB  . THR A 1 60  ? 8.416   4.740   -15.842 1.00 54.51 ? 48  THR A CB  1 
ATOM   375  O OG1 . THR A 1 60  ? 7.029   5.069   -15.641 1.00 52.20 ? 48  THR A OG1 1 
ATOM   376  C CG2 . THR A 1 60  ? 9.283   5.497   -14.815 1.00 53.08 ? 48  THR A CG2 1 
ATOM   377  N N   . LEU A 1 61  ? 7.858   3.159   -18.293 1.00 51.95 ? 49  LEU A N   1 
ATOM   378  C CA  . LEU A 1 61  ? 6.808   2.314   -18.839 1.00 52.52 ? 49  LEU A CA  1 
ATOM   379  C C   . LEU A 1 61  ? 5.366   2.767   -18.513 1.00 50.97 ? 49  LEU A C   1 
ATOM   380  O O   . LEU A 1 61  ? 4.438   2.486   -19.290 1.00 50.35 ? 49  LEU A O   1 
ATOM   381  C CB  . LEU A 1 61  ? 7.028   0.936   -18.207 1.00 54.49 ? 49  LEU A CB  1 
ATOM   382  C CG  . LEU A 1 61  ? 6.851   -0.381  -18.933 1.00 57.83 ? 49  LEU A CG  1 
ATOM   383  C CD1 . LEU A 1 61  ? 5.473   -0.987  -18.690 1.00 57.56 ? 49  LEU A CD1 1 
ATOM   384  C CD2 . LEU A 1 61  ? 7.128   -0.103  -20.413 1.00 65.43 ? 49  LEU A CD2 1 
ATOM   385  N N   . TYR A 1 62  ? 5.183   3.445   -17.367 1.00 45.92 ? 50  TYR A N   1 
ATOM   386  C CA  . TYR A 1 62  ? 3.845   3.649   -16.764 1.00 42.67 ? 50  TYR A CA  1 
ATOM   387  C C   . TYR A 1 62  ? 3.370   5.064   -16.931 1.00 42.21 ? 50  TYR A C   1 
ATOM   388  O O   . TYR A 1 62  ? 2.273   5.410   -16.505 1.00 37.14 ? 50  TYR A O   1 
ATOM   389  C CB  . TYR A 1 62  ? 3.857   3.301   -15.253 1.00 41.16 ? 50  TYR A CB  1 
ATOM   390  C CG  . TYR A 1 62  ? 4.486   1.969   -15.028 1.00 34.75 ? 50  TYR A CG  1 
ATOM   391  C CD1 . TYR A 1 62  ? 5.796   1.866   -14.612 1.00 33.98 ? 50  TYR A CD1 1 
ATOM   392  C CD2 . TYR A 1 62  ? 3.791   0.814   -15.319 1.00 38.93 ? 50  TYR A CD2 1 
ATOM   393  C CE1 . TYR A 1 62  ? 6.384   0.641   -14.464 1.00 34.46 ? 50  TYR A CE1 1 
ATOM   394  C CE2 . TYR A 1 62  ? 4.368   -0.417  -15.164 1.00 34.74 ? 50  TYR A CE2 1 
ATOM   395  C CZ  . TYR A 1 62  ? 5.662   -0.492  -14.744 1.00 36.76 ? 50  TYR A CZ  1 
ATOM   396  O OH  . TYR A 1 62  ? 6.228   -1.742  -14.648 1.00 40.89 ? 50  TYR A OH  1 
ATOM   397  N N   . GLU A 1 63  ? 4.211   5.901   -17.534 1.00 41.63 ? 51  GLU A N   1 
ATOM   398  C CA  . GLU A 1 63  ? 3.866   7.287   -17.664 1.00 43.05 ? 51  GLU A CA  1 
ATOM   399  C C   . GLU A 1 63  ? 2.553   7.411   -18.437 1.00 40.25 ? 51  GLU A C   1 
ATOM   400  O O   . GLU A 1 63  ? 2.321   6.651   -19.394 1.00 44.78 ? 51  GLU A O   1 
ATOM   401  C CB  . GLU A 1 63  ? 4.986   8.019   -18.409 1.00 48.72 ? 51  GLU A CB  1 
ATOM   402  C CG  . GLU A 1 63  ? 4.615   9.430   -18.768 1.00 50.11 ? 51  GLU A CG  1 
ATOM   403  C CD  . GLU A 1 63  ? 5.807   10.215  -19.277 1.00 60.14 ? 51  GLU A CD  1 
ATOM   404  O OE1 . GLU A 1 63  ? 5.811   11.438  -19.017 1.00 61.89 ? 51  GLU A OE1 1 
ATOM   405  O OE2 . GLU A 1 63  ? 6.721   9.605   -19.902 1.00 54.96 ? 51  GLU A OE2 1 
ATOM   406  N N   . GLY A 1 64  ? 1.707   8.339   -18.019 1.00 38.84 ? 52  GLY A N   1 
ATOM   407  C CA  . GLY A 1 64  ? 0.345   8.460   -18.559 1.00 43.34 ? 52  GLY A CA  1 
ATOM   408  C C   . GLY A 1 64  ? -0.673  7.541   -17.880 1.00 46.16 ? 52  GLY A C   1 
ATOM   409  O O   . GLY A 1 64  ? -1.889  7.782   -17.967 1.00 45.26 ? 52  GLY A O   1 
ATOM   410  N N   . GLY A 1 65  ? -0.180  6.484   -17.226 1.00 44.65 ? 53  GLY A N   1 
ATOM   411  C CA  . GLY A 1 65  ? -1.035  5.540   -16.487 1.00 41.33 ? 53  GLY A CA  1 
ATOM   412  C C   . GLY A 1 65  ? -1.497  5.978   -15.098 1.00 39.04 ? 53  GLY A C   1 
ATOM   413  O O   . GLY A 1 65  ? -0.880  6.819   -14.439 1.00 37.92 ? 53  GLY A O   1 
ATOM   414  N N   . VAL A 1 66  ? -2.600  5.393   -14.644 1.00 36.25 ? 54  VAL A N   1 
ATOM   415  C CA  . VAL A 1 66  ? -3.092  5.598   -13.291 1.00 34.38 ? 54  VAL A CA  1 
ATOM   416  C C   . VAL A 1 66  ? -3.659  4.238   -12.879 1.00 36.67 ? 54  VAL A C   1 
ATOM   417  O O   . VAL A 1 66  ? -4.244  3.527   -13.718 1.00 36.37 ? 54  VAL A O   1 
ATOM   418  C CB  . VAL A 1 66  ? -4.101  6.751   -13.181 1.00 34.10 ? 54  VAL A CB  1 
ATOM   419  C CG1 . VAL A 1 66  ? -5.245  6.568   -14.193 1.00 38.04 ? 54  VAL A CG1 1 
ATOM   420  C CG2 . VAL A 1 66  ? -4.647  6.870   -11.728 1.00 33.16 ? 54  VAL A CG2 1 
ATOM   421  N N   . PHE A 1 67  ? -3.398  3.831   -11.635 1.00 33.68 ? 55  PHE A N   1 
ATOM   422  C CA  . PHE A 1 67  ? -3.602  2.429   -11.210 1.00 32.63 ? 55  PHE A CA  1 
ATOM   423  C C   . PHE A 1 67  ? -4.260  2.379   -9.848  1.00 34.75 ? 55  PHE A C   1 
ATOM   424  O O   . PHE A 1 67  ? -3.887  3.141   -8.959  1.00 35.88 ? 55  PHE A O   1 
ATOM   425  C CB  . PHE A 1 67  ? -2.262  1.709   -11.126 1.00 32.60 ? 55  PHE A CB  1 
ATOM   426  C CG  . PHE A 1 67  ? -1.494  1.737   -12.411 1.00 36.22 ? 55  PHE A CG  1 
ATOM   427  C CD1 . PHE A 1 67  ? -1.683  0.737   -13.358 1.00 32.15 ? 55  PHE A CD1 1 
ATOM   428  C CD2 . PHE A 1 67  ? -0.628  2.779   -12.695 1.00 34.48 ? 55  PHE A CD2 1 
ATOM   429  C CE1 . PHE A 1 67  ? -0.993  0.760   -14.578 1.00 40.96 ? 55  PHE A CE1 1 
ATOM   430  C CE2 . PHE A 1 67  ? 0.059   2.820   -13.900 1.00 36.12 ? 55  PHE A CE2 1 
ATOM   431  C CZ  . PHE A 1 67  ? -0.126  1.810   -14.851 1.00 35.75 ? 55  PHE A CZ  1 
ATOM   432  N N   . LYS A 1 68  ? -5.217  1.468   -9.679  1.00 33.46 ? 56  LYS A N   1 
ATOM   433  C CA  . LYS A 1 68  ? -5.847  1.229   -8.376  1.00 32.79 ? 56  LYS A CA  1 
ATOM   434  C C   . LYS A 1 68  ? -5.267  -0.059  -7.823  1.00 30.68 ? 56  LYS A C   1 
ATOM   435  O O   . LYS A 1 68  ? -5.189  -1.075  -8.529  1.00 29.66 ? 56  LYS A O   1 
ATOM   436  C CB  . LYS A 1 68  ? -7.363  1.120   -8.461  1.00 32.31 ? 56  LYS A CB  1 
ATOM   437  C CG  . LYS A 1 68  ? -8.036  1.104   -7.076  1.00 31.60 ? 56  LYS A CG  1 
ATOM   438  C CD  . LYS A 1 68  ? -9.568  1.049   -7.162  1.00 36.11 ? 56  LYS A CD  1 
ATOM   439  C CE  . LYS A 1 68  ? -10.003 -0.387  -7.510  1.00 44.10 ? 56  LYS A CE  1 
ATOM   440  N NZ  . LYS A 1 68  ? -11.493 -0.583  -7.507  1.00 47.44 ? 56  LYS A NZ  1 
ATOM   441  N N   . ALA A 1 69  ? -4.853  -0.010  -6.561  1.00 29.49 ? 57  ALA A N   1 
ATOM   442  C CA  . ALA A 1 69  ? -4.409  -1.241  -5.867  1.00 29.61 ? 57  ALA A CA  1 
ATOM   443  C C   . ALA A 1 69  ? -5.200  -1.343  -4.593  1.00 30.04 ? 57  ALA A C   1 
ATOM   444  O O   . ALA A 1 69  ? -5.703  -0.353  -4.105  1.00 30.81 ? 57  ALA A O   1 
ATOM   445  C CB  . ALA A 1 69  ? -2.906  -1.227  -5.569  1.00 27.39 ? 57  ALA A CB  1 
ATOM   446  N N   . HIS A 1 70  ? -5.331  -2.557  -4.064  1.00 31.16 ? 58  HIS A N   1 
ATOM   447  C CA  . HIS A 1 70  ? -5.982  -2.736  -2.763  1.00 31.49 ? 58  HIS A CA  1 
ATOM   448  C C   . HIS A 1 70  ? -4.909  -3.064  -1.770  1.00 31.42 ? 58  HIS A C   1 
ATOM   449  O O   . HIS A 1 70  ? -4.022  -3.824  -2.085  1.00 33.76 ? 58  HIS A O   1 
ATOM   450  C CB  . HIS A 1 70  ? -6.981  -3.891  -2.854  1.00 32.27 ? 58  HIS A CB  1 
ATOM   451  C CG  . HIS A 1 70  ? -8.293  -3.477  -3.454  1.00 34.70 ? 58  HIS A CG  1 
ATOM   452  N ND1 . HIS A 1 70  ? -9.282  -4.375  -3.785  1.00 35.73 ? 58  HIS A ND1 1 
ATOM   453  C CD2 . HIS A 1 70  ? -8.767  -2.249  -3.789  1.00 33.03 ? 58  HIS A CD2 1 
ATOM   454  C CE1 . HIS A 1 70  ? -10.329 -3.714  -4.267  1.00 36.64 ? 58  HIS A CE1 1 
ATOM   455  N NE2 . HIS A 1 70  ? -10.041 -2.418  -4.277  1.00 36.39 ? 58  HIS A NE2 1 
ATOM   456  N N   . LEU A 1 71  ? -4.974  -2.473  -0.593  1.00 31.45 ? 59  LEU A N   1 
ATOM   457  C CA  . LEU A 1 71  ? -3.984  -2.754  0.464   1.00 33.31 ? 59  LEU A CA  1 
ATOM   458  C C   . LEU A 1 71  ? -4.805  -3.303  1.641   1.00 31.90 ? 59  LEU A C   1 
ATOM   459  O O   . LEU A 1 71  ? -5.645  -2.610  2.154   1.00 29.28 ? 59  LEU A O   1 
ATOM   460  C CB  . LEU A 1 71  ? -3.241  -1.467  0.862   1.00 31.13 ? 59  LEU A CB  1 
ATOM   461  C CG  . LEU A 1 71  ? -2.106  -1.551  1.890   1.00 35.14 ? 59  LEU A CG  1 
ATOM   462  C CD1 . LEU A 1 71  ? -0.980  -2.483  1.391   1.00 31.19 ? 59  LEU A CD1 1 
ATOM   463  C CD2 . LEU A 1 71  ? -1.560  -0.121  2.151   1.00 29.26 ? 59  LEU A CD2 1 
ATOM   464  N N   . THR A 1 72  ? -4.607  -4.568  2.003   1.00 32.80 ? 60  THR A N   1 
ATOM   465  C CA  . THR A 1 72  ? -5.514  -5.208  2.964   1.00 32.75 ? 60  THR A CA  1 
ATOM   466  C C   . THR A 1 72  ? -4.719  -5.624  4.194   1.00 31.78 ? 60  THR A C   1 
ATOM   467  O O   . THR A 1 72  ? -3.739  -6.373  4.083   1.00 32.29 ? 60  THR A O   1 
ATOM   468  C CB  . THR A 1 72  ? -6.212  -6.420  2.320   1.00 36.13 ? 60  THR A CB  1 
ATOM   469  O OG1 . THR A 1 72  ? -6.971  -5.953  1.193   1.00 36.79 ? 60  THR A OG1 1 
ATOM   470  C CG2 . THR A 1 72  ? -7.189  -7.140  3.322   1.00 38.12 ? 60  THR A CG2 1 
ATOM   471  N N   . PHE A 1 73  ? -5.086  -5.058  5.341   1.00 31.93 ? 61  PHE A N   1 
ATOM   472  C CA  . PHE A 1 73  ? -4.335  -5.283  6.568   1.00 33.09 ? 61  PHE A CA  1 
ATOM   473  C C   . PHE A 1 73  ? -4.886  -6.518  7.324   1.00 36.26 ? 61  PHE A C   1 
ATOM   474  O O   . PHE A 1 73  ? -6.095  -6.703  7.424   1.00 37.66 ? 61  PHE A O   1 
ATOM   475  C CB  . PHE A 1 73  ? -4.376  -4.037  7.462   1.00 30.77 ? 61  PHE A CB  1 
ATOM   476  C CG  . PHE A 1 73  ? -3.672  -2.815  6.861   1.00 32.17 ? 61  PHE A CG  1 
ATOM   477  C CD1 . PHE A 1 73  ? -4.348  -1.957  5.970   1.00 31.88 ? 61  PHE A CD1 1 
ATOM   478  C CD2 . PHE A 1 73  ? -2.341  -2.534  7.182   1.00 32.77 ? 61  PHE A CD2 1 
ATOM   479  C CE1 . PHE A 1 73  ? -3.694  -0.820  5.416   1.00 29.92 ? 61  PHE A CE1 1 
ATOM   480  C CE2 . PHE A 1 73  ? -1.687  -1.416  6.657   1.00 33.94 ? 61  PHE A CE2 1 
ATOM   481  C CZ  . PHE A 1 73  ? -2.377  -0.554  5.751   1.00 30.09 ? 61  PHE A CZ  1 
ATOM   482  N N   . PRO A 1 74  ? -3.995  -7.378  7.822   1.00 37.50 ? 62  PRO A N   1 
ATOM   483  C CA  . PRO A 1 74  ? -4.425  -8.551  8.620   1.00 39.95 ? 62  PRO A CA  1 
ATOM   484  C C   . PRO A 1 74  ? -4.942  -8.071  9.979   1.00 40.31 ? 62  PRO A C   1 
ATOM   485  O O   . PRO A 1 74  ? -4.406  -7.110  10.506  1.00 42.27 ? 62  PRO A O   1 
ATOM   486  C CB  . PRO A 1 74  ? -3.124  -9.324  8.807   1.00 38.37 ? 62  PRO A CB  1 
ATOM   487  C CG  . PRO A 1 74  ? -2.054  -8.291  8.742   1.00 42.40 ? 62  PRO A CG  1 
ATOM   488  C CD  . PRO A 1 74  ? -2.536  -7.266  7.727   1.00 36.36 ? 62  PRO A CD  1 
ATOM   489  N N   . LYS A 1 75  ? -5.967  -8.708  10.536  1.00 42.20 ? 63  LYS A N   1 
ATOM   490  C CA  . LYS A 1 75  ? -6.497  -8.327  11.861  1.00 41.71 ? 63  LYS A CA  1 
ATOM   491  C C   . LYS A 1 75  ? -5.479  -8.277  13.022  1.00 41.43 ? 63  LYS A C   1 
ATOM   492  O O   . LYS A 1 75  ? -5.751  -7.643  14.030  1.00 43.01 ? 63  LYS A O   1 
ATOM   493  C CB  . LYS A 1 75  ? -7.731  -9.152  12.252  1.00 45.08 ? 63  LYS A CB  1 
ATOM   494  C CG  . LYS A 1 75  ? -8.955  -8.991  11.344  1.00 48.06 ? 63  LYS A CG  1 
ATOM   495  C CD  . LYS A 1 75  ? -9.615  -7.618  11.459  1.00 53.96 ? 63  LYS A CD  1 
ATOM   496  C CE  . LYS A 1 75  ? -10.582 -7.448  10.293  1.00 60.30 ? 63  LYS A CE  1 
ATOM   497  N NZ  . LYS A 1 75  ? -11.651 -6.476  10.603  1.00 67.26 ? 63  LYS A NZ  1 
ATOM   498  N N   . ASP A 1 76  ? -4.318  -8.900  12.872  1.00 40.71 ? 64  ASP A N   1 
ATOM   499  C CA  . ASP A 1 76  ? -3.236  -8.749  13.841  1.00 45.29 ? 64  ASP A CA  1 
ATOM   500  C C   . ASP A 1 76  ? -2.136  -7.762  13.435  1.00 45.63 ? 64  ASP A C   1 
ATOM   501  O O   . ASP A 1 76  ? -1.026  -7.786  13.956  1.00 45.95 ? 64  ASP A O   1 
ATOM   502  C CB  . ASP A 1 76  ? -2.632  -10.121 14.231  1.00 48.91 ? 64  ASP A CB  1 
ATOM   503  C CG  . ASP A 1 76  ? -2.201  -10.950 13.029  1.00 58.07 ? 64  ASP A CG  1 
ATOM   504  O OD1 . ASP A 1 76  ? -2.837  -10.833 11.950  1.00 61.92 ? 64  ASP A OD1 1 
ATOM   505  O OD2 . ASP A 1 76  ? -1.229  -11.742 13.178  1.00 59.89 ? 64  ASP A OD2 1 
ATOM   506  N N   . TYR A 1 77  ? -2.447  -6.868  12.513  1.00 43.35 ? 65  TYR A N   1 
ATOM   507  C CA  . TYR A 1 77  ? -1.571  -5.754  12.236  1.00 40.71 ? 65  TYR A CA  1 
ATOM   508  C C   . TYR A 1 77  ? -1.392  -4.928  13.520  1.00 42.37 ? 65  TYR A C   1 
ATOM   509  O O   . TYR A 1 77  ? -2.360  -4.763  14.255  1.00 41.92 ? 65  TYR A O   1 
ATOM   510  C CB  . TYR A 1 77  ? -2.242  -4.918  11.147  1.00 39.12 ? 65  TYR A CB  1 
ATOM   511  C CG  . TYR A 1 77  ? -1.536  -3.657  10.829  1.00 36.59 ? 65  TYR A CG  1 
ATOM   512  C CD1 . TYR A 1 77  ? -0.451  -3.643  9.955   1.00 36.19 ? 65  TYR A CD1 1 
ATOM   513  C CD2 . TYR A 1 77  ? -1.953  -2.462  11.399  1.00 40.54 ? 65  TYR A CD2 1 
ATOM   514  C CE1 . TYR A 1 77  ? 0.199   -2.462  9.661   1.00 36.93 ? 65  TYR A CE1 1 
ATOM   515  C CE2 . TYR A 1 77  ? -1.308  -1.270  11.098  1.00 37.75 ? 65  TYR A CE2 1 
ATOM   516  C CZ  . TYR A 1 77  ? -0.250  -1.284  10.244  1.00 41.42 ? 65  TYR A CZ  1 
ATOM   517  O OH  . TYR A 1 77  ? 0.354   -0.082  9.947   1.00 45.01 ? 65  TYR A OH  1 
ATOM   518  N N   . PRO A 1 78  ? -0.184  -4.352  13.759  1.00 43.77 ? 66  PRO A N   1 
ATOM   519  C CA  . PRO A 1 78  ? 1.019   -4.304  12.892  1.00 41.97 ? 66  PRO A CA  1 
ATOM   520  C C   . PRO A 1 78  ? 2.072   -5.412  12.995  1.00 44.35 ? 66  PRO A C   1 
ATOM   521  O O   . PRO A 1 78  ? 3.169   -5.245  12.455  1.00 41.65 ? 66  PRO A O   1 
ATOM   522  C CB  . PRO A 1 78  ? 1.642   -2.963  13.252  1.00 41.99 ? 66  PRO A CB  1 
ATOM   523  C CG  . PRO A 1 78  ? 1.283   -2.802  14.752  1.00 44.60 ? 66  PRO A CG  1 
ATOM   524  C CD  . PRO A 1 78  ? 0.011   -3.588  15.006  1.00 43.58 ? 66  PRO A CD  1 
ATOM   525  N N   . LEU A 1 79  ? 1.746   -6.538  13.621  1.00 46.18 ? 67  LEU A N   1 
ATOM   526  C CA  . LEU A 1 79  ? 2.727   -7.607  13.757  1.00 49.99 ? 67  LEU A CA  1 
ATOM   527  C C   . LEU A 1 79  ? 2.913   -8.335  12.445  1.00 50.42 ? 67  LEU A C   1 
ATOM   528  O O   . LEU A 1 79  ? 3.989   -8.849  12.170  1.00 52.68 ? 67  LEU A O   1 
ATOM   529  C CB  . LEU A 1 79  ? 2.320   -8.617  14.852  1.00 53.99 ? 67  LEU A CB  1 
ATOM   530  C CG  . LEU A 1 79  ? 2.337   -8.147  16.316  1.00 60.65 ? 67  LEU A CG  1 
ATOM   531  C CD1 . LEU A 1 79  ? 1.648   -9.161  17.225  1.00 67.37 ? 67  LEU A CD1 1 
ATOM   532  C CD2 . LEU A 1 79  ? 3.763   -7.847  16.813  1.00 62.74 ? 67  LEU A CD2 1 
ATOM   533  N N   . ARG A 1 80  ? 1.852   -8.408  11.649  1.00 49.80 ? 68  ARG A N   1 
ATOM   534  C CA  . ARG A 1 80  ? 1.931   -8.974  10.308  1.00 49.66 ? 68  ARG A CA  1 
ATOM   535  C C   . ARG A 1 80  ? 1.704   -7.861  9.254   1.00 48.16 ? 68  ARG A C   1 
ATOM   536  O O   . ARG A 1 80  ? 0.964   -6.896  9.516   1.00 45.60 ? 68  ARG A O   1 
ATOM   537  C CB  . ARG A 1 80  ? 0.920   -10.098 10.157  1.00 51.72 ? 68  ARG A CB  1 
ATOM   538  C CG  . ARG A 1 80  ? 1.167   -11.275 11.103  1.00 59.49 ? 68  ARG A CG  1 
ATOM   539  C CD  . ARG A 1 80  ? 0.567   -12.568 10.568  1.00 68.25 ? 68  ARG A CD  1 
ATOM   540  N NE  . ARG A 1 80  ? 1.461   -13.270 9.645   1.00 78.51 ? 68  ARG A NE  1 
ATOM   541  C CZ  . ARG A 1 80  ? 1.382   -14.569 9.321   1.00 83.93 ? 68  ARG A CZ  1 
ATOM   542  N NH1 . ARG A 1 80  ? 0.438   -15.357 9.842   1.00 84.08 ? 68  ARG A NH1 1 
ATOM   543  N NH2 . ARG A 1 80  ? 2.261   -15.088 8.465   1.00 83.19 ? 68  ARG A NH2 1 
ATOM   544  N N   . PRO A 1 81  ? 2.360   -7.975  8.077   1.00 46.49 ? 69  PRO A N   1 
ATOM   545  C CA  . PRO A 1 81  ? 2.237   -6.920  7.053   1.00 43.53 ? 69  PRO A CA  1 
ATOM   546  C C   . PRO A 1 81  ? 0.906   -6.919  6.277   1.00 42.28 ? 69  PRO A C   1 
ATOM   547  O O   . PRO A 1 81  ? 0.212   -7.945  6.203   1.00 40.28 ? 69  PRO A O   1 
ATOM   548  C CB  . PRO A 1 81  ? 3.403   -7.219  6.104   1.00 43.58 ? 69  PRO A CB  1 
ATOM   549  C CG  . PRO A 1 81  ? 3.519   -8.737  6.147   1.00 47.48 ? 69  PRO A CG  1 
ATOM   550  C CD  . PRO A 1 81  ? 3.264   -9.064  7.630   1.00 45.26 ? 69  PRO A CD  1 
ATOM   551  N N   . PRO A 1 82  ? 0.537   -5.758  5.680   1.00 38.24 ? 70  PRO A N   1 
ATOM   552  C CA  . PRO A 1 82  ? -0.614  -5.852  4.787   1.00 34.36 ? 70  PRO A CA  1 
ATOM   553  C C   . PRO A 1 82  ? -0.226  -6.612  3.508   1.00 35.16 ? 70  PRO A C   1 
ATOM   554  O O   . PRO A 1 82  ? 0.959   -6.810  3.234   1.00 34.91 ? 70  PRO A O   1 
ATOM   555  C CB  . PRO A 1 82  ? -0.910  -4.399  4.452   1.00 33.45 ? 70  PRO A CB  1 
ATOM   556  C CG  . PRO A 1 82  ? 0.455   -3.682  4.573   1.00 34.55 ? 70  PRO A CG  1 
ATOM   557  C CD  . PRO A 1 82  ? 1.144   -4.410  5.717   1.00 37.90 ? 70  PRO A CD  1 
ATOM   558  N N   . LYS A 1 83  ? -1.222  -7.050  2.752   1.00 34.84 ? 71  LYS A N   1 
ATOM   559  C CA  . LYS A 1 83  ? -0.998  -7.574  1.411   1.00 38.56 ? 71  LYS A CA  1 
ATOM   560  C C   . LYS A 1 83  ? -1.448  -6.527  0.361   1.00 35.25 ? 71  LYS A C   1 
ATOM   561  O O   . LYS A 1 83  ? -2.410  -5.818  0.580   1.00 32.03 ? 71  LYS A O   1 
ATOM   562  C CB  . LYS A 1 83  ? -1.758  -8.867  1.205   1.00 40.43 ? 71  LYS A CB  1 
ATOM   563  C CG  . LYS A 1 83  ? -0.940  -10.048 1.746   1.00 54.13 ? 71  LYS A CG  1 
ATOM   564  C CD  . LYS A 1 83  ? -1.756  -11.321 1.880   1.00 64.31 ? 71  LYS A CD  1 
ATOM   565  C CE  . LYS A 1 83  ? -0.882  -12.440 2.462   1.00 68.69 ? 71  LYS A CE  1 
ATOM   566  N NZ  . LYS A 1 83  ? -1.758  -13.495 3.049   1.00 76.03 ? 71  LYS A NZ  1 
ATOM   567  N N   . MET A 1 84  ? -0.744  -6.447  -0.766  1.00 34.65 ? 72  MET A N   1 
ATOM   568  C CA  . MET A 1 84  ? -1.120  -5.456  -1.792  1.00 37.07 ? 72  MET A CA  1 
ATOM   569  C C   . MET A 1 84  ? -1.423  -6.150  -3.110  1.00 37.32 ? 72  MET A C   1 
ATOM   570  O O   . MET A 1 84  ? -0.706  -7.064  -3.506  1.00 38.41 ? 72  MET A O   1 
ATOM   571  C CB  . MET A 1 84  ? 0.013   -4.467  -1.998  1.00 34.60 ? 72  MET A CB  1 
ATOM   572  C CG  . MET A 1 84  ? -0.357  -3.290  -2.936  1.00 37.34 ? 72  MET A CG  1 
ATOM   573  S SD  . MET A 1 84  ? 1.015   -2.160  -2.962  1.00 40.25 ? 72  MET A SD  1 
ATOM   574  C CE  . MET A 1 84  ? 0.253   -0.804  -3.895  1.00 41.07 ? 72  MET A CE  1 
ATOM   575  N N   . LYS A 1 85  ? -2.473  -5.707  -3.780  1.00 35.20 ? 73  LYS A N   1 
ATOM   576  C CA  . LYS A 1 85  ? -2.870  -6.304  -5.041  1.00 38.32 ? 73  LYS A CA  1 
ATOM   577  C C   . LYS A 1 85  ? -3.298  -5.193  -6.002  1.00 33.37 ? 73  LYS A C   1 
ATOM   578  O O   . LYS A 1 85  ? -4.216  -4.442  -5.708  1.00 35.07 ? 73  LYS A O   1 
ATOM   579  C CB  . LYS A 1 85  ? -4.034  -7.266  -4.774  1.00 40.17 ? 73  LYS A CB  1 
ATOM   580  C CG  . LYS A 1 85  ? -4.541  -8.104  -5.928  1.00 41.04 ? 73  LYS A CG  1 
ATOM   581  C CD  . LYS A 1 85  ? -6.017  -8.395  -5.648  1.00 48.12 ? 73  LYS A CD  1 
ATOM   582  C CE  . LYS A 1 85  ? -6.339  -9.868  -5.735  1.00 57.48 ? 73  LYS A CE  1 
ATOM   583  N NZ  . LYS A 1 85  ? -6.789  -10.235 -7.106  1.00 64.85 ? 73  LYS A NZ  1 
ATOM   584  N N   . PHE A 1 86  ? -2.646  -5.112  -7.155  1.00 35.09 ? 74  PHE A N   1 
ATOM   585  C CA  . PHE A 1 86  ? -3.136  -4.199  -8.200  1.00 34.57 ? 74  PHE A CA  1 
ATOM   586  C C   . PHE A 1 86  ? -4.426  -4.730  -8.777  1.00 34.82 ? 74  PHE A C   1 
ATOM   587  O O   . PHE A 1 86  ? -4.531  -5.921  -9.055  1.00 37.21 ? 74  PHE A O   1 
ATOM   588  C CB  . PHE A 1 86  ? -2.091  -4.008  -9.300  1.00 34.84 ? 74  PHE A CB  1 
ATOM   589  C CG  . PHE A 1 86  ? -1.007  -3.009  -8.945  1.00 35.53 ? 74  PHE A CG  1 
ATOM   590  C CD1 . PHE A 1 86  ? 0.203   -3.440  -8.428  1.00 33.61 ? 74  PHE A CD1 1 
ATOM   591  C CD2 . PHE A 1 86  ? -1.207  -1.643  -9.132  1.00 33.82 ? 74  PHE A CD2 1 
ATOM   592  C CE1 . PHE A 1 86  ? 1.196   -2.553  -8.105  1.00 34.50 ? 74  PHE A CE1 1 
ATOM   593  C CE2 . PHE A 1 86  ? -0.211  -0.732  -8.805  1.00 33.93 ? 74  PHE A CE2 1 
ATOM   594  C CZ  . PHE A 1 86  ? 1.006   -1.188  -8.300  1.00 30.58 ? 74  PHE A CZ  1 
ATOM   595  N N   . ILE A 1 87  ? -5.403  -3.852  -8.907  1.00 33.71 ? 75  ILE A N   1 
ATOM   596  C CA  . ILE A 1 87  ? -6.687  -4.139  -9.529  1.00 37.35 ? 75  ILE A CA  1 
ATOM   597  C C   . ILE A 1 87  ? -6.645  -3.706  -11.018 1.00 40.53 ? 75  ILE A C   1 
ATOM   598  O O   . ILE A 1 87  ? -6.875  -4.511  -11.896 1.00 42.12 ? 75  ILE A O   1 
ATOM   599  C CB  . ILE A 1 87  ? -7.829  -3.438  -8.800  1.00 36.48 ? 75  ILE A CB  1 
ATOM   600  C CG1 . ILE A 1 87  ? -7.804  -3.760  -7.281  1.00 37.79 ? 75  ILE A CG1 1 
ATOM   601  C CG2 . ILE A 1 87  ? -9.200  -3.817  -9.415  1.00 40.50 ? 75  ILE A CG2 1 
ATOM   602  C CD1 . ILE A 1 87  ? -7.905  -5.249  -6.930  1.00 37.30 ? 75  ILE A CD1 1 
ATOM   603  N N   . THR A 1 88  ? -6.282  -2.456  -11.289 1.00 40.88 ? 76  THR A N   1 
ATOM   604  C CA  . THR A 1 88  ? -5.911  -2.034  -12.649 1.00 40.35 ? 76  THR A CA  1 
ATOM   605  C C   . THR A 1 88  ? -4.823  -2.929  -13.213 1.00 42.02 ? 76  THR A C   1 
ATOM   606  O O   . THR A 1 88  ? -3.853  -3.226  -12.520 1.00 41.08 ? 76  THR A O   1 
ATOM   607  C CB  . THR A 1 88  ? -5.408  -0.592  -12.643 1.00 39.61 ? 76  THR A CB  1 
ATOM   608  O OG1 . THR A 1 88  ? -6.326  0.200   -11.875 1.00 34.92 ? 76  THR A OG1 1 
ATOM   609  C CG2 . THR A 1 88  ? -5.373  -0.044  -14.076 1.00 40.11 ? 76  THR A CG2 1 
ATOM   610  N N   . GLU A 1 89  ? -4.997  -3.392  -14.453 1.00 42.38 ? 77  GLU A N   1 
ATOM   611  C CA  . GLU A 1 89  ? -3.957  -4.167  -15.157 1.00 45.16 ? 77  GLU A CA  1 
ATOM   612  C C   . GLU A 1 89  ? -2.648  -3.377  -15.217 1.00 41.67 ? 77  GLU A C   1 
ATOM   613  O O   . GLU A 1 89  ? -2.656  -2.170  -15.442 1.00 38.91 ? 77  GLU A O   1 
ATOM   614  C CB  . GLU A 1 89  ? -4.434  -4.507  -16.589 1.00 48.23 ? 77  GLU A CB  1 
ATOM   615  C CG  . GLU A 1 89  ? -3.398  -5.188  -17.537 1.00 50.30 ? 77  GLU A CG  1 
ATOM   616  C CD  . GLU A 1 89  ? -4.017  -5.522  -18.923 1.00 55.00 ? 77  GLU A CD  1 
ATOM   617  O OE1 . GLU A 1 89  ? -3.981  -6.712  -19.326 1.00 61.87 ? 77  GLU A OE1 1 
ATOM   618  O OE2 . GLU A 1 89  ? -4.569  -4.599  -19.592 1.00 63.35 ? 77  GLU A OE2 1 
ATOM   619  N N   . ILE A 1 90  ? -1.541  -4.061  -14.984 1.00 41.91 ? 78  ILE A N   1 
ATOM   620  C CA  . ILE A 1 90  ? -0.224  -3.457  -14.991 1.00 43.16 ? 78  ILE A CA  1 
ATOM   621  C C   . ILE A 1 90  ? 0.741   -4.580  -15.284 1.00 44.96 ? 78  ILE A C   1 
ATOM   622  O O   . ILE A 1 90  ? 0.476   -5.718  -14.894 1.00 48.21 ? 78  ILE A O   1 
ATOM   623  C CB  . ILE A 1 90  ? 0.142   -2.792  -13.605 1.00 43.40 ? 78  ILE A CB  1 
ATOM   624  C CG1 . ILE A 1 90  ? 1.440   -1.977  -13.719 1.00 42.43 ? 78  ILE A CG1 1 
ATOM   625  C CG2 . ILE A 1 90  ? 0.263   -3.832  -12.490 1.00 44.95 ? 78  ILE A CG2 1 
ATOM   626  C CD1 . ILE A 1 90  ? 1.707   -1.050  -12.580 1.00 40.07 ? 78  ILE A CD1 1 
ATOM   627  N N   . TRP A 1 91  ? 1.860   -4.265  -15.941 1.00 44.32 ? 79  TRP A N   1 
ATOM   628  C CA  . TRP A 1 91  ? 2.911   -5.242  -16.146 1.00 43.84 ? 79  TRP A CA  1 
ATOM   629  C C   . TRP A 1 91  ? 4.108   -4.766  -15.326 1.00 42.50 ? 79  TRP A C   1 
ATOM   630  O O   . TRP A 1 91  ? 4.537   -3.614  -15.440 1.00 45.05 ? 79  TRP A O   1 
ATOM   631  C CB  . TRP A 1 91  ? 3.271   -5.432  -17.669 1.00 45.03 ? 79  TRP A CB  1 
ATOM   632  C CG  . TRP A 1 91  ? 4.445   -6.410  -17.849 1.00 42.43 ? 79  TRP A CG  1 
ATOM   633  C CD1 . TRP A 1 91  ? 4.349   -7.732  -18.122 1.00 43.54 ? 79  TRP A CD1 1 
ATOM   634  C CD2 . TRP A 1 91  ? 5.855   -6.138  -17.690 1.00 40.90 ? 79  TRP A CD2 1 
ATOM   635  N NE1 . TRP A 1 91  ? 5.599   -8.307  -18.153 1.00 41.53 ? 79  TRP A NE1 1 
ATOM   636  C CE2 . TRP A 1 91  ? 6.539   -7.359  -17.874 1.00 40.02 ? 79  TRP A CE2 1 
ATOM   637  C CE3 . TRP A 1 91  ? 6.599   -4.986  -17.420 1.00 40.25 ? 79  TRP A CE3 1 
ATOM   638  C CZ2 . TRP A 1 91  ? 7.934   -7.465  -17.810 1.00 41.08 ? 79  TRP A CZ2 1 
ATOM   639  C CZ3 . TRP A 1 91  ? 7.992   -5.086  -17.344 1.00 45.63 ? 79  TRP A CZ3 1 
ATOM   640  C CH2 . TRP A 1 91  ? 8.645   -6.321  -17.536 1.00 43.60 ? 79  TRP A CH2 1 
ATOM   641  N N   . HIS A 1 92  ? 4.610   -5.631  -14.452 1.00 42.42 ? 80  HIS A N   1 
ATOM   642  C CA  . HIS A 1 92  ? 5.822   -5.349  -13.661 1.00 45.27 ? 80  HIS A CA  1 
ATOM   643  C C   . HIS A 1 92  ? 6.350   -6.703  -13.193 1.00 47.17 ? 80  HIS A C   1 
ATOM   644  O O   . HIS A 1 92  ? 5.539   -7.606  -12.925 1.00 45.99 ? 80  HIS A O   1 
ATOM   645  C CB  . HIS A 1 92  ? 5.523   -4.437  -12.443 1.00 45.40 ? 80  HIS A CB  1 
ATOM   646  C CG  . HIS A 1 92  ? 6.755   -3.940  -11.749 1.00 40.55 ? 80  HIS A CG  1 
ATOM   647  N ND1 . HIS A 1 92  ? 7.496   -4.730  -10.893 1.00 40.69 ? 80  HIS A ND1 1 
ATOM   648  C CD2 . HIS A 1 92  ? 7.392   -2.748  -11.807 1.00 43.42 ? 80  HIS A CD2 1 
ATOM   649  C CE1 . HIS A 1 92  ? 8.545   -4.048  -10.463 1.00 46.01 ? 80  HIS A CE1 1 
ATOM   650  N NE2 . HIS A 1 92  ? 8.506   -2.841  -10.999 1.00 43.84 ? 80  HIS A NE2 1 
ATOM   651  N N   . PRO A 1 93  ? 7.689   -6.868  -13.129 1.00 48.94 ? 81  PRO A N   1 
ATOM   652  C CA  . PRO A 1 93  ? 8.268   -8.135  -12.666 1.00 52.25 ? 81  PRO A CA  1 
ATOM   653  C C   . PRO A 1 93  ? 7.849   -8.557  -11.252 1.00 54.77 ? 81  PRO A C   1 
ATOM   654  O O   . PRO A 1 93  ? 7.771   -9.770  -10.992 1.00 57.86 ? 81  PRO A O   1 
ATOM   655  C CB  . PRO A 1 93  ? 9.773   -7.873  -12.687 1.00 52.24 ? 81  PRO A CB  1 
ATOM   656  C CG  . PRO A 1 93  ? 9.961   -6.775  -13.666 1.00 52.89 ? 81  PRO A CG  1 
ATOM   657  C CD  . PRO A 1 93  ? 8.738   -5.909  -13.515 1.00 51.20 ? 81  PRO A CD  1 
ATOM   658  N N   . ASN A 1 94  ? 7.574   -7.592  -10.364 1.00 54.88 ? 82  ASN A N   1 
ATOM   659  C CA  . ASN A 1 94  ? 7.190   -7.875  -8.955  1.00 52.31 ? 82  ASN A CA  1 
ATOM   660  C C   . ASN A 1 94  ? 5.705   -8.010  -8.752  1.00 52.69 ? 82  ASN A C   1 
ATOM   661  O O   . ASN A 1 94  ? 5.240   -8.101  -7.615  1.00 54.58 ? 82  ASN A O   1 
ATOM   662  C CB  . ASN A 1 94  ? 7.694   -6.771  -8.021  1.00 53.52 ? 82  ASN A CB  1 
ATOM   663  C CG  . ASN A 1 94  ? 9.184   -6.715  -7.952  1.00 58.30 ? 82  ASN A CG  1 
ATOM   664  O OD1 . ASN A 1 94  ? 9.849   -7.739  -8.030  1.00 65.94 ? 82  ASN A OD1 1 
ATOM   665  N ND2 . ASN A 1 94  ? 9.733   -5.515  -7.814  1.00 64.12 ? 82  ASN A ND2 1 
ATOM   666  N N   . VAL A 1 95  ? 4.945   -8.001  -9.842  1.00 50.41 ? 83  VAL A N   1 
ATOM   667  C CA  . VAL A 1 95  ? 3.515   -8.094  -9.750  1.00 49.55 ? 83  VAL A CA  1 
ATOM   668  C C   . VAL A 1 95  ? 3.041   -9.310  -10.510 1.00 53.49 ? 83  VAL A C   1 
ATOM   669  O O   . VAL A 1 95  ? 3.160   -9.364  -11.738 1.00 53.58 ? 83  VAL A O   1 
ATOM   670  C CB  . VAL A 1 95  ? 2.814   -6.840  -10.333 1.00 47.36 ? 83  VAL A CB  1 
ATOM   671  C CG1 . VAL A 1 95  ? 1.313   -7.012  -10.302 1.00 44.50 ? 83  VAL A CG1 1 
ATOM   672  C CG2 . VAL A 1 95  ? 3.248   -5.568  -9.590  1.00 39.88 ? 83  VAL A CG2 1 
ATOM   673  N N   . ASP A 1 96  ? 2.459   -10.271 -9.803  1.00 56.15 ? 84  ASP A N   1 
ATOM   674  C CA  . ASP A 1 96  ? 2.016   -11.465 -10.489 1.00 59.85 ? 84  ASP A CA  1 
ATOM   675  C C   . ASP A 1 96  ? 0.715   -11.275 -11.266 1.00 61.66 ? 84  ASP A C   1 
ATOM   676  O O   . ASP A 1 96  ? 0.138   -10.171 -11.300 1.00 60.06 ? 84  ASP A O   1 
ATOM   677  C CB  . ASP A 1 96  ? 2.098   -12.733 -9.597  1.00 62.92 ? 84  ASP A CB  1 
ATOM   678  C CG  . ASP A 1 96  ? 0.872   -12.965 -8.712  1.00 66.87 ? 84  ASP A CG  1 
ATOM   679  O OD1 . ASP A 1 96  ? -0.240  -12.489 -9.022  1.00 72.14 ? 84  ASP A OD1 1 
ATOM   680  O OD2 . ASP A 1 96  ? 1.030   -13.679 -7.695  1.00 69.88 ? 84  ASP A OD2 1 
ATOM   681  N N   . LYS A 1 97  ? 0.266   -12.352 -11.896 1.00 61.43 ? 85  LYS A N   1 
ATOM   682  C CA  . LYS A 1 97  ? -0.808  -12.312 -12.868 1.00 62.43 ? 85  LYS A CA  1 
ATOM   683  C C   . LYS A 1 97  ? -2.134  -12.091 -12.181 1.00 60.82 ? 85  LYS A C   1 
ATOM   684  O O   . LYS A 1 97  ? -3.103  -11.665 -12.817 1.00 61.17 ? 85  LYS A O   1 
ATOM   685  C CB  . LYS A 1 97  ? -0.836  -13.625 -13.680 1.00 66.96 ? 85  LYS A CB  1 
ATOM   686  C CG  . LYS A 1 97  ? 0.546   -14.085 -14.247 1.00 71.15 ? 85  LYS A CG  1 
ATOM   687  C CD  . LYS A 1 97  ? 1.552   -14.544 -13.159 1.00 78.14 ? 85  LYS A CD  1 
ATOM   688  C CE  . LYS A 1 97  ? 0.999   -15.688 -12.276 1.00 84.58 ? 85  LYS A CE  1 
ATOM   689  N NZ  . LYS A 1 97  ? 0.733   -16.962 -13.030 1.00 85.39 ? 85  LYS A NZ  1 
ATOM   690  N N   . ASN A 1 98  ? -2.184  -12.373 -10.877 1.00 59.18 ? 86  ASN A N   1 
ATOM   691  C CA  . ASN A 1 98  ? -3.389  -12.076 -10.078 1.00 60.14 ? 86  ASN A CA  1 
ATOM   692  C C   . ASN A 1 98  ? -3.405  -10.599 -9.675  1.00 56.53 ? 86  ASN A C   1 
ATOM   693  O O   . ASN A 1 98  ? -4.439  -10.061 -9.271  1.00 55.88 ? 86  ASN A O   1 
ATOM   694  C CB  . ASN A 1 98  ? -3.456  -12.954 -8.822  1.00 60.01 ? 86  ASN A CB  1 
ATOM   695  C CG  . ASN A 1 98  ? -3.213  -14.422 -9.120  1.00 69.33 ? 86  ASN A CG  1 
ATOM   696  O OD1 . ASN A 1 98  ? -2.435  -15.080 -8.423  1.00 75.56 ? 86  ASN A OD1 1 
ATOM   697  N ND2 . ASN A 1 98  ? -3.862  -14.943 -10.170 1.00 69.61 ? 86  ASN A ND2 1 
ATOM   698  N N   . GLY A 1 99  ? -2.241  -9.969  -9.781  1.00 52.57 ? 87  GLY A N   1 
ATOM   699  C CA  . GLY A 1 99  ? -2.064  -8.582  -9.357  1.00 50.77 ? 87  GLY A CA  1 
ATOM   700  C C   . GLY A 1 99  ? -1.293  -8.444  -8.053  1.00 47.76 ? 87  GLY A C   1 
ATOM   701  O O   . GLY A 1 99  ? -0.933  -7.321  -7.659  1.00 43.22 ? 87  GLY A O   1 
ATOM   702  N N   . ASP A 1 100 ? -1.046  -9.571  -7.372  1.00 47.69 ? 88  ASP A N   1 
ATOM   703  C CA  . ASP A 1 100 ? -0.402  -9.535  -6.043  1.00 46.90 ? 88  ASP A CA  1 
ATOM   704  C C   . ASP A 1 100 ? 1.010   -9.022  -6.153  1.00 45.60 ? 88  ASP A C   1 
ATOM   705  O O   . ASP A 1 100 ? 1.759   -9.402  -7.058  1.00 47.00 ? 88  ASP A O   1 
ATOM   706  C CB  . ASP A 1 100 ? -0.420  -10.898 -5.330  1.00 51.12 ? 88  ASP A CB  1 
ATOM   707  C CG  . ASP A 1 100 ? -1.810  -11.504 -5.252  1.00 55.34 ? 88  ASP A CG  1 
ATOM   708  O OD1 . ASP A 1 100 ? -2.777  -10.805 -4.895  1.00 59.75 ? 88  ASP A OD1 1 
ATOM   709  O OD2 . ASP A 1 100 ? -1.937  -12.704 -5.561  1.00 67.24 ? 88  ASP A OD2 1 
ATOM   710  N N   . VAL A 1 101 ? 1.362   -8.141  -5.230  1.00 42.60 ? 89  VAL A N   1 
ATOM   711  C CA  . VAL A 1 101 ? 2.632   -7.452  -5.248  1.00 42.32 ? 89  VAL A CA  1 
ATOM   712  C C   . VAL A 1 101 ? 3.609   -8.218  -4.340  1.00 46.96 ? 89  VAL A C   1 
ATOM   713  O O   . VAL A 1 101 ? 3.310   -8.501  -3.168  1.00 45.72 ? 89  VAL A O   1 
ATOM   714  C CB  . VAL A 1 101 ? 2.473   -6.008  -4.757  1.00 41.70 ? 89  VAL A CB  1 
ATOM   715  C CG1 . VAL A 1 101 ? 3.786   -5.274  -4.745  1.00 39.97 ? 89  VAL A CG1 1 
ATOM   716  C CG2 . VAL A 1 101 ? 1.395   -5.246  -5.596  1.00 36.72 ? 89  VAL A CG2 1 
ATOM   717  N N   . CYS A 1 102 ? 4.769   -8.529  -4.895  1.00 49.62 ? 90  CYS A N   1 
ATOM   718  C CA  . CYS A 1 102 ? 5.795   -9.286  -4.238  1.00 51.82 ? 90  CYS A CA  1 
ATOM   719  C C   . CYS A 1 102 ? 7.004   -8.371  -4.053  1.00 52.26 ? 90  CYS A C   1 
ATOM   720  O O   . CYS A 1 102 ? 7.774   -8.099  -4.986  1.00 53.06 ? 90  CYS A O   1 
ATOM   721  C CB  . CYS A 1 102 ? 6.118   -10.502 -5.110  1.00 56.69 ? 90  CYS A CB  1 
ATOM   722  S SG  . CYS A 1 102 ? 6.977   -11.801 -4.234  1.00 65.23 ? 90  CYS A SG  1 
ATOM   723  N N   . ILE A 1 103 ? 7.134   -7.860  -2.842  1.00 49.18 ? 91  ILE A N   1 
ATOM   724  C CA  . ILE A 1 103 ? 8.003   -6.747  -2.546  1.00 50.03 ? 91  ILE A CA  1 
ATOM   725  C C   . ILE A 1 103 ? 8.487   -7.097  -1.147  1.00 49.47 ? 91  ILE A C   1 
ATOM   726  O O   . ILE A 1 103 ? 7.712   -7.637  -0.350  1.00 45.47 ? 91  ILE A O   1 
ATOM   727  C CB  . ILE A 1 103 ? 7.164   -5.431  -2.586  1.00 50.78 ? 91  ILE A CB  1 
ATOM   728  C CG1 . ILE A 1 103 ? 7.956   -4.180  -2.298  1.00 54.26 ? 91  ILE A CG1 1 
ATOM   729  C CG2 . ILE A 1 103 ? 5.973   -5.454  -1.609  1.00 53.24 ? 91  ILE A CG2 1 
ATOM   730  C CD1 . ILE A 1 103 ? 6.991   -2.976  -2.041  1.00 51.65 ? 91  ILE A CD1 1 
ATOM   731  N N   . SER A 1 104 ? 9.756   -6.822  -0.849  1.00 49.44 ? 92  SER A N   1 
ATOM   732  C CA  . SER A 1 104 ? 10.350  -7.365  0.376   1.00 51.65 ? 92  SER A CA  1 
ATOM   733  C C   . SER A 1 104 ? 9.893   -6.663  1.659   1.00 51.96 ? 92  SER A C   1 
ATOM   734  O O   . SER A 1 104 ? 9.773   -7.327  2.696   1.00 53.02 ? 92  SER A O   1 
ATOM   735  C CB  . SER A 1 104 ? 11.875  -7.492  0.271   1.00 51.88 ? 92  SER A CB  1 
ATOM   736  O OG  . SER A 1 104 ? 12.474  -6.231  0.083   1.00 55.72 ? 92  SER A OG  1 
ATOM   737  N N   . ILE A 1 105 ? 9.584   -5.362  1.587   1.00 49.82 ? 93  ILE A N   1 
ATOM   738  C CA  . ILE A 1 105 ? 8.959   -4.640  2.727   1.00 49.01 ? 93  ILE A CA  1 
ATOM   739  C C   . ILE A 1 105 ? 7.683   -5.326  3.301   1.00 48.21 ? 93  ILE A C   1 
ATOM   740  O O   . ILE A 1 105 ? 7.307   -5.110  4.457   1.00 49.01 ? 93  ILE A O   1 
ATOM   741  C CB  . ILE A 1 105 ? 8.692   -3.136  2.388   1.00 49.48 ? 93  ILE A CB  1 
ATOM   742  C CG1 . ILE A 1 105 ? 8.472   -2.310  3.646   1.00 50.90 ? 93  ILE A CG1 1 
ATOM   743  C CG2 . ILE A 1 105 ? 7.509   -2.951  1.452   1.00 46.91 ? 93  ILE A CG2 1 
ATOM   744  C CD1 . ILE A 1 105 ? 9.098   -0.949  3.540   1.00 52.48 ? 93  ILE A CD1 1 
ATOM   745  N N   . LEU A 1 106 ? 7.038   -6.150  2.486   1.00 44.98 ? 94  LEU A N   1 
ATOM   746  C CA  . LEU A 1 106 ? 5.823   -6.843  2.860   1.00 48.70 ? 94  LEU A CA  1 
ATOM   747  C C   . LEU A 1 106 ? 6.055   -8.332  3.129   1.00 52.98 ? 94  LEU A C   1 
ATOM   748  O O   . LEU A 1 106 ? 5.091   -9.109  3.243   1.00 52.24 ? 94  LEU A O   1 
ATOM   749  C CB  . LEU A 1 106 ? 4.766   -6.688  1.751   1.00 46.52 ? 94  LEU A CB  1 
ATOM   750  C CG  . LEU A 1 106 ? 4.305   -5.243  1.477   1.00 44.77 ? 94  LEU A CG  1 
ATOM   751  C CD1 . LEU A 1 106 ? 3.137   -5.230  0.493   1.00 42.26 ? 94  LEU A CD1 1 
ATOM   752  C CD2 . LEU A 1 106 ? 3.962   -4.497  2.762   1.00 41.33 ? 94  LEU A CD2 1 
ATOM   753  N N   . HIS A 1 107 ? 7.321   -8.730  3.181   1.00 58.05 ? 95  HIS A N   1 
ATOM   754  C CA  . HIS A 1 107 ? 7.676   -10.102 3.560   1.00 65.97 ? 95  HIS A CA  1 
ATOM   755  C C   . HIS A 1 107 ? 8.131   -10.192 5.014   1.00 67.57 ? 95  HIS A C   1 
ATOM   756  O O   . HIS A 1 107 ? 8.987   -9.411  5.465   1.00 66.23 ? 95  HIS A O   1 
ATOM   757  C CB  . HIS A 1 107 ? 8.726   -10.687 2.610   1.00 67.05 ? 95  HIS A CB  1 
ATOM   758  C CG  . HIS A 1 107 ? 8.163   -11.091 1.280   1.00 77.43 ? 95  HIS A CG  1 
ATOM   759  N ND1 . HIS A 1 107 ? 7.055   -11.909 1.160   1.00 82.89 ? 95  HIS A ND1 1 
ATOM   760  C CD2 . HIS A 1 107 ? 8.548   -10.790 0.016   1.00 81.80 ? 95  HIS A CD2 1 
ATOM   761  C CE1 . HIS A 1 107 ? 6.784   -12.092 -0.122  1.00 84.73 ? 95  HIS A CE1 1 
ATOM   762  N NE2 . HIS A 1 107 ? 7.675   -11.426 -0.837  1.00 85.25 ? 95  HIS A NE2 1 
ATOM   763  N N   . GLU A 1 108 ? 7.521   -11.123 5.745   1.00 72.51 ? 96  GLU A N   1 
ATOM   764  C CA  . GLU A 1 108 ? 7.911   -11.414 7.132   1.00 77.80 ? 96  GLU A CA  1 
ATOM   765  C C   . GLU A 1 108 ? 9.336   -11.988 7.230   1.00 79.83 ? 96  GLU A C   1 
ATOM   766  O O   . GLU A 1 108 ? 9.715   -12.839 6.422   1.00 80.17 ? 96  GLU A O   1 
ATOM   767  C CB  . GLU A 1 108 ? 6.908   -12.371 7.776   1.00 77.65 ? 96  GLU A CB  1 
ATOM   768  C CG  . GLU A 1 108 ? 5.813   -11.668 8.536   1.00 81.09 ? 96  GLU A CG  1 
ATOM   769  C CD  . GLU A 1 108 ? 4.523   -12.478 8.594   1.00 85.37 ? 96  GLU A CD  1 
ATOM   770  O OE1 . GLU A 1 108 ? 4.007   -12.890 7.528   1.00 85.17 ? 96  GLU A OE1 1 
ATOM   771  O OE2 . GLU A 1 108 ? 4.017   -12.695 9.715   1.00 88.02 ? 96  GLU A OE2 1 
ATOM   772  N N   . PRO A 1 109 ? 10.127  -11.527 8.225   1.00 82.61 ? 97  PRO A N   1 
ATOM   773  C CA  . PRO A 1 109 ? 11.506  -12.017 8.329   1.00 83.57 ? 97  PRO A CA  1 
ATOM   774  C C   . PRO A 1 109 ? 11.588  -13.299 9.169   1.00 83.67 ? 97  PRO A C   1 
ATOM   775  O O   . PRO A 1 109 ? 11.671  -14.398 8.613   1.00 83.51 ? 97  PRO A O   1 
ATOM   776  C CB  . PRO A 1 109 ? 12.239  -10.859 9.024   1.00 83.54 ? 97  PRO A CB  1 
ATOM   777  C CG  . PRO A 1 109 ? 11.175  -10.159 9.853   1.00 83.84 ? 97  PRO A CG  1 
ATOM   778  C CD  . PRO A 1 109 ? 9.803   -10.575 9.309   1.00 83.20 ? 97  PRO A CD  1 
ATOM   779  N N   . PRO A 1 119 ? 16.501  -2.632  6.861   1.00 85.16 ? 107 PRO A N   1 
ATOM   780  C CA  . PRO A 1 119 ? 15.219  -2.610  7.581   1.00 85.11 ? 107 PRO A CA  1 
ATOM   781  C C   . PRO A 1 119 ? 14.006  -2.625  6.632   1.00 84.58 ? 107 PRO A C   1 
ATOM   782  O O   . PRO A 1 119 ? 13.016  -3.309  6.897   1.00 82.95 ? 107 PRO A O   1 
ATOM   783  C CB  . PRO A 1 119 ? 15.271  -1.291  8.383   1.00 85.14 ? 107 PRO A CB  1 
ATOM   784  C CG  . PRO A 1 119 ? 16.567  -0.600  7.992   1.00 85.81 ? 107 PRO A CG  1 
ATOM   785  C CD  . PRO A 1 119 ? 17.139  -1.305  6.800   1.00 85.38 ? 107 PRO A CD  1 
ATOM   786  N N   . GLU A 1 120 ? 14.103  -1.886  5.530   1.00 83.93 ? 108 GLU A N   1 
ATOM   787  C CA  . GLU A 1 120 ? 13.041  -1.827  4.523   1.00 83.68 ? 108 GLU A CA  1 
ATOM   788  C C   . GLU A 1 120 ? 13.074  -3.034  3.563   1.00 81.15 ? 108 GLU A C   1 
ATOM   789  O O   . GLU A 1 120 ? 12.391  -3.051  2.540   1.00 81.38 ? 108 GLU A O   1 
ATOM   790  C CB  . GLU A 1 120 ? 13.100  -0.482  3.779   1.00 83.30 ? 108 GLU A CB  1 
ATOM   791  C CG  . GLU A 1 120 ? 13.130  0.725   4.733   1.00 86.39 ? 108 GLU A CG  1 
ATOM   792  C CD  . GLU A 1 120 ? 13.107  2.085   4.033   1.00 88.45 ? 108 GLU A CD  1 
ATOM   793  O OE1 . GLU A 1 120 ? 13.764  2.237   2.970   1.00 92.72 ? 108 GLU A OE1 1 
ATOM   794  O OE2 . GLU A 1 120 ? 12.435  3.011   4.562   1.00 90.49 ? 108 GLU A OE2 1 
ATOM   795  N N   . GLU A 1 121 ? 13.877  -4.040  3.909   1.00 78.81 ? 109 GLU A N   1 
ATOM   796  C CA  . GLU A 1 121 ? 13.911  -5.304  3.184   1.00 75.58 ? 109 GLU A CA  1 
ATOM   797  C C   . GLU A 1 121 ? 13.109  -6.376  3.921   1.00 71.66 ? 109 GLU A C   1 
ATOM   798  O O   . GLU A 1 121 ? 13.129  -7.560  3.555   1.00 71.32 ? 109 GLU A O   1 
ATOM   799  C CB  . GLU A 1 121 ? 15.351  -5.777  2.970   1.00 78.70 ? 109 GLU A CB  1 
ATOM   800  C CG  . GLU A 1 121 ? 16.023  -5.265  1.684   1.00 85.44 ? 109 GLU A CG  1 
ATOM   801  C CD  . GLU A 1 121 ? 16.968  -4.094  1.923   1.00 90.64 ? 109 GLU A CD  1 
ATOM   802  O OE1 . GLU A 1 121 ? 17.002  -3.563  3.058   1.00 93.18 ? 109 GLU A OE1 1 
ATOM   803  O OE2 . GLU A 1 121 ? 17.683  -3.705  0.969   1.00 92.51 ? 109 GLU A OE2 1 
ATOM   804  N N   . ARG A 1 122 ? 12.406  -5.957  4.965   1.00 65.16 ? 110 ARG A N   1 
ATOM   805  C CA  . ARG A 1 122 ? 11.524  -6.854  5.698   1.00 61.24 ? 110 ARG A CA  1 
ATOM   806  C C   . ARG A 1 122 ? 10.403  -6.064  6.380   1.00 52.90 ? 110 ARG A C   1 
ATOM   807  O O   . ARG A 1 122 ? 10.528  -4.866  6.659   1.00 49.98 ? 110 ARG A O   1 
ATOM   808  C CB  . ARG A 1 122 ? 12.327  -7.659  6.732   1.00 63.09 ? 110 ARG A CB  1 
ATOM   809  C CG  . ARG A 1 122 ? 12.868  -6.807  7.893   1.00 68.09 ? 110 ARG A CG  1 
ATOM   810  C CD  . ARG A 1 122 ? 13.892  -7.530  8.738   1.00 70.56 ? 110 ARG A CD  1 
ATOM   811  N NE  . ARG A 1 122 ? 14.956  -6.598  9.108   1.00 84.90 ? 110 ARG A NE  1 
ATOM   812  C CZ  . ARG A 1 122 ? 16.152  -6.955  9.571   1.00 89.61 ? 110 ARG A CZ  1 
ATOM   813  N NH1 . ARG A 1 122 ? 16.448  -8.243  9.741   1.00 93.00 ? 110 ARG A NH1 1 
ATOM   814  N NH2 . ARG A 1 122 ? 17.055  -6.020  9.864   1.00 90.62 ? 110 ARG A NH2 1 
ATOM   815  N N   . TRP A 1 123 ? 9.292   -6.728  6.625   1.00 49.38 ? 111 TRP A N   1 
ATOM   816  C CA  . TRP A 1 123 ? 8.274   -6.116  7.439   1.00 49.90 ? 111 TRP A CA  1 
ATOM   817  C C   . TRP A 1 123 ? 8.814   -5.910  8.851   1.00 51.16 ? 111 TRP A C   1 
ATOM   818  O O   . TRP A 1 123 ? 9.393   -6.825  9.434   1.00 51.37 ? 111 TRP A O   1 
ATOM   819  C CB  . TRP A 1 123 ? 7.023   -6.961  7.493   1.00 46.44 ? 111 TRP A CB  1 
ATOM   820  C CG  . TRP A 1 123 ? 5.983   -6.281  8.351   1.00 48.58 ? 111 TRP A CG  1 
ATOM   821  C CD1 . TRP A 1 123 ? 5.521   -6.685  9.574   1.00 44.71 ? 111 TRP A CD1 1 
ATOM   822  C CD2 . TRP A 1 123 ? 5.311   -5.054  8.052   1.00 47.69 ? 111 TRP A CD2 1 
ATOM   823  N NE1 . TRP A 1 123 ? 4.585   -5.794  10.041  1.00 43.70 ? 111 TRP A NE1 1 
ATOM   824  C CE2 . TRP A 1 123 ? 4.443   -4.780  9.130   1.00 47.54 ? 111 TRP A CE2 1 
ATOM   825  C CE3 . TRP A 1 123 ? 5.344   -4.165  6.961   1.00 47.40 ? 111 TRP A CE3 1 
ATOM   826  C CZ2 . TRP A 1 123 ? 3.614   -3.641  9.156   1.00 48.92 ? 111 TRP A CZ2 1 
ATOM   827  C CZ3 . TRP A 1 123 ? 4.528   -3.027  6.992   1.00 45.80 ? 111 TRP A CZ3 1 
ATOM   828  C CH2 . TRP A 1 123 ? 3.678   -2.776  8.082   1.00 46.17 ? 111 TRP A CH2 1 
ATOM   829  N N   . LEU A 1 124 ? 8.675   -4.690  9.351   1.00 52.84 ? 112 LEU A N   1 
ATOM   830  C CA  . LEU A 1 124 ? 8.805   -4.389  10.773  1.00 53.71 ? 112 LEU A CA  1 
ATOM   831  C C   . LEU A 1 124 ? 7.527   -3.670  11.178  1.00 54.85 ? 112 LEU A C   1 
ATOM   832  O O   . LEU A 1 124 ? 7.003   -2.861  10.386  1.00 53.66 ? 112 LEU A O   1 
ATOM   833  C CB  . LEU A 1 124 ? 10.016  -3.497  11.045  1.00 54.56 ? 112 LEU A CB  1 
ATOM   834  C CG  . LEU A 1 124 ? 11.410  -3.995  10.642  1.00 55.15 ? 112 LEU A CG  1 
ATOM   835  C CD1 . LEU A 1 124 ? 12.425  -2.900  10.890  1.00 57.64 ? 112 LEU A CD1 1 
ATOM   836  C CD2 . LEU A 1 124 ? 11.797  -5.281  11.373  1.00 56.28 ? 112 LEU A CD2 1 
ATOM   837  N N   . PRO A 1 125 ? 7.004   -3.953  12.405  1.00 54.75 ? 113 PRO A N   1 
ATOM   838  C CA  . PRO A 1 125 ? 5.804   -3.274  12.918  1.00 52.49 ? 113 PRO A CA  1 
ATOM   839  C C   . PRO A 1 125 ? 5.794   -1.744  12.828  1.00 52.25 ? 113 PRO A C   1 
ATOM   840  O O   . PRO A 1 125 ? 4.723   -1.146  12.820  1.00 53.23 ? 113 PRO A O   1 
ATOM   841  C CB  . PRO A 1 125 ? 5.769   -3.727  14.375  1.00 54.57 ? 113 PRO A CB  1 
ATOM   842  C CG  . PRO A 1 125 ? 6.350   -5.074  14.331  1.00 51.34 ? 113 PRO A CG  1 
ATOM   843  C CD  . PRO A 1 125 ? 7.486   -4.968  13.363  1.00 51.70 ? 113 PRO A CD  1 
ATOM   844  N N   . ILE A 1 126 ? 6.964   -1.121  12.752  1.00 52.20 ? 114 ILE A N   1 
ATOM   845  C CA  . ILE A 1 126 ? 7.075   0.349   12.603  1.00 54.25 ? 114 ILE A CA  1 
ATOM   846  C C   . ILE A 1 126 ? 6.788   0.927   11.195  1.00 54.39 ? 114 ILE A C   1 
ATOM   847  O O   . ILE A 1 126 ? 6.675   2.150   11.053  1.00 52.09 ? 114 ILE A O   1 
ATOM   848  C CB  . ILE A 1 126 ? 8.487   0.878   12.999  1.00 54.37 ? 114 ILE A CB  1 
ATOM   849  C CG1 . ILE A 1 126 ? 9.586   -0.001  12.396  1.00 56.27 ? 114 ILE A CG1 1 
ATOM   850  C CG2 . ILE A 1 126 ? 8.628   0.991   14.509  1.00 58.28 ? 114 ILE A CG2 1 
ATOM   851  C CD1 . ILE A 1 126 ? 10.879  0.729   12.122  1.00 59.87 ? 114 ILE A CD1 1 
ATOM   852  N N   . HIS A 1 127 ? 6.708   0.072   10.166  1.00 52.03 ? 115 HIS A N   1 
ATOM   853  C CA  . HIS A 1 127 ? 6.530   0.557   8.794   1.00 48.65 ? 115 HIS A CA  1 
ATOM   854  C C   . HIS A 1 127 ? 5.126   1.083   8.633   1.00 49.73 ? 115 HIS A C   1 
ATOM   855  O O   . HIS A 1 127 ? 4.154   0.429   9.020   1.00 53.89 ? 115 HIS A O   1 
ATOM   856  C CB  . HIS A 1 127 ? 6.737   -0.551  7.761   1.00 45.55 ? 115 HIS A CB  1 
ATOM   857  C CG  . HIS A 1 127 ? 8.130   -1.072  7.686   1.00 43.82 ? 115 HIS A CG  1 
ATOM   858  N ND1 . HIS A 1 127 ? 9.228   -0.328  8.053   1.00 42.05 ? 115 HIS A ND1 1 
ATOM   859  C CD2 . HIS A 1 127 ? 8.607   -2.261  7.250   1.00 41.41 ? 115 HIS A CD2 1 
ATOM   860  C CE1 . HIS A 1 127 ? 10.325  -1.036  7.844   1.00 43.59 ? 115 HIS A CE1 1 
ATOM   861  N NE2 . HIS A 1 127 ? 9.973   -2.218  7.369   1.00 40.95 ? 115 HIS A NE2 1 
ATOM   862  N N   . THR A 1 128 ? 5.011   2.241   8.008   1.00 49.25 ? 116 THR A N   1 
ATOM   863  C CA  . THR A 1 128 ? 3.723   2.851   7.794   1.00 49.56 ? 116 THR A CA  1 
ATOM   864  C C   . THR A 1 128 ? 3.318   2.697   6.324   1.00 48.23 ? 116 THR A C   1 
ATOM   865  O O   . THR A 1 128 ? 4.081   2.186   5.517   1.00 50.17 ? 116 THR A O   1 
ATOM   866  C CB  . THR A 1 128 ? 3.810   4.320   8.155   1.00 52.42 ? 116 THR A CB  1 
ATOM   867  O OG1 . THR A 1 128 ? 4.689   4.973   7.224   1.00 55.74 ? 116 THR A OG1 1 
ATOM   868  C CG2 . THR A 1 128 ? 4.378   4.482   9.582   1.00 50.66 ? 116 THR A CG2 1 
ATOM   869  N N   . VAL A 1 129 ? 2.119   3.141   5.971   1.00 45.78 ? 117 VAL A N   1 
ATOM   870  C CA  . VAL A 1 129 ? 1.686   3.106   4.586   1.00 46.13 ? 117 VAL A CA  1 
ATOM   871  C C   . VAL A 1 129 ? 2.619   3.937   3.702   1.00 45.15 ? 117 VAL A C   1 
ATOM   872  O O   . VAL A 1 129 ? 2.884   3.574   2.565   1.00 43.37 ? 117 VAL A O   1 
ATOM   873  C CB  . VAL A 1 129 ? 0.220   3.552   4.452   1.00 46.75 ? 117 VAL A CB  1 
ATOM   874  C CG1 . VAL A 1 129 ? -0.173  3.791   3.005   1.00 47.42 ? 117 VAL A CG1 1 
ATOM   875  C CG2 . VAL A 1 129 ? -0.697  2.513   5.111   1.00 46.25 ? 117 VAL A CG2 1 
ATOM   876  N N   . GLU A 1 130 ? 3.147   5.022   4.258   1.00 45.01 ? 118 GLU A N   1 
ATOM   877  C CA  . GLU A 1 130 ? 4.109   5.887   3.575   1.00 47.66 ? 118 GLU A CA  1 
ATOM   878  C C   . GLU A 1 130 ? 5.368   5.086   3.211   1.00 45.45 ? 118 GLU A C   1 
ATOM   879  O O   . GLU A 1 130 ? 5.848   5.163   2.094   1.00 45.06 ? 118 GLU A O   1 
ATOM   880  C CB  . GLU A 1 130 ? 4.463   7.033   4.522   1.00 50.25 ? 118 GLU A CB  1 
ATOM   881  C CG  . GLU A 1 130 ? 4.858   8.362   3.896   1.00 63.42 ? 118 GLU A CG  1 
ATOM   882  C CD  . GLU A 1 130 ? 5.907   9.128   4.746   1.00 74.98 ? 118 GLU A CD  1 
ATOM   883  O OE1 . GLU A 1 130 ? 5.813   9.102   6.005   1.00 76.98 ? 118 GLU A OE1 1 
ATOM   884  O OE2 . GLU A 1 130 ? 6.838   9.738   4.152   1.00 77.40 ? 118 GLU A OE2 1 
ATOM   885  N N   . THR A 1 131 ? 5.882   4.290   4.149   1.00 44.55 ? 119 THR A N   1 
ATOM   886  C CA  . THR A 1 131 ? 7.070   3.466   3.893   1.00 44.33 ? 119 THR A CA  1 
ATOM   887  C C   . THR A 1 131 ? 6.811   2.495   2.757   1.00 40.63 ? 119 THR A C   1 
ATOM   888  O O   . THR A 1 131 ? 7.642   2.340   1.876   1.00 40.21 ? 119 THR A O   1 
ATOM   889  C CB  . THR A 1 131 ? 7.448   2.663   5.133   1.00 46.01 ? 119 THR A CB  1 
ATOM   890  O OG1 . THR A 1 131 ? 7.567   3.559   6.231   1.00 53.02 ? 119 THR A OG1 1 
ATOM   891  C CG2 . THR A 1 131 ? 8.769   1.927   4.929   1.00 48.69 ? 119 THR A CG2 1 
ATOM   892  N N   . ILE A 1 132 ? 5.652   1.839   2.792   1.00 35.74 ? 120 ILE A N   1 
ATOM   893  C CA  . ILE A 1 132 ? 5.261   0.890   1.766   1.00 34.71 ? 120 ILE A CA  1 
ATOM   894  C C   . ILE A 1 132 ? 5.175   1.600   0.411   1.00 36.61 ? 120 ILE A C   1 
ATOM   895  O O   . ILE A 1 132 ? 5.710   1.142   -0.579  1.00 36.36 ? 120 ILE A O   1 
ATOM   896  C CB  . ILE A 1 132 ? 3.893   0.252   2.123   1.00 34.61 ? 120 ILE A CB  1 
ATOM   897  C CG1 . ILE A 1 132 ? 4.028   -0.651  3.377   1.00 36.79 ? 120 ILE A CG1 1 
ATOM   898  C CG2 . ILE A 1 132 ? 3.344   -0.537  0.938   1.00 35.04 ? 120 ILE A CG2 1 
ATOM   899  C CD1 . ILE A 1 132 ? 2.664   -0.984  4.075   1.00 34.98 ? 120 ILE A CD1 1 
ATOM   900  N N   . MET A 1 133 ? 4.484   2.726   0.364   1.00 37.63 ? 121 MET A N   1 
ATOM   901  C CA  . MET A 1 133 ? 4.315   3.428   -0.921  1.00 38.91 ? 121 MET A CA  1 
ATOM   902  C C   . MET A 1 133 ? 5.646   3.949   -1.476  1.00 41.16 ? 121 MET A C   1 
ATOM   903  O O   . MET A 1 133 ? 5.906   3.899   -2.692  1.00 40.73 ? 121 MET A O   1 
ATOM   904  C CB  . MET A 1 133 ? 3.263   4.535   -0.765  1.00 38.14 ? 121 MET A CB  1 
ATOM   905  C CG  . MET A 1 133 ? 1.864   3.969   -0.500  1.00 40.14 ? 121 MET A CG  1 
ATOM   906  S SD  . MET A 1 133 ? 1.487   2.686   -1.746  1.00 45.75 ? 121 MET A SD  1 
ATOM   907  C CE  . MET A 1 133 ? 1.969   3.501   -3.274  1.00 46.66 ? 121 MET A CE  1 
ATOM   908  N N   . ILE A 1 134 ? 6.515   4.405   -0.590  1.00 40.85 ? 122 ILE A N   1 
ATOM   909  C CA  . ILE A 1 134 ? 7.853   4.756   -1.026  1.00 44.92 ? 122 ILE A CA  1 
ATOM   910  C C   . ILE A 1 134 ? 8.465   3.585   -1.783  1.00 44.09 ? 122 ILE A C   1 
ATOM   911  O O   . ILE A 1 134 ? 8.996   3.773   -2.875  1.00 43.14 ? 122 ILE A O   1 
ATOM   912  C CB  . ILE A 1 134 ? 8.768   5.162   0.140   1.00 46.43 ? 122 ILE A CB  1 
ATOM   913  C CG1 . ILE A 1 134 ? 8.303   6.483   0.754   1.00 44.99 ? 122 ILE A CG1 1 
ATOM   914  C CG2 . ILE A 1 134 ? 10.216  5.254   -0.351  1.00 50.50 ? 122 ILE A CG2 1 
ATOM   915  C CD1 . ILE A 1 134 ? 8.957   6.811   2.125   1.00 47.79 ? 122 ILE A CD1 1 
ATOM   916  N N   . SER A 1 135 ? 8.375   2.367   -1.228  1.00 42.86 ? 123 SER A N   1 
ATOM   917  C CA  . SER A 1 135 ? 8.953   1.198   -1.904  1.00 43.71 ? 123 SER A CA  1 
ATOM   918  C C   . SER A 1 135 ? 8.231   0.879   -3.198  1.00 42.42 ? 123 SER A C   1 
ATOM   919  O O   . SER A 1 135 ? 8.861   0.516   -4.179  1.00 39.96 ? 123 SER A O   1 
ATOM   920  C CB  . SER A 1 135 ? 8.926   -0.039  -0.998  1.00 45.85 ? 123 SER A CB  1 
ATOM   921  O OG  . SER A 1 135 ? 9.728   0.201   0.154   1.00 54.63 ? 123 SER A OG  1 
ATOM   922  N N   . VAL A 1 136 ? 6.902   0.989   -3.197  1.00 42.03 ? 124 VAL A N   1 
ATOM   923  C CA  . VAL A 1 136 ? 6.137   0.691   -4.424  1.00 42.78 ? 124 VAL A CA  1 
ATOM   924  C C   . VAL A 1 136 ? 6.447   1.705   -5.532  1.00 42.30 ? 124 VAL A C   1 
ATOM   925  O O   . VAL A 1 136 ? 6.596   1.334   -6.690  1.00 45.38 ? 124 VAL A O   1 
ATOM   926  C CB  . VAL A 1 136 ? 4.606   0.619   -4.163  1.00 42.75 ? 124 VAL A CB  1 
ATOM   927  C CG1 . VAL A 1 136 ? 3.799   0.500   -5.517  1.00 41.83 ? 124 VAL A CG1 1 
ATOM   928  C CG2 . VAL A 1 136 ? 4.303   -0.521  -3.245  1.00 40.67 ? 124 VAL A CG2 1 
ATOM   929  N N   . ILE A 1 137 ? 6.542   2.980   -5.177  1.00 46.21 ? 125 ILE A N   1 
ATOM   930  C CA  . ILE A 1 137 ? 6.811   4.004   -6.173  1.00 51.91 ? 125 ILE A CA  1 
ATOM   931  C C   . ILE A 1 137 ? 8.208   3.782   -6.787  1.00 54.42 ? 125 ILE A C   1 
ATOM   932  O O   . ILE A 1 137 ? 8.378   3.900   -8.004  1.00 54.47 ? 125 ILE A O   1 
ATOM   933  C CB  . ILE A 1 137 ? 6.694   5.437   -5.618  1.00 52.28 ? 125 ILE A CB  1 
ATOM   934  C CG1 . ILE A 1 137 ? 5.269   5.767   -5.149  1.00 52.80 ? 125 ILE A CG1 1 
ATOM   935  C CG2 . ILE A 1 137 ? 7.188   6.472   -6.676  1.00 55.67 ? 125 ILE A CG2 1 
ATOM   936  C CD1 . ILE A 1 137 ? 4.184   5.258   -6.039  1.00 53.97 ? 125 ILE A CD1 1 
ATOM   937  N N   . SER A 1 138 ? 9.192   3.446   -5.943  1.00 55.13 ? 126 SER A N   1 
ATOM   938  C CA  . SER A 1 138 ? 10.540  3.140   -6.415  1.00 55.57 ? 126 SER A CA  1 
ATOM   939  C C   . SER A 1 138 ? 10.568  1.959   -7.360  1.00 55.46 ? 126 SER A C   1 
ATOM   940  O O   . SER A 1 138 ? 11.258  2.008   -8.358  1.00 56.60 ? 126 SER A O   1 
ATOM   941  C CB  . SER A 1 138 ? 11.506  2.889   -5.247  1.00 57.11 ? 126 SER A CB  1 
ATOM   942  O OG  . SER A 1 138 ? 11.513  4.000   -4.380  1.00 61.18 ? 126 SER A OG  1 
ATOM   943  N N   . MET A 1 139 ? 9.823   0.899   -7.075  1.00 55.00 ? 127 MET A N   1 
ATOM   944  C CA  . MET A 1 139 ? 9.854   -0.238  -8.000  1.00 56.67 ? 127 MET A CA  1 
ATOM   945  C C   . MET A 1 139 ? 9.242   0.049   -9.387  1.00 57.99 ? 127 MET A C   1 
ATOM   946  O O   . MET A 1 139 ? 9.560   -0.635  -10.363 1.00 57.96 ? 127 MET A O   1 
ATOM   947  C CB  . MET A 1 139 ? 9.287   -1.518  -7.376  1.00 56.64 ? 127 MET A CB  1 
ATOM   948  C CG  . MET A 1 139 ? 7.815   -1.488  -7.113  1.00 58.20 ? 127 MET A CG  1 
ATOM   949  S SD  . MET A 1 139 ? 7.081   -3.118  -7.069  1.00 57.63 ? 127 MET A SD  1 
ATOM   950  C CE  . MET A 1 139 ? 5.419   -2.719  -7.631  1.00 54.93 ? 127 MET A CE  1 
ATOM   951  N N   . LEU A 1 140 ? 8.376   1.057   -9.465  1.00 59.48 ? 128 LEU A N   1 
ATOM   952  C CA  . LEU A 1 140 ? 7.746   1.455   -10.729 1.00 61.24 ? 128 LEU A CA  1 
ATOM   953  C C   . LEU A 1 140 ? 8.664   2.397   -11.502 1.00 64.61 ? 128 LEU A C   1 
ATOM   954  O O   . LEU A 1 140 ? 8.708   2.357   -12.738 1.00 62.73 ? 128 LEU A O   1 
ATOM   955  C CB  . LEU A 1 140 ? 6.381   2.125   -10.500 1.00 59.26 ? 128 LEU A CB  1 
ATOM   956  C CG  . LEU A 1 140 ? 5.238   1.369   -9.812  1.00 54.90 ? 128 LEU A CG  1 
ATOM   957  C CD1 . LEU A 1 140 ? 4.023   2.250   -9.736  1.00 48.88 ? 128 LEU A CD1 1 
ATOM   958  C CD2 . LEU A 1 140 ? 4.894   0.045   -10.497 1.00 56.58 ? 128 LEU A CD2 1 
ATOM   959  N N   . ALA A 1 141 ? 9.386   3.240   -10.754 1.00 67.29 ? 129 ALA A N   1 
ATOM   960  C CA  . ALA A 1 141 ? 10.392  4.140   -11.305 1.00 71.88 ? 129 ALA A CA  1 
ATOM   961  C C   . ALA A 1 141 ? 11.646  3.390   -11.796 1.00 75.31 ? 129 ALA A C   1 
ATOM   962  O O   . ALA A 1 141 ? 12.538  3.993   -12.404 1.00 75.79 ? 129 ALA A O   1 
ATOM   963  C CB  . ALA A 1 141 ? 10.754  5.222   -10.293 1.00 70.10 ? 129 ALA A CB  1 
ATOM   964  N N   . ASP A 1 142 ? 11.710  2.081   -11.539 1.00 78.78 ? 130 ASP A N   1 
ATOM   965  C CA  . ASP A 1 142 ? 12.743  1.230   -12.141 1.00 81.30 ? 130 ASP A CA  1 
ATOM   966  C C   . ASP A 1 142 ? 12.294  -0.232  -12.283 1.00 82.07 ? 130 ASP A C   1 
ATOM   967  O O   . ASP A 1 142 ? 12.620  -1.068  -11.433 1.00 82.52 ? 130 ASP A O   1 
ATOM   968  C CB  . ASP A 1 142 ? 14.062  1.327   -11.362 1.00 83.29 ? 130 ASP A CB  1 
ATOM   969  C CG  . ASP A 1 142 ? 15.271  1.026   -12.235 1.00 86.45 ? 130 ASP A CG  1 
ATOM   970  O OD1 . ASP A 1 142 ? 15.827  1.986   -12.820 1.00 87.50 ? 130 ASP A OD1 1 
ATOM   971  O OD2 . ASP A 1 142 ? 15.640  -0.167  -12.362 1.00 87.29 ? 130 ASP A OD2 1 
ATOM   972  N N   . PRO A 1 143 ? 11.531  -0.544  -13.358 1.00 83.48 ? 131 PRO A N   1 
ATOM   973  C CA  . PRO A 1 143 ? 11.041  -1.919  -13.577 1.00 83.77 ? 131 PRO A CA  1 
ATOM   974  C C   . PRO A 1 143 ? 12.159  -2.937  -13.852 1.00 84.76 ? 131 PRO A C   1 
ATOM   975  O O   . PRO A 1 143 ? 12.362  -3.367  -14.993 1.00 85.03 ? 131 PRO A O   1 
ATOM   976  C CB  . PRO A 1 143 ? 10.093  -1.780  -14.780 1.00 84.01 ? 131 PRO A CB  1 
ATOM   977  C CG  . PRO A 1 143 ? 10.508  -0.511  -15.468 1.00 84.26 ? 131 PRO A CG  1 
ATOM   978  C CD  . PRO A 1 143 ? 11.071  0.389   -14.411 1.00 83.17 ? 131 PRO A CD  1 
HETATM 979  O O   . HOH B 2 .   ? -5.331  -5.175  14.564  1.00 41.43 ? 161 HOH A O   1 
HETATM 980  O O   . HOH B 2 .   ? -8.444  -3.712  0.515   1.00 35.74 ? 162 HOH A O   1 
HETATM 981  O O   . HOH B 2 .   ? -12.707 -0.490  3.789   1.00 35.21 ? 163 HOH A O   1 
HETATM 982  O O   . HOH B 2 .   ? 1.770   -1.548  -17.591 1.00 47.08 ? 164 HOH A O   1 
HETATM 983  O O   . HOH B 2 .   ? -5.186  -6.441  -0.890  1.00 46.76 ? 165 HOH A O   1 
HETATM 984  O O   . HOH B 2 .   ? 10.240  6.649   -21.284 1.00 59.36 ? 166 HOH A O   1 
HETATM 985  O O   . HOH B 2 .   ? 3.111   -8.045  -14.094 1.00 48.36 ? 167 HOH A O   1 
HETATM 986  O O   . HOH B 2 .   ? 2.392   -9.247  2.943   1.00 45.24 ? 168 HOH A O   1 
HETATM 987  O O   . HOH B 2 .   ? -8.771  1.003   -13.258 1.00 54.36 ? 169 HOH A O   1 
HETATM 988  O O   . HOH B 2 .   ? 1.846   17.049  2.299   1.00 47.23 ? 170 HOH A O   1 
HETATM 989  O O   . HOH B 2 .   ? 1.353   -8.236  -1.305  1.00 37.71 ? 171 HOH A O   1 
HETATM 990  O O   . HOH B 2 .   ? 1.956   0.075   -19.328 1.00 59.67 ? 172 HOH A O   1 
HETATM 991  O O   . HOH B 2 .   ? 3.976   18.258  -6.534  1.00 59.77 ? 173 HOH A O   1 
HETATM 992  O O   . HOH B 2 .   ? -1.453  11.367  -0.974  1.00 44.14 ? 174 HOH A O   1 
HETATM 993  O O   . HOH B 2 .   ? 3.423   7.454   -8.480  1.00 55.36 ? 175 HOH A O   1 
HETATM 994  O O   . HOH B 2 .   ? -7.369  -2.506  -15.884 1.00 51.78 ? 176 HOH A O   1 
HETATM 995  O O   . HOH B 2 .   ? 3.824   16.119  3.800   1.00 52.10 ? 177 HOH A O   1 
HETATM 996  O O   . HOH B 2 .   ? -4.370  11.597  0.249   1.00 62.14 ? 178 HOH A O   1 
HETATM 997  O O   . HOH B 2 .   ? -3.778  0.691   17.305  1.00 55.61 ? 179 HOH A O   1 
HETATM 998  O O   . HOH B 2 .   ? 6.098   11.451  -4.144  1.00 58.29 ? 180 HOH A O   1 
HETATM 999  O O   . HOH B 2 .   ? -0.677  -9.875  -2.137  1.00 56.83 ? 181 HOH A O   1 
HETATM 1000 O O   . HOH B 2 .   ? 4.173   -10.085 -14.825 1.00 59.89 ? 182 HOH A O   1 
HETATM 1001 O O   . HOH B 2 .   ? -13.390 -4.798  0.185   1.00 62.40 ? 183 HOH A O   1 
HETATM 1002 O O   . HOH B 2 .   ? -10.928 7.171   3.506   1.00 46.52 ? 184 HOH A O   1 
HETATM 1003 O O   . HOH B 2 .   ? -1.795  -7.178  23.997  1.00 57.66 ? 185 HOH A O   1 
HETATM 1004 O O   . HOH B 2 .   ? -4.237  -0.608  -17.386 1.00 57.76 ? 186 HOH A O   1 
HETATM 1005 O O   . HOH B 2 .   ? -14.300 -3.145  2.009   1.00 60.72 ? 187 HOH A O   1 
HETATM 1006 O O   . HOH B 2 .   ? -1.189  -7.218  17.393  1.00 61.95 ? 188 HOH A O   1 
HETATM 1007 O O   . HOH B 2 .   ? -3.633  -6.417  -12.382 1.00 58.63 ? 189 HOH A O   1 
HETATM 1008 O O   . HOH B 2 .   ? -0.363  -8.247  -13.676 1.00 51.51 ? 190 HOH A O   1 
HETATM 1009 O O   . HOH B 2 .   ? 10.755  7.992   -13.034 1.00 66.36 ? 191 HOH A O   1 
HETATM 1010 O O   . HOH B 2 .   ? 11.451  -6.103  -3.465  1.00 55.92 ? 192 HOH A O   1 
HETATM 1011 O O   . HOH B 2 .   ? -8.842  8.714   10.293  1.00 61.86 ? 193 HOH A O   1 
HETATM 1012 O O   . HOH B 2 .   ? 10.552  -3.362  -0.490  1.00 55.99 ? 194 HOH A O   1 
HETATM 1013 O O   . HOH B 2 .   ? -12.359 -0.731  13.518  1.00 59.46 ? 195 HOH A O   1 
HETATM 1014 O O   . HOH B 2 .   ? -10.368 -5.448  -0.084  1.00 54.26 ? 196 HOH A O   1 
HETATM 1015 O O   . HOH B 2 .   ? 5.288   14.134  2.890   1.00 65.41 ? 197 HOH A O   1 
HETATM 1016 O O   . HOH B 2 .   ? 5.455   -9.267  -0.696  1.00 59.50 ? 198 HOH A O   1 
HETATM 1017 O O   . HOH B 2 .   ? 0.236   -10.654 5.971   1.00 60.82 ? 199 HOH A O   1 
HETATM 1018 O O   . HOH B 2 .   ? -3.248  14.135  12.293  1.00 68.66 ? 200 HOH A O   1 
HETATM 1019 O O   . HOH B 2 .   ? -5.025  -8.793  -1.205  1.00 56.71 ? 201 HOH A O   1 
HETATM 1020 O O   . HOH B 2 .   ? -5.516  -10.270 1.821   1.00 59.99 ? 202 HOH A O   1 
HETATM 1021 O O   . HOH B 2 .   ? -2.733  -11.188 5.533   1.00 53.83 ? 203 HOH A O   1 
HETATM 1022 O O   . HOH B 2 .   ? -8.669  -7.979  7.227   1.00 55.22 ? 204 HOH A O   1 
HETATM 1023 O O   . HOH B 2 .   ? 1.322   8.732   -15.422 1.00 55.87 ? 205 HOH A O   1 
HETATM 1024 O O   . HOH B 2 .   ? -9.929  -7.773  0.897   1.00 56.20 ? 206 HOH A O   1 
HETATM 1025 O O   . HOH B 2 .   ? -6.750  -11.153 9.415   1.00 55.77 ? 207 HOH A O   1 
HETATM 1026 O O   . HOH B 2 .   ? 7.723   7.427   -20.760 1.00 56.35 ? 208 HOH A O   1 
HETATM 1027 O O   . HOH B 2 .   ? -2.112  -12.541 9.890   1.00 66.29 ? 209 HOH A O   1 
HETATM 1028 O O   . HOH B 2 .   ? -11.777 -0.230  -4.681  1.00 40.91 ? 210 HOH A O   1 
HETATM 1029 O O   . HOH B 2 .   ? -2.514  -3.848  17.028  1.00 54.83 ? 211 HOH A O   1 
HETATM 1030 O O   . HOH B 2 .   ? 9.768   2.129   9.117   1.00 67.87 ? 212 HOH A O   1 
HETATM 1031 O O   . HOH B 2 .   ? 18.227  -5.040  7.191   1.00 76.43 ? 213 HOH A O   1 
# 
loop_
_pdbx_poly_seq_scheme.asym_id 
_pdbx_poly_seq_scheme.entity_id 
_pdbx_poly_seq_scheme.seq_id 
_pdbx_poly_seq_scheme.mon_id 
_pdbx_poly_seq_scheme.ndb_seq_num 
_pdbx_poly_seq_scheme.pdb_seq_num 
_pdbx_poly_seq_scheme.auth_seq_num 
_pdbx_poly_seq_scheme.pdb_mon_id 
_pdbx_poly_seq_scheme.auth_mon_id 
_pdbx_poly_seq_scheme.pdb_strand_id 
_pdbx_poly_seq_scheme.pdb_ins_code 
_pdbx_poly_seq_scheme.hetero 
A 1 1   MET 1   -11 ?   ?   ?   A . n 
A 1 2   GLY 2   -10 ?   ?   ?   A . n 
A 1 3   SER 3   -9  ?   ?   ?   A . n 
A 1 4   SER 4   -8  ?   ?   ?   A . n 
A 1 5   HIS 5   -7  ?   ?   ?   A . n 
A 1 6   HIS 6   -6  ?   ?   ?   A . n 
A 1 7   HIS 7   -5  ?   ?   ?   A . n 
A 1 8   HIS 8   -4  ?   ?   ?   A . n 
A 1 9   HIS 9   -3  ?   ?   ?   A . n 
A 1 10  HIS 10  -2  ?   ?   ?   A . n 
A 1 11  SER 11  -1  ?   ?   ?   A . n 
A 1 12  SER 12  0   ?   ?   ?   A . n 
A 1 13  GLY 13  1   1   GLY GLY A . n 
A 1 14  LEU 14  2   2   LEU LEU A . n 
A 1 15  VAL 15  3   3   VAL VAL A . n 
A 1 16  PRO 16  4   4   PRO PRO A . n 
A 1 17  ARG 17  5   5   ARG ARG A . n 
A 1 18  GLY 18  6   6   GLY GLY A . n 
A 1 19  SER 19  7   7   SER SER A . n 
A 1 20  LEU 20  8   8   LEU LEU A . n 
A 1 21  LEU 21  9   9   LEU LEU A . n 
A 1 22  LEU 22  10  10  LEU LEU A . n 
A 1 23  ARG 23  11  11  ARG ARG A . n 
A 1 24  ARG 24  12  12  ARG ARG A . n 
A 1 25  GLN 25  13  13  GLN GLN A . n 
A 1 26  LEU 26  14  14  LEU LEU A . n 
A 1 27  ALA 27  15  15  ALA ALA A . n 
A 1 28  GLU 28  16  16  GLU GLU A . n 
A 1 29  LEU 29  17  17  LEU LEU A . n 
A 1 30  ASN 30  18  18  ASN ASN A . n 
A 1 31  LYS 31  19  19  LYS LYS A . n 
A 1 32  ASN 32  20  20  ASN ASN A . n 
A 1 33  PRO 33  21  21  PRO PRO A . n 
A 1 34  VAL 34  22  22  VAL VAL A . n 
A 1 35  GLU 35  23  23  GLU GLU A . n 
A 1 36  GLY 36  24  24  GLY GLY A . n 
A 1 37  PHE 37  25  25  PHE PHE A . n 
A 1 38  SER 38  26  26  SER SER A . n 
A 1 39  ALA 39  27  27  ALA ALA A . n 
A 1 40  GLY 40  28  28  GLY GLY A . n 
A 1 41  LEU 41  29  29  LEU LEU A . n 
A 1 42  ILE 42  30  30  ILE ILE A . n 
A 1 43  ASP 43  31  31  ASP ASP A . n 
A 1 44  ASP 44  32  32  ASP ASP A . n 
A 1 45  ASN 45  33  33  ASN ASN A . n 
A 1 46  ASP 46  34  34  ASP ASP A . n 
A 1 47  LEU 47  35  35  LEU LEU A . n 
A 1 48  TYR 48  36  36  TYR TYR A . n 
A 1 49  ARG 49  37  37  ARG ARG A . n 
A 1 50  TRP 50  38  38  TRP TRP A . n 
A 1 51  GLU 51  39  39  GLU GLU A . n 
A 1 52  VAL 52  40  40  VAL VAL A . n 
A 1 53  LEU 53  41  41  LEU LEU A . n 
A 1 54  ILE 54  42  42  ILE ILE A . n 
A 1 55  ILE 55  43  43  ILE ILE A . n 
A 1 56  GLY 56  44  44  GLY GLY A . n 
A 1 57  PRO 57  45  45  PRO PRO A . n 
A 1 58  PRO 58  46  46  PRO PRO A . n 
A 1 59  ASP 59  47  47  ASP ASP A . n 
A 1 60  THR 60  48  48  THR THR A . n 
A 1 61  LEU 61  49  49  LEU LEU A . n 
A 1 62  TYR 62  50  50  TYR TYR A . n 
A 1 63  GLU 63  51  51  GLU GLU A . n 
A 1 64  GLY 64  52  52  GLY GLY A . n 
A 1 65  GLY 65  53  53  GLY GLY A . n 
A 1 66  VAL 66  54  54  VAL VAL A . n 
A 1 67  PHE 67  55  55  PHE PHE A . n 
A 1 68  LYS 68  56  56  LYS LYS A . n 
A 1 69  ALA 69  57  57  ALA ALA A . n 
A 1 70  HIS 70  58  58  HIS HIS A . n 
A 1 71  LEU 71  59  59  LEU LEU A . n 
A 1 72  THR 72  60  60  THR THR A . n 
A 1 73  PHE 73  61  61  PHE PHE A . n 
A 1 74  PRO 74  62  62  PRO PRO A . n 
A 1 75  LYS 75  63  63  LYS LYS A . n 
A 1 76  ASP 76  64  64  ASP ASP A . n 
A 1 77  TYR 77  65  65  TYR TYR A . n 
A 1 78  PRO 78  66  66  PRO PRO A . n 
A 1 79  LEU 79  67  67  LEU LEU A . n 
A 1 80  ARG 80  68  68  ARG ARG A . n 
A 1 81  PRO 81  69  69  PRO PRO A . n 
A 1 82  PRO 82  70  70  PRO PRO A . n 
A 1 83  LYS 83  71  71  LYS LYS A . n 
A 1 84  MET 84  72  72  MET MET A . n 
A 1 85  LYS 85  73  73  LYS LYS A . n 
A 1 86  PHE 86  74  74  PHE PHE A . n 
A 1 87  ILE 87  75  75  ILE ILE A . n 
A 1 88  THR 88  76  76  THR THR A . n 
A 1 89  GLU 89  77  77  GLU GLU A . n 
A 1 90  ILE 90  78  78  ILE ILE A . n 
A 1 91  TRP 91  79  79  TRP TRP A . n 
A 1 92  HIS 92  80  80  HIS HIS A . n 
A 1 93  PRO 93  81  81  PRO PRO A . n 
A 1 94  ASN 94  82  82  ASN ASN A . n 
A 1 95  VAL 95  83  83  VAL VAL A . n 
A 1 96  ASP 96  84  84  ASP ASP A . n 
A 1 97  LYS 97  85  85  LYS LYS A . n 
A 1 98  ASN 98  86  86  ASN ASN A . n 
A 1 99  GLY 99  87  87  GLY GLY A . n 
A 1 100 ASP 100 88  88  ASP ASP A . n 
A 1 101 VAL 101 89  89  VAL VAL A . n 
A 1 102 CYS 102 90  90  CYS CYS A . n 
A 1 103 ILE 103 91  91  ILE ILE A . n 
A 1 104 SER 104 92  92  SER SER A . n 
A 1 105 ILE 105 93  93  ILE ILE A . n 
A 1 106 LEU 106 94  94  LEU LEU A . n 
A 1 107 HIS 107 95  95  HIS HIS A . n 
A 1 108 GLU 108 96  96  GLU GLU A . n 
A 1 109 PRO 109 97  97  PRO PRO A . n 
A 1 110 GLY 110 98  ?   ?   ?   A . n 
A 1 111 GLU 111 99  ?   ?   ?   A . n 
A 1 112 ASP 112 100 ?   ?   ?   A . n 
A 1 113 LYS 113 101 ?   ?   ?   A . n 
A 1 114 TYR 114 102 ?   ?   ?   A . n 
A 1 115 GLY 115 103 ?   ?   ?   A . n 
A 1 116 TYR 116 104 ?   ?   ?   A . n 
A 1 117 GLU 117 105 ?   ?   ?   A . n 
A 1 118 LYS 118 106 ?   ?   ?   A . n 
A 1 119 PRO 119 107 107 PRO PRO A . n 
A 1 120 GLU 120 108 108 GLU GLU A . n 
A 1 121 GLU 121 109 109 GLU GLU A . n 
A 1 122 ARG 122 110 110 ARG ARG A . n 
A 1 123 TRP 123 111 111 TRP TRP A . n 
A 1 124 LEU 124 112 112 LEU LEU A . n 
A 1 125 PRO 125 113 113 PRO PRO A . n 
A 1 126 ILE 126 114 114 ILE ILE A . n 
A 1 127 HIS 127 115 115 HIS HIS A . n 
A 1 128 THR 128 116 116 THR THR A . n 
A 1 129 VAL 129 117 117 VAL VAL A . n 
A 1 130 GLU 130 118 118 GLU GLU A . n 
A 1 131 THR 131 119 119 THR THR A . n 
A 1 132 ILE 132 120 120 ILE ILE A . n 
A 1 133 MET 133 121 121 MET MET A . n 
A 1 134 ILE 134 122 122 ILE ILE A . n 
A 1 135 SER 135 123 123 SER SER A . n 
A 1 136 VAL 136 124 124 VAL VAL A . n 
A 1 137 ILE 137 125 125 ILE ILE A . n 
A 1 138 SER 138 126 126 SER SER A . n 
A 1 139 MET 139 127 127 MET MET A . n 
A 1 140 LEU 140 128 128 LEU LEU A . n 
A 1 141 ALA 141 129 129 ALA ALA A . n 
A 1 142 ASP 142 130 130 ASP ASP A . n 
A 1 143 PRO 143 131 131 PRO PRO A . n 
A 1 144 ASN 144 132 ?   ?   ?   A . n 
A 1 145 GLY 145 133 ?   ?   ?   A . n 
A 1 146 ASP 146 134 ?   ?   ?   A . n 
A 1 147 SER 147 135 ?   ?   ?   A . n 
A 1 148 PRO 148 136 ?   ?   ?   A . n 
A 1 149 ALA 149 137 ?   ?   ?   A . n 
A 1 150 ASN 150 138 ?   ?   ?   A . n 
A 1 151 VAL 151 139 ?   ?   ?   A . n 
A 1 152 ASP 152 140 ?   ?   ?   A . n 
A 1 153 ALA 153 141 ?   ?   ?   A . n 
A 1 154 ALA 154 142 ?   ?   ?   A . n 
A 1 155 LYS 155 143 ?   ?   ?   A . n 
A 1 156 GLU 156 144 ?   ?   ?   A . n 
A 1 157 TRP 157 145 ?   ?   ?   A . n 
A 1 158 ARG 158 146 ?   ?   ?   A . n 
A 1 159 GLU 159 147 ?   ?   ?   A . n 
A 1 160 ASP 160 148 ?   ?   ?   A . n 
A 1 161 ARG 161 149 ?   ?   ?   A . n 
A 1 162 ASN 162 150 ?   ?   ?   A . n 
A 1 163 GLY 163 151 ?   ?   ?   A . n 
A 1 164 GLU 164 152 ?   ?   ?   A . n 
A 1 165 PHE 165 153 ?   ?   ?   A . n 
A 1 166 LYS 166 154 ?   ?   ?   A . n 
A 1 167 ARG 167 155 ?   ?   ?   A . n 
A 1 168 LYS 168 156 ?   ?   ?   A . n 
A 1 169 VAL 169 157 ?   ?   ?   A . n 
A 1 170 ALA 170 158 ?   ?   ?   A . n 
A 1 171 ARG 171 159 ?   ?   ?   A . n 
A 1 172 CYS 172 160 ?   ?   ?   A . n 
# 
_pdbx_SG_project.id                    1 
_pdbx_SG_project.project_name          ? 
_pdbx_SG_project.full_name_of_center   'Structural Genomics Consortium' 
_pdbx_SG_project.initial_of_center     SGC 
# 
loop_
_pdbx_nonpoly_scheme.asym_id 
_pdbx_nonpoly_scheme.entity_id 
_pdbx_nonpoly_scheme.mon_id 
_pdbx_nonpoly_scheme.ndb_seq_num 
_pdbx_nonpoly_scheme.pdb_seq_num 
_pdbx_nonpoly_scheme.auth_seq_num 
_pdbx_nonpoly_scheme.pdb_mon_id 
_pdbx_nonpoly_scheme.auth_mon_id 
_pdbx_nonpoly_scheme.pdb_strand_id 
_pdbx_nonpoly_scheme.pdb_ins_code 
B 2 HOH 1  161 1  HOH HOH A . 
B 2 HOH 2  162 2  HOH HOH A . 
B 2 HOH 3  163 3  HOH HOH A . 
B 2 HOH 4  164 4  HOH HOH A . 
B 2 HOH 5  165 5  HOH HOH A . 
B 2 HOH 6  166 6  HOH HOH A . 
B 2 HOH 7  167 7  HOH HOH A . 
B 2 HOH 8  168 8  HOH HOH A . 
B 2 HOH 9  169 9  HOH HOH A . 
B 2 HOH 10 170 10 HOH HOH A . 
B 2 HOH 11 171 11 HOH HOH A . 
B 2 HOH 12 172 12 HOH HOH A . 
B 2 HOH 13 173 13 HOH HOH A . 
B 2 HOH 14 174 14 HOH HOH A . 
B 2 HOH 15 175 15 HOH HOH A . 
B 2 HOH 16 176 16 HOH HOH A . 
B 2 HOH 17 177 17 HOH HOH A . 
B 2 HOH 18 178 18 HOH HOH A . 
B 2 HOH 19 179 19 HOH HOH A . 
B 2 HOH 20 180 20 HOH HOH A . 
B 2 HOH 21 181 21 HOH HOH A . 
B 2 HOH 22 182 22 HOH HOH A . 
B 2 HOH 23 183 23 HOH HOH A . 
B 2 HOH 24 184 24 HOH HOH A . 
B 2 HOH 25 185 25 HOH HOH A . 
B 2 HOH 26 186 26 HOH HOH A . 
B 2 HOH 27 187 27 HOH HOH A . 
B 2 HOH 28 188 28 HOH HOH A . 
B 2 HOH 29 189 29 HOH HOH A . 
B 2 HOH 30 190 30 HOH HOH A . 
B 2 HOH 31 191 31 HOH HOH A . 
B 2 HOH 32 192 32 HOH HOH A . 
B 2 HOH 33 193 33 HOH HOH A . 
B 2 HOH 34 194 34 HOH HOH A . 
B 2 HOH 35 195 35 HOH HOH A . 
B 2 HOH 36 196 36 HOH HOH A . 
B 2 HOH 37 197 37 HOH HOH A . 
B 2 HOH 38 198 38 HOH HOH A . 
B 2 HOH 39 199 39 HOH HOH A . 
B 2 HOH 40 200 40 HOH HOH A . 
B 2 HOH 41 201 41 HOH HOH A . 
B 2 HOH 42 202 42 HOH HOH A . 
B 2 HOH 43 203 43 HOH HOH A . 
B 2 HOH 44 204 44 HOH HOH A . 
B 2 HOH 45 205 45 HOH HOH A . 
B 2 HOH 46 206 46 HOH HOH A . 
B 2 HOH 47 207 47 HOH HOH A . 
B 2 HOH 48 208 48 HOH HOH A . 
B 2 HOH 49 209 49 HOH HOH A . 
B 2 HOH 50 210 50 HOH HOH A . 
B 2 HOH 51 211 51 HOH HOH A . 
B 2 HOH 52 212 52 HOH HOH A . 
B 2 HOH 53 213 53 HOH HOH A . 
# 
_pdbx_struct_assembly.id                   1 
_pdbx_struct_assembly.details              author_defined_assembly 
_pdbx_struct_assembly.method_details       ? 
_pdbx_struct_assembly.oligomeric_details   monomeric 
_pdbx_struct_assembly.oligomeric_count     1 
# 
_pdbx_struct_assembly_gen.assembly_id       1 
_pdbx_struct_assembly_gen.oper_expression   1 
_pdbx_struct_assembly_gen.asym_id_list      A,B 
# 
_pdbx_struct_oper_list.id                   1 
_pdbx_struct_oper_list.type                 'identity operation' 
_pdbx_struct_oper_list.name                 1_555 
_pdbx_struct_oper_list.symmetry_operation   x,y,z 
_pdbx_struct_oper_list.matrix[1][1]         1.0000000000 
_pdbx_struct_oper_list.matrix[1][2]         0.0000000000 
_pdbx_struct_oper_list.matrix[1][3]         0.0000000000 
_pdbx_struct_oper_list.vector[1]            0.0000000000 
_pdbx_struct_oper_list.matrix[2][1]         0.0000000000 
_pdbx_struct_oper_list.matrix[2][2]         1.0000000000 
_pdbx_struct_oper_list.matrix[2][3]         0.0000000000 
_pdbx_struct_oper_list.vector[2]            0.0000000000 
_pdbx_struct_oper_list.matrix[3][1]         0.0000000000 
_pdbx_struct_oper_list.matrix[3][2]         0.0000000000 
_pdbx_struct_oper_list.matrix[3][3]         1.0000000000 
_pdbx_struct_oper_list.vector[3]            0.0000000000 
# 
loop_
_pdbx_audit_revision_history.ordinal 
_pdbx_audit_revision_history.data_content_type 
_pdbx_audit_revision_history.major_revision 
_pdbx_audit_revision_history.minor_revision 
_pdbx_audit_revision_history.revision_date 
1 'Structure model' 1 0 2005-09-20 
2 'Structure model' 1 1 2008-05-01 
3 'Structure model' 1 2 2011-07-13 
4 'Structure model' 1 3 2012-11-28 
5 'Structure model' 1 4 2023-08-23 
# 
_pdbx_audit_revision_details.ordinal             1 
_pdbx_audit_revision_details.revision_ordinal    1 
_pdbx_audit_revision_details.data_content_type   'Structure model' 
_pdbx_audit_revision_details.provider            repository 
_pdbx_audit_revision_details.type                'Initial release' 
_pdbx_audit_revision_details.description         ? 
_pdbx_audit_revision_details.details             ? 
# 
loop_
_pdbx_audit_revision_group.ordinal 
_pdbx_audit_revision_group.revision_ordinal 
_pdbx_audit_revision_group.data_content_type 
_pdbx_audit_revision_group.group 
1 2 'Structure model' 'Version format compliance' 
2 3 'Structure model' 'Version format compliance' 
3 4 'Structure model' 'Database references'       
4 5 'Structure model' 'Data collection'           
5 5 'Structure model' 'Database references'       
6 5 'Structure model' 'Refinement description'    
# 
loop_
_pdbx_audit_revision_category.ordinal 
_pdbx_audit_revision_category.revision_ordinal 
_pdbx_audit_revision_category.data_content_type 
_pdbx_audit_revision_category.category 
1 5 'Structure model' chem_comp_atom                
2 5 'Structure model' chem_comp_bond                
3 5 'Structure model' database_2                    
4 5 'Structure model' pdbx_initial_refinement_model 
5 5 'Structure model' struct_ref_seq_dif            
# 
loop_
_pdbx_audit_revision_item.ordinal 
_pdbx_audit_revision_item.revision_ordinal 
_pdbx_audit_revision_item.data_content_type 
_pdbx_audit_revision_item.item 
1 5 'Structure model' '_database_2.pdbx_DOI'                
2 5 'Structure model' '_database_2.pdbx_database_accession' 
3 5 'Structure model' '_struct_ref_seq_dif.details'         
# 
loop_
_software.name 
_software.classification 
_software.version 
_software.citation_id 
_software.pdbx_ordinal 
REFMAC    refinement       5.2.0005 ? 1 
HKL-2000  'data reduction' .        ? 2 
SCALEPACK 'data scaling'   .        ? 3 
PHASER    phasing          .        ? 4 
# 
loop_
_pdbx_validate_torsion.id 
_pdbx_validate_torsion.PDB_model_num 
_pdbx_validate_torsion.auth_comp_id 
_pdbx_validate_torsion.auth_asym_id 
_pdbx_validate_torsion.auth_seq_id 
_pdbx_validate_torsion.PDB_ins_code 
_pdbx_validate_torsion.label_alt_id 
_pdbx_validate_torsion.phi 
_pdbx_validate_torsion.psi 
1 1 LEU A 49  ? ? -38.17  -28.73 
2 1 ASP A 130 ? ? -152.87 82.13  
# 
loop_
_pdbx_unobs_or_zero_occ_residues.id 
_pdbx_unobs_or_zero_occ_residues.PDB_model_num 
_pdbx_unobs_or_zero_occ_residues.polymer_flag 
_pdbx_unobs_or_zero_occ_residues.occupancy_flag 
_pdbx_unobs_or_zero_occ_residues.auth_asym_id 
_pdbx_unobs_or_zero_occ_residues.auth_comp_id 
_pdbx_unobs_or_zero_occ_residues.auth_seq_id 
_pdbx_unobs_or_zero_occ_residues.PDB_ins_code 
_pdbx_unobs_or_zero_occ_residues.label_asym_id 
_pdbx_unobs_or_zero_occ_residues.label_comp_id 
_pdbx_unobs_or_zero_occ_residues.label_seq_id 
1  1 Y 1 A MET -11 ? A MET 1   
2  1 Y 1 A GLY -10 ? A GLY 2   
3  1 Y 1 A SER -9  ? A SER 3   
4  1 Y 1 A SER -8  ? A SER 4   
5  1 Y 1 A HIS -7  ? A HIS 5   
6  1 Y 1 A HIS -6  ? A HIS 6   
7  1 Y 1 A HIS -5  ? A HIS 7   
8  1 Y 1 A HIS -4  ? A HIS 8   
9  1 Y 1 A HIS -3  ? A HIS 9   
10 1 Y 1 A HIS -2  ? A HIS 10  
11 1 Y 1 A SER -1  ? A SER 11  
12 1 Y 1 A SER 0   ? A SER 12  
13 1 Y 1 A GLY 98  ? A GLY 110 
14 1 Y 1 A GLU 99  ? A GLU 111 
15 1 Y 1 A ASP 100 ? A ASP 112 
16 1 Y 1 A LYS 101 ? A LYS 113 
17 1 Y 1 A TYR 102 ? A TYR 114 
18 1 Y 1 A GLY 103 ? A GLY 115 
19 1 Y 1 A TYR 104 ? A TYR 116 
20 1 Y 1 A GLU 105 ? A GLU 117 
21 1 Y 1 A LYS 106 ? A LYS 118 
22 1 Y 1 A ASN 132 ? A ASN 144 
23 1 Y 1 A GLY 133 ? A GLY 145 
24 1 Y 1 A ASP 134 ? A ASP 146 
25 1 Y 1 A SER 135 ? A SER 147 
26 1 Y 1 A PRO 136 ? A PRO 148 
27 1 Y 1 A ALA 137 ? A ALA 149 
28 1 Y 1 A ASN 138 ? A ASN 150 
29 1 Y 1 A VAL 139 ? A VAL 151 
30 1 Y 1 A ASP 140 ? A ASP 152 
31 1 Y 1 A ALA 141 ? A ALA 153 
32 1 Y 1 A ALA 142 ? A ALA 154 
33 1 Y 1 A LYS 143 ? A LYS 155 
34 1 Y 1 A GLU 144 ? A GLU 156 
35 1 Y 1 A TRP 145 ? A TRP 157 
36 1 Y 1 A ARG 146 ? A ARG 158 
37 1 Y 1 A GLU 147 ? A GLU 159 
38 1 Y 1 A ASP 148 ? A ASP 160 
39 1 Y 1 A ARG 149 ? A ARG 161 
40 1 Y 1 A ASN 150 ? A ASN 162 
41 1 Y 1 A GLY 151 ? A GLY 163 
42 1 Y 1 A GLU 152 ? A GLU 164 
43 1 Y 1 A PHE 153 ? A PHE 165 
44 1 Y 1 A LYS 154 ? A LYS 166 
45 1 Y 1 A ARG 155 ? A ARG 167 
46 1 Y 1 A LYS 156 ? A LYS 168 
47 1 Y 1 A VAL 157 ? A VAL 169 
48 1 Y 1 A ALA 158 ? A ALA 170 
49 1 Y 1 A ARG 159 ? A ARG 171 
50 1 Y 1 A CYS 160 ? A CYS 172 
# 
loop_
_chem_comp_atom.comp_id 
_chem_comp_atom.atom_id 
_chem_comp_atom.type_symbol 
_chem_comp_atom.pdbx_aromatic_flag 
_chem_comp_atom.pdbx_stereo_config 
_chem_comp_atom.pdbx_ordinal 
ALA N    N N N 1   
ALA CA   C N S 2   
ALA C    C N N 3   
ALA O    O N N 4   
ALA CB   C N N 5   
ALA OXT  O N N 6   
ALA H    H N N 7   
ALA H2   H N N 8   
ALA HA   H N N 9   
ALA HB1  H N N 10  
ALA HB2  H N N 11  
ALA HB3  H N N 12  
ALA HXT  H N N 13  
ARG N    N N N 14  
ARG CA   C N S 15  
ARG C    C N N 16  
ARG O    O N N 17  
ARG CB   C N N 18  
ARG CG   C N N 19  
ARG CD   C N N 20  
ARG NE   N N N 21  
ARG CZ   C N N 22  
ARG NH1  N N N 23  
ARG NH2  N N N 24  
ARG OXT  O N N 25  
ARG H    H N N 26  
ARG H2   H N N 27  
ARG HA   H N N 28  
ARG HB2  H N N 29  
ARG HB3  H N N 30  
ARG HG2  H N N 31  
ARG HG3  H N N 32  
ARG HD2  H N N 33  
ARG HD3  H N N 34  
ARG HE   H N N 35  
ARG HH11 H N N 36  
ARG HH12 H N N 37  
ARG HH21 H N N 38  
ARG HH22 H N N 39  
ARG HXT  H N N 40  
ASN N    N N N 41  
ASN CA   C N S 42  
ASN C    C N N 43  
ASN O    O N N 44  
ASN CB   C N N 45  
ASN CG   C N N 46  
ASN OD1  O N N 47  
ASN ND2  N N N 48  
ASN OXT  O N N 49  
ASN H    H N N 50  
ASN H2   H N N 51  
ASN HA   H N N 52  
ASN HB2  H N N 53  
ASN HB3  H N N 54  
ASN HD21 H N N 55  
ASN HD22 H N N 56  
ASN HXT  H N N 57  
ASP N    N N N 58  
ASP CA   C N S 59  
ASP C    C N N 60  
ASP O    O N N 61  
ASP CB   C N N 62  
ASP CG   C N N 63  
ASP OD1  O N N 64  
ASP OD2  O N N 65  
ASP OXT  O N N 66  
ASP H    H N N 67  
ASP H2   H N N 68  
ASP HA   H N N 69  
ASP HB2  H N N 70  
ASP HB3  H N N 71  
ASP HD2  H N N 72  
ASP HXT  H N N 73  
CYS N    N N N 74  
CYS CA   C N R 75  
CYS C    C N N 76  
CYS O    O N N 77  
CYS CB   C N N 78  
CYS SG   S N N 79  
CYS OXT  O N N 80  
CYS H    H N N 81  
CYS H2   H N N 82  
CYS HA   H N N 83  
CYS HB2  H N N 84  
CYS HB3  H N N 85  
CYS HG   H N N 86  
CYS HXT  H N N 87  
GLN N    N N N 88  
GLN CA   C N S 89  
GLN C    C N N 90  
GLN O    O N N 91  
GLN CB   C N N 92  
GLN CG   C N N 93  
GLN CD   C N N 94  
GLN OE1  O N N 95  
GLN NE2  N N N 96  
GLN OXT  O N N 97  
GLN H    H N N 98  
GLN H2   H N N 99  
GLN HA   H N N 100 
GLN HB2  H N N 101 
GLN HB3  H N N 102 
GLN HG2  H N N 103 
GLN HG3  H N N 104 
GLN HE21 H N N 105 
GLN HE22 H N N 106 
GLN HXT  H N N 107 
GLU N    N N N 108 
GLU CA   C N S 109 
GLU C    C N N 110 
GLU O    O N N 111 
GLU CB   C N N 112 
GLU CG   C N N 113 
GLU CD   C N N 114 
GLU OE1  O N N 115 
GLU OE2  O N N 116 
GLU OXT  O N N 117 
GLU H    H N N 118 
GLU H2   H N N 119 
GLU HA   H N N 120 
GLU HB2  H N N 121 
GLU HB3  H N N 122 
GLU HG2  H N N 123 
GLU HG3  H N N 124 
GLU HE2  H N N 125 
GLU HXT  H N N 126 
GLY N    N N N 127 
GLY CA   C N N 128 
GLY C    C N N 129 
GLY O    O N N 130 
GLY OXT  O N N 131 
GLY H    H N N 132 
GLY H2   H N N 133 
GLY HA2  H N N 134 
GLY HA3  H N N 135 
GLY HXT  H N N 136 
HIS N    N N N 137 
HIS CA   C N S 138 
HIS C    C N N 139 
HIS O    O N N 140 
HIS CB   C N N 141 
HIS CG   C Y N 142 
HIS ND1  N Y N 143 
HIS CD2  C Y N 144 
HIS CE1  C Y N 145 
HIS NE2  N Y N 146 
HIS OXT  O N N 147 
HIS H    H N N 148 
HIS H2   H N N 149 
HIS HA   H N N 150 
HIS HB2  H N N 151 
HIS HB3  H N N 152 
HIS HD1  H N N 153 
HIS HD2  H N N 154 
HIS HE1  H N N 155 
HIS HE2  H N N 156 
HIS HXT  H N N 157 
HOH O    O N N 158 
HOH H1   H N N 159 
HOH H2   H N N 160 
ILE N    N N N 161 
ILE CA   C N S 162 
ILE C    C N N 163 
ILE O    O N N 164 
ILE CB   C N S 165 
ILE CG1  C N N 166 
ILE CG2  C N N 167 
ILE CD1  C N N 168 
ILE OXT  O N N 169 
ILE H    H N N 170 
ILE H2   H N N 171 
ILE HA   H N N 172 
ILE HB   H N N 173 
ILE HG12 H N N 174 
ILE HG13 H N N 175 
ILE HG21 H N N 176 
ILE HG22 H N N 177 
ILE HG23 H N N 178 
ILE HD11 H N N 179 
ILE HD12 H N N 180 
ILE HD13 H N N 181 
ILE HXT  H N N 182 
LEU N    N N N 183 
LEU CA   C N S 184 
LEU C    C N N 185 
LEU O    O N N 186 
LEU CB   C N N 187 
LEU CG   C N N 188 
LEU CD1  C N N 189 
LEU CD2  C N N 190 
LEU OXT  O N N 191 
LEU H    H N N 192 
LEU H2   H N N 193 
LEU HA   H N N 194 
LEU HB2  H N N 195 
LEU HB3  H N N 196 
LEU HG   H N N 197 
LEU HD11 H N N 198 
LEU HD12 H N N 199 
LEU HD13 H N N 200 
LEU HD21 H N N 201 
LEU HD22 H N N 202 
LEU HD23 H N N 203 
LEU HXT  H N N 204 
LYS N    N N N 205 
LYS CA   C N S 206 
LYS C    C N N 207 
LYS O    O N N 208 
LYS CB   C N N 209 
LYS CG   C N N 210 
LYS CD   C N N 211 
LYS CE   C N N 212 
LYS NZ   N N N 213 
LYS OXT  O N N 214 
LYS H    H N N 215 
LYS H2   H N N 216 
LYS HA   H N N 217 
LYS HB2  H N N 218 
LYS HB3  H N N 219 
LYS HG2  H N N 220 
LYS HG3  H N N 221 
LYS HD2  H N N 222 
LYS HD3  H N N 223 
LYS HE2  H N N 224 
LYS HE3  H N N 225 
LYS HZ1  H N N 226 
LYS HZ2  H N N 227 
LYS HZ3  H N N 228 
LYS HXT  H N N 229 
MET N    N N N 230 
MET CA   C N S 231 
MET C    C N N 232 
MET O    O N N 233 
MET CB   C N N 234 
MET CG   C N N 235 
MET SD   S N N 236 
MET CE   C N N 237 
MET OXT  O N N 238 
MET H    H N N 239 
MET H2   H N N 240 
MET HA   H N N 241 
MET HB2  H N N 242 
MET HB3  H N N 243 
MET HG2  H N N 244 
MET HG3  H N N 245 
MET HE1  H N N 246 
MET HE2  H N N 247 
MET HE3  H N N 248 
MET HXT  H N N 249 
PHE N    N N N 250 
PHE CA   C N S 251 
PHE C    C N N 252 
PHE O    O N N 253 
PHE CB   C N N 254 
PHE CG   C Y N 255 
PHE CD1  C Y N 256 
PHE CD2  C Y N 257 
PHE CE1  C Y N 258 
PHE CE2  C Y N 259 
PHE CZ   C Y N 260 
PHE OXT  O N N 261 
PHE H    H N N 262 
PHE H2   H N N 263 
PHE HA   H N N 264 
PHE HB2  H N N 265 
PHE HB3  H N N 266 
PHE HD1  H N N 267 
PHE HD2  H N N 268 
PHE HE1  H N N 269 
PHE HE2  H N N 270 
PHE HZ   H N N 271 
PHE HXT  H N N 272 
PRO N    N N N 273 
PRO CA   C N S 274 
PRO C    C N N 275 
PRO O    O N N 276 
PRO CB   C N N 277 
PRO CG   C N N 278 
PRO CD   C N N 279 
PRO OXT  O N N 280 
PRO H    H N N 281 
PRO HA   H N N 282 
PRO HB2  H N N 283 
PRO HB3  H N N 284 
PRO HG2  H N N 285 
PRO HG3  H N N 286 
PRO HD2  H N N 287 
PRO HD3  H N N 288 
PRO HXT  H N N 289 
SER N    N N N 290 
SER CA   C N S 291 
SER C    C N N 292 
SER O    O N N 293 
SER CB   C N N 294 
SER OG   O N N 295 
SER OXT  O N N 296 
SER H    H N N 297 
SER H2   H N N 298 
SER HA   H N N 299 
SER HB2  H N N 300 
SER HB3  H N N 301 
SER HG   H N N 302 
SER HXT  H N N 303 
THR N    N N N 304 
THR CA   C N S 305 
THR C    C N N 306 
THR O    O N N 307 
THR CB   C N R 308 
THR OG1  O N N 309 
THR CG2  C N N 310 
THR OXT  O N N 311 
THR H    H N N 312 
THR H2   H N N 313 
THR HA   H N N 314 
THR HB   H N N 315 
THR HG1  H N N 316 
THR HG21 H N N 317 
THR HG22 H N N 318 
THR HG23 H N N 319 
THR HXT  H N N 320 
TRP N    N N N 321 
TRP CA   C N S 322 
TRP C    C N N 323 
TRP O    O N N 324 
TRP CB   C N N 325 
TRP CG   C Y N 326 
TRP CD1  C Y N 327 
TRP CD2  C Y N 328 
TRP NE1  N Y N 329 
TRP CE2  C Y N 330 
TRP CE3  C Y N 331 
TRP CZ2  C Y N 332 
TRP CZ3  C Y N 333 
TRP CH2  C Y N 334 
TRP OXT  O N N 335 
TRP H    H N N 336 
TRP H2   H N N 337 
TRP HA   H N N 338 
TRP HB2  H N N 339 
TRP HB3  H N N 340 
TRP HD1  H N N 341 
TRP HE1  H N N 342 
TRP HE3  H N N 343 
TRP HZ2  H N N 344 
TRP HZ3  H N N 345 
TRP HH2  H N N 346 
TRP HXT  H N N 347 
TYR N    N N N 348 
TYR CA   C N S 349 
TYR C    C N N 350 
TYR O    O N N 351 
TYR CB   C N N 352 
TYR CG   C Y N 353 
TYR CD1  C Y N 354 
TYR CD2  C Y N 355 
TYR CE1  C Y N 356 
TYR CE2  C Y N 357 
TYR CZ   C Y N 358 
TYR OH   O N N 359 
TYR OXT  O N N 360 
TYR H    H N N 361 
TYR H2   H N N 362 
TYR HA   H N N 363 
TYR HB2  H N N 364 
TYR HB3  H N N 365 
TYR HD1  H N N 366 
TYR HD2  H N N 367 
TYR HE1  H N N 368 
TYR HE2  H N N 369 
TYR HH   H N N 370 
TYR HXT  H N N 371 
VAL N    N N N 372 
VAL CA   C N S 373 
VAL C    C N N 374 
VAL O    O N N 375 
VAL CB   C N N 376 
VAL CG1  C N N 377 
VAL CG2  C N N 378 
VAL OXT  O N N 379 
VAL H    H N N 380 
VAL H2   H N N 381 
VAL HA   H N N 382 
VAL HB   H N N 383 
VAL HG11 H N N 384 
VAL HG12 H N N 385 
VAL HG13 H N N 386 
VAL HG21 H N N 387 
VAL HG22 H N N 388 
VAL HG23 H N N 389 
VAL HXT  H N N 390 
# 
loop_
_chem_comp_bond.comp_id 
_chem_comp_bond.atom_id_1 
_chem_comp_bond.atom_id_2 
_chem_comp_bond.value_order 
_chem_comp_bond.pdbx_aromatic_flag 
_chem_comp_bond.pdbx_stereo_config 
_chem_comp_bond.pdbx_ordinal 
ALA N   CA   sing N N 1   
ALA N   H    sing N N 2   
ALA N   H2   sing N N 3   
ALA CA  C    sing N N 4   
ALA CA  CB   sing N N 5   
ALA CA  HA   sing N N 6   
ALA C   O    doub N N 7   
ALA C   OXT  sing N N 8   
ALA CB  HB1  sing N N 9   
ALA CB  HB2  sing N N 10  
ALA CB  HB3  sing N N 11  
ALA OXT HXT  sing N N 12  
ARG N   CA   sing N N 13  
ARG N   H    sing N N 14  
ARG N   H2   sing N N 15  
ARG CA  C    sing N N 16  
ARG CA  CB   sing N N 17  
ARG CA  HA   sing N N 18  
ARG C   O    doub N N 19  
ARG C   OXT  sing N N 20  
ARG CB  CG   sing N N 21  
ARG CB  HB2  sing N N 22  
ARG CB  HB3  sing N N 23  
ARG CG  CD   sing N N 24  
ARG CG  HG2  sing N N 25  
ARG CG  HG3  sing N N 26  
ARG CD  NE   sing N N 27  
ARG CD  HD2  sing N N 28  
ARG CD  HD3  sing N N 29  
ARG NE  CZ   sing N N 30  
ARG NE  HE   sing N N 31  
ARG CZ  NH1  sing N N 32  
ARG CZ  NH2  doub N N 33  
ARG NH1 HH11 sing N N 34  
ARG NH1 HH12 sing N N 35  
ARG NH2 HH21 sing N N 36  
ARG NH2 HH22 sing N N 37  
ARG OXT HXT  sing N N 38  
ASN N   CA   sing N N 39  
ASN N   H    sing N N 40  
ASN N   H2   sing N N 41  
ASN CA  C    sing N N 42  
ASN CA  CB   sing N N 43  
ASN CA  HA   sing N N 44  
ASN C   O    doub N N 45  
ASN C   OXT  sing N N 46  
ASN CB  CG   sing N N 47  
ASN CB  HB2  sing N N 48  
ASN CB  HB3  sing N N 49  
ASN CG  OD1  doub N N 50  
ASN CG  ND2  sing N N 51  
ASN ND2 HD21 sing N N 52  
ASN ND2 HD22 sing N N 53  
ASN OXT HXT  sing N N 54  
ASP N   CA   sing N N 55  
ASP N   H    sing N N 56  
ASP N   H2   sing N N 57  
ASP CA  C    sing N N 58  
ASP CA  CB   sing N N 59  
ASP CA  HA   sing N N 60  
ASP C   O    doub N N 61  
ASP C   OXT  sing N N 62  
ASP CB  CG   sing N N 63  
ASP CB  HB2  sing N N 64  
ASP CB  HB3  sing N N 65  
ASP CG  OD1  doub N N 66  
ASP CG  OD2  sing N N 67  
ASP OD2 HD2  sing N N 68  
ASP OXT HXT  sing N N 69  
CYS N   CA   sing N N 70  
CYS N   H    sing N N 71  
CYS N   H2   sing N N 72  
CYS CA  C    sing N N 73  
CYS CA  CB   sing N N 74  
CYS CA  HA   sing N N 75  
CYS C   O    doub N N 76  
CYS C   OXT  sing N N 77  
CYS CB  SG   sing N N 78  
CYS CB  HB2  sing N N 79  
CYS CB  HB3  sing N N 80  
CYS SG  HG   sing N N 81  
CYS OXT HXT  sing N N 82  
GLN N   CA   sing N N 83  
GLN N   H    sing N N 84  
GLN N   H2   sing N N 85  
GLN CA  C    sing N N 86  
GLN CA  CB   sing N N 87  
GLN CA  HA   sing N N 88  
GLN C   O    doub N N 89  
GLN C   OXT  sing N N 90  
GLN CB  CG   sing N N 91  
GLN CB  HB2  sing N N 92  
GLN CB  HB3  sing N N 93  
GLN CG  CD   sing N N 94  
GLN CG  HG2  sing N N 95  
GLN CG  HG3  sing N N 96  
GLN CD  OE1  doub N N 97  
GLN CD  NE2  sing N N 98  
GLN NE2 HE21 sing N N 99  
GLN NE2 HE22 sing N N 100 
GLN OXT HXT  sing N N 101 
GLU N   CA   sing N N 102 
GLU N   H    sing N N 103 
GLU N   H2   sing N N 104 
GLU CA  C    sing N N 105 
GLU CA  CB   sing N N 106 
GLU CA  HA   sing N N 107 
GLU C   O    doub N N 108 
GLU C   OXT  sing N N 109 
GLU CB  CG   sing N N 110 
GLU CB  HB2  sing N N 111 
GLU CB  HB3  sing N N 112 
GLU CG  CD   sing N N 113 
GLU CG  HG2  sing N N 114 
GLU CG  HG3  sing N N 115 
GLU CD  OE1  doub N N 116 
GLU CD  OE2  sing N N 117 
GLU OE2 HE2  sing N N 118 
GLU OXT HXT  sing N N 119 
GLY N   CA   sing N N 120 
GLY N   H    sing N N 121 
GLY N   H2   sing N N 122 
GLY CA  C    sing N N 123 
GLY CA  HA2  sing N N 124 
GLY CA  HA3  sing N N 125 
GLY C   O    doub N N 126 
GLY C   OXT  sing N N 127 
GLY OXT HXT  sing N N 128 
HIS N   CA   sing N N 129 
HIS N   H    sing N N 130 
HIS N   H2   sing N N 131 
HIS CA  C    sing N N 132 
HIS CA  CB   sing N N 133 
HIS CA  HA   sing N N 134 
HIS C   O    doub N N 135 
HIS C   OXT  sing N N 136 
HIS CB  CG   sing N N 137 
HIS CB  HB2  sing N N 138 
HIS CB  HB3  sing N N 139 
HIS CG  ND1  sing Y N 140 
HIS CG  CD2  doub Y N 141 
HIS ND1 CE1  doub Y N 142 
HIS ND1 HD1  sing N N 143 
HIS CD2 NE2  sing Y N 144 
HIS CD2 HD2  sing N N 145 
HIS CE1 NE2  sing Y N 146 
HIS CE1 HE1  sing N N 147 
HIS NE2 HE2  sing N N 148 
HIS OXT HXT  sing N N 149 
HOH O   H1   sing N N 150 
HOH O   H2   sing N N 151 
ILE N   CA   sing N N 152 
ILE N   H    sing N N 153 
ILE N   H2   sing N N 154 
ILE CA  C    sing N N 155 
ILE CA  CB   sing N N 156 
ILE CA  HA   sing N N 157 
ILE C   O    doub N N 158 
ILE C   OXT  sing N N 159 
ILE CB  CG1  sing N N 160 
ILE CB  CG2  sing N N 161 
ILE CB  HB   sing N N 162 
ILE CG1 CD1  sing N N 163 
ILE CG1 HG12 sing N N 164 
ILE CG1 HG13 sing N N 165 
ILE CG2 HG21 sing N N 166 
ILE CG2 HG22 sing N N 167 
ILE CG2 HG23 sing N N 168 
ILE CD1 HD11 sing N N 169 
ILE CD1 HD12 sing N N 170 
ILE CD1 HD13 sing N N 171 
ILE OXT HXT  sing N N 172 
LEU N   CA   sing N N 173 
LEU N   H    sing N N 174 
LEU N   H2   sing N N 175 
LEU CA  C    sing N N 176 
LEU CA  CB   sing N N 177 
LEU CA  HA   sing N N 178 
LEU C   O    doub N N 179 
LEU C   OXT  sing N N 180 
LEU CB  CG   sing N N 181 
LEU CB  HB2  sing N N 182 
LEU CB  HB3  sing N N 183 
LEU CG  CD1  sing N N 184 
LEU CG  CD2  sing N N 185 
LEU CG  HG   sing N N 186 
LEU CD1 HD11 sing N N 187 
LEU CD1 HD12 sing N N 188 
LEU CD1 HD13 sing N N 189 
LEU CD2 HD21 sing N N 190 
LEU CD2 HD22 sing N N 191 
LEU CD2 HD23 sing N N 192 
LEU OXT HXT  sing N N 193 
LYS N   CA   sing N N 194 
LYS N   H    sing N N 195 
LYS N   H2   sing N N 196 
LYS CA  C    sing N N 197 
LYS CA  CB   sing N N 198 
LYS CA  HA   sing N N 199 
LYS C   O    doub N N 200 
LYS C   OXT  sing N N 201 
LYS CB  CG   sing N N 202 
LYS CB  HB2  sing N N 203 
LYS CB  HB3  sing N N 204 
LYS CG  CD   sing N N 205 
LYS CG  HG2  sing N N 206 
LYS CG  HG3  sing N N 207 
LYS CD  CE   sing N N 208 
LYS CD  HD2  sing N N 209 
LYS CD  HD3  sing N N 210 
LYS CE  NZ   sing N N 211 
LYS CE  HE2  sing N N 212 
LYS CE  HE3  sing N N 213 
LYS NZ  HZ1  sing N N 214 
LYS NZ  HZ2  sing N N 215 
LYS NZ  HZ3  sing N N 216 
LYS OXT HXT  sing N N 217 
MET N   CA   sing N N 218 
MET N   H    sing N N 219 
MET N   H2   sing N N 220 
MET CA  C    sing N N 221 
MET CA  CB   sing N N 222 
MET CA  HA   sing N N 223 
MET C   O    doub N N 224 
MET C   OXT  sing N N 225 
MET CB  CG   sing N N 226 
MET CB  HB2  sing N N 227 
MET CB  HB3  sing N N 228 
MET CG  SD   sing N N 229 
MET CG  HG2  sing N N 230 
MET CG  HG3  sing N N 231 
MET SD  CE   sing N N 232 
MET CE  HE1  sing N N 233 
MET CE  HE2  sing N N 234 
MET CE  HE3  sing N N 235 
MET OXT HXT  sing N N 236 
PHE N   CA   sing N N 237 
PHE N   H    sing N N 238 
PHE N   H2   sing N N 239 
PHE CA  C    sing N N 240 
PHE CA  CB   sing N N 241 
PHE CA  HA   sing N N 242 
PHE C   O    doub N N 243 
PHE C   OXT  sing N N 244 
PHE CB  CG   sing N N 245 
PHE CB  HB2  sing N N 246 
PHE CB  HB3  sing N N 247 
PHE CG  CD1  doub Y N 248 
PHE CG  CD2  sing Y N 249 
PHE CD1 CE1  sing Y N 250 
PHE CD1 HD1  sing N N 251 
PHE CD2 CE2  doub Y N 252 
PHE CD2 HD2  sing N N 253 
PHE CE1 CZ   doub Y N 254 
PHE CE1 HE1  sing N N 255 
PHE CE2 CZ   sing Y N 256 
PHE CE2 HE2  sing N N 257 
PHE CZ  HZ   sing N N 258 
PHE OXT HXT  sing N N 259 
PRO N   CA   sing N N 260 
PRO N   CD   sing N N 261 
PRO N   H    sing N N 262 
PRO CA  C    sing N N 263 
PRO CA  CB   sing N N 264 
PRO CA  HA   sing N N 265 
PRO C   O    doub N N 266 
PRO C   OXT  sing N N 267 
PRO CB  CG   sing N N 268 
PRO CB  HB2  sing N N 269 
PRO CB  HB3  sing N N 270 
PRO CG  CD   sing N N 271 
PRO CG  HG2  sing N N 272 
PRO CG  HG3  sing N N 273 
PRO CD  HD2  sing N N 274 
PRO CD  HD3  sing N N 275 
PRO OXT HXT  sing N N 276 
SER N   CA   sing N N 277 
SER N   H    sing N N 278 
SER N   H2   sing N N 279 
SER CA  C    sing N N 280 
SER CA  CB   sing N N 281 
SER CA  HA   sing N N 282 
SER C   O    doub N N 283 
SER C   OXT  sing N N 284 
SER CB  OG   sing N N 285 
SER CB  HB2  sing N N 286 
SER CB  HB3  sing N N 287 
SER OG  HG   sing N N 288 
SER OXT HXT  sing N N 289 
THR N   CA   sing N N 290 
THR N   H    sing N N 291 
THR N   H2   sing N N 292 
THR CA  C    sing N N 293 
THR CA  CB   sing N N 294 
THR CA  HA   sing N N 295 
THR C   O    doub N N 296 
THR C   OXT  sing N N 297 
THR CB  OG1  sing N N 298 
THR CB  CG2  sing N N 299 
THR CB  HB   sing N N 300 
THR OG1 HG1  sing N N 301 
THR CG2 HG21 sing N N 302 
THR CG2 HG22 sing N N 303 
THR CG2 HG23 sing N N 304 
THR OXT HXT  sing N N 305 
TRP N   CA   sing N N 306 
TRP N   H    sing N N 307 
TRP N   H2   sing N N 308 
TRP CA  C    sing N N 309 
TRP CA  CB   sing N N 310 
TRP CA  HA   sing N N 311 
TRP C   O    doub N N 312 
TRP C   OXT  sing N N 313 
TRP CB  CG   sing N N 314 
TRP CB  HB2  sing N N 315 
TRP CB  HB3  sing N N 316 
TRP CG  CD1  doub Y N 317 
TRP CG  CD2  sing Y N 318 
TRP CD1 NE1  sing Y N 319 
TRP CD1 HD1  sing N N 320 
TRP CD2 CE2  doub Y N 321 
TRP CD2 CE3  sing Y N 322 
TRP NE1 CE2  sing Y N 323 
TRP NE1 HE1  sing N N 324 
TRP CE2 CZ2  sing Y N 325 
TRP CE3 CZ3  doub Y N 326 
TRP CE3 HE3  sing N N 327 
TRP CZ2 CH2  doub Y N 328 
TRP CZ2 HZ2  sing N N 329 
TRP CZ3 CH2  sing Y N 330 
TRP CZ3 HZ3  sing N N 331 
TRP CH2 HH2  sing N N 332 
TRP OXT HXT  sing N N 333 
TYR N   CA   sing N N 334 
TYR N   H    sing N N 335 
TYR N   H2   sing N N 336 
TYR CA  C    sing N N 337 
TYR CA  CB   sing N N 338 
TYR CA  HA   sing N N 339 
TYR C   O    doub N N 340 
TYR C   OXT  sing N N 341 
TYR CB  CG   sing N N 342 
TYR CB  HB2  sing N N 343 
TYR CB  HB3  sing N N 344 
TYR CG  CD1  doub Y N 345 
TYR CG  CD2  sing Y N 346 
TYR CD1 CE1  sing Y N 347 
TYR CD1 HD1  sing N N 348 
TYR CD2 CE2  doub Y N 349 
TYR CD2 HD2  sing N N 350 
TYR CE1 CZ   doub Y N 351 
TYR CE1 HE1  sing N N 352 
TYR CE2 CZ   sing Y N 353 
TYR CE2 HE2  sing N N 354 
TYR CZ  OH   sing N N 355 
TYR OH  HH   sing N N 356 
TYR OXT HXT  sing N N 357 
VAL N   CA   sing N N 358 
VAL N   H    sing N N 359 
VAL N   H2   sing N N 360 
VAL CA  C    sing N N 361 
VAL CA  CB   sing N N 362 
VAL CA  HA   sing N N 363 
VAL C   O    doub N N 364 
VAL C   OXT  sing N N 365 
VAL CB  CG1  sing N N 366 
VAL CB  CG2  sing N N 367 
VAL CB  HB   sing N N 368 
VAL CG1 HG11 sing N N 369 
VAL CG1 HG12 sing N N 370 
VAL CG1 HG13 sing N N 371 
VAL CG2 HG21 sing N N 372 
VAL CG2 HG22 sing N N 373 
VAL CG2 HG23 sing N N 374 
VAL OXT HXT  sing N N 375 
# 
_pdbx_entity_nonpoly.entity_id   2 
_pdbx_entity_nonpoly.name        water 
_pdbx_entity_nonpoly.comp_id     HOH 
# 
_pdbx_initial_refinement_model.id               1 
_pdbx_initial_refinement_model.entity_id_list   ? 
_pdbx_initial_refinement_model.type             'experimental model' 
_pdbx_initial_refinement_model.source_name      PDB 
_pdbx_initial_refinement_model.accession_code   1PZV 
_pdbx_initial_refinement_model.details          'PDB ENTRY 1PZV' 
# 
